data_2N1B
#
_entry.id   2N1B
#
_cell.length_a   1.000
_cell.length_b   1.000
_cell.length_c   1.000
_cell.angle_alpha   90.00
_cell.angle_beta   90.00
_cell.angle_gamma   90.00
#
_symmetry.space_group_name_H-M   'P 1'
#
_entity_poly.entity_id   1
_entity_poly.type   'polypeptide(L)'
_entity_poly.pdbx_seq_one_letter_code
;MRGSHHHHHHGMASMTGGQQMGRDLYDDDDKDPSSRSAAGTMAAQGEPQVQFKLVLVGDGGTGKTTFVKRHLTGEFEKKY
VATLGVEVHPLVFHTNRGPIKFNVWDTAGQEKFGGLRDGYYIQAQCAIIMFDVTSRVTYKNVPNWHRDLVRVCENIPIVL
CGNKVDIKDRKVKAKSIVFHRKKNLQYYDISAKSNYNFEKPFLWLARKLIGDPNLEFVAMPALAPPEVVMDPALAAQYEH
DLEVAQTTALPDEDDDLEFEA
;
_entity_poly.pdbx_strand_id   A
#
# COMPACT_ATOMS: atom_id res chain seq x y z
N MET A 42 -6.21 8.46 -20.08
CA MET A 42 -6.76 7.15 -19.68
C MET A 42 -8.05 6.87 -20.44
N ALA A 43 -9.02 7.77 -20.33
CA ALA A 43 -10.26 7.65 -21.08
C ALA A 43 -9.99 7.68 -22.58
N ALA A 44 -9.10 8.57 -23.00
CA ALA A 44 -8.68 8.62 -24.40
C ALA A 44 -7.82 7.41 -24.74
N GLN A 45 -7.86 6.99 -26.00
CA GLN A 45 -7.15 5.77 -26.40
C GLN A 45 -6.08 6.08 -27.45
N GLY A 46 -5.05 5.24 -27.50
CA GLY A 46 -3.91 5.52 -28.35
C GLY A 46 -2.85 6.31 -27.59
N GLU A 47 -3.13 6.62 -26.34
CA GLU A 47 -2.15 7.27 -25.47
C GLU A 47 -1.07 6.27 -25.06
N PRO A 48 0.16 6.73 -24.82
CA PRO A 48 1.22 5.84 -24.38
C PRO A 48 0.87 5.21 -23.04
N GLN A 49 1.39 4.03 -22.74
CA GLN A 49 0.98 3.33 -21.53
C GLN A 49 1.10 4.26 -20.33
N VAL A 50 0.07 4.27 -19.48
CA VAL A 50 0.01 5.23 -18.38
C VAL A 50 0.87 4.74 -17.22
N GLN A 51 1.81 5.58 -16.80
CA GLN A 51 2.67 5.27 -15.67
C GLN A 51 2.36 6.20 -14.50
N PHE A 52 2.20 5.64 -13.31
CA PHE A 52 2.05 6.44 -12.10
C PHE A 52 3.24 6.22 -11.18
N LYS A 53 3.87 7.30 -10.74
CA LYS A 53 4.96 7.18 -9.78
C LYS A 53 4.40 6.86 -8.40
N LEU A 54 4.71 5.65 -7.92
CA LEU A 54 4.17 5.18 -6.65
C LEU A 54 5.23 5.27 -5.55
N VAL A 55 4.87 5.95 -4.46
CA VAL A 55 5.74 6.05 -3.31
C VAL A 55 5.22 5.15 -2.20
N LEU A 56 6.07 4.20 -1.77
CA LEU A 56 5.71 3.29 -0.69
C LEU A 56 6.44 3.70 0.59
N VAL A 57 5.69 3.91 1.66
CA VAL A 57 6.28 4.41 2.89
C VAL A 57 5.93 3.52 4.07
N GLY A 58 6.89 3.30 4.96
CA GLY A 58 6.68 2.45 6.11
C GLY A 58 7.92 2.36 6.99
N ASP A 59 7.90 1.50 7.99
CA ASP A 59 9.08 1.25 8.82
C ASP A 59 9.75 -0.06 8.42
N GLY A 60 10.98 -0.26 8.86
CA GLY A 60 11.63 -1.55 8.64
C GLY A 60 10.91 -2.65 9.39
N GLY A 61 10.75 -3.81 8.77
CA GLY A 61 9.98 -4.88 9.37
C GLY A 61 8.51 -4.86 9.02
N THR A 62 8.08 -3.91 8.17
CA THR A 62 6.72 -3.92 7.67
C THR A 62 6.54 -4.96 6.57
N GLY A 63 7.63 -5.32 5.89
CA GLY A 63 7.54 -6.22 4.75
C GLY A 63 7.23 -5.49 3.46
N LYS A 64 7.36 -4.16 3.49
CA LYS A 64 7.00 -3.33 2.33
C LYS A 64 7.80 -3.74 1.10
N THR A 65 9.10 -3.97 1.29
CA THR A 65 9.95 -4.42 0.19
C THR A 65 9.52 -5.80 -0.30
N THR A 66 9.14 -6.67 0.63
CA THR A 66 8.65 -7.99 0.26
C THR A 66 7.44 -7.86 -0.66
N PHE A 67 6.59 -6.88 -0.38
CA PHE A 67 5.40 -6.67 -1.19
C PHE A 67 5.84 -6.46 -2.64
N VAL A 68 6.85 -5.64 -2.82
CA VAL A 68 7.39 -5.36 -4.15
C VAL A 68 7.98 -6.63 -4.74
N LYS A 69 8.68 -7.40 -3.92
CA LYS A 69 9.37 -8.59 -4.38
C LYS A 69 8.38 -9.57 -5.02
N ARG A 70 7.14 -9.54 -4.56
CA ARG A 70 6.11 -10.42 -5.09
C ARG A 70 5.91 -10.22 -6.60
N HIS A 71 6.01 -8.98 -7.06
CA HIS A 71 5.71 -8.69 -8.45
C HIS A 71 6.90 -9.01 -9.35
N LEU A 72 6.78 -10.08 -10.14
CA LEU A 72 7.91 -10.58 -10.92
C LEU A 72 8.42 -9.52 -11.90
N THR A 73 7.51 -8.85 -12.59
CA THR A 73 7.91 -7.86 -13.59
C THR A 73 8.72 -6.76 -12.93
N GLY A 74 8.30 -6.33 -11.75
CA GLY A 74 9.04 -5.31 -11.02
C GLY A 74 10.46 -5.74 -10.70
N GLU A 75 10.64 -7.03 -10.40
CA GLU A 75 11.97 -7.58 -10.20
C GLU A 75 12.75 -7.58 -11.51
N PHE A 76 12.09 -8.04 -12.58
CA PHE A 76 12.75 -8.22 -13.87
C PHE A 76 13.21 -6.87 -14.42
N GLU A 77 12.37 -5.86 -14.29
CA GLU A 77 12.67 -4.54 -14.83
C GLU A 77 13.28 -3.63 -13.79
N LYS A 78 13.80 -4.20 -12.70
CA LYS A 78 14.33 -3.39 -11.61
C LYS A 78 15.35 -2.37 -12.12
N LYS A 79 15.16 -1.13 -11.70
CA LYS A 79 16.11 -0.06 -11.99
C LYS A 79 16.52 0.63 -10.68
N TYR A 80 17.65 1.32 -10.69
CA TYR A 80 18.08 2.05 -9.50
C TYR A 80 18.44 3.49 -9.83
N VAL A 81 18.05 4.41 -8.96
CA VAL A 81 18.45 5.81 -9.11
C VAL A 81 19.45 6.17 -8.02
N ALA A 82 20.70 6.44 -8.43
CA ALA A 82 21.76 6.76 -7.48
C ALA A 82 21.49 8.11 -6.81
N THR A 83 21.06 9.09 -7.59
CA THR A 83 20.89 10.45 -7.08
C THR A 83 19.95 10.44 -5.87
N LEU A 84 18.80 9.78 -6.01
CA LEU A 84 17.86 9.64 -4.91
C LEU A 84 18.30 8.56 -3.92
N GLY A 85 19.04 7.56 -4.40
CA GLY A 85 19.36 6.42 -3.56
C GLY A 85 18.17 5.47 -3.46
N VAL A 86 17.33 5.48 -4.49
CA VAL A 86 16.07 4.75 -4.45
C VAL A 86 15.97 3.74 -5.59
N GLU A 87 15.51 2.53 -5.28
CA GLU A 87 15.23 1.53 -6.29
C GLU A 87 13.94 1.86 -7.04
N VAL A 88 13.93 1.57 -8.34
CA VAL A 88 12.72 1.73 -9.15
C VAL A 88 12.22 0.36 -9.58
N HIS A 89 10.96 0.07 -9.26
CA HIS A 89 10.35 -1.19 -9.67
C HIS A 89 9.05 -0.95 -10.43
N PRO A 90 9.06 -1.06 -11.75
CA PRO A 90 7.84 -0.87 -12.53
C PRO A 90 6.87 -2.03 -12.27
N LEU A 91 5.67 -1.72 -11.75
CA LEU A 91 4.69 -2.76 -11.52
C LEU A 91 3.49 -2.57 -12.46
N VAL A 92 3.29 -3.53 -13.36
CA VAL A 92 2.24 -3.40 -14.36
C VAL A 92 1.03 -4.23 -13.93
N PHE A 93 -0.13 -3.61 -13.93
CA PHE A 93 -1.37 -4.32 -13.64
C PHE A 93 -2.37 -4.14 -14.79
N HIS A 94 -2.98 -5.25 -15.20
CA HIS A 94 -3.84 -5.23 -16.39
C HIS A 94 -5.29 -4.97 -15.97
N THR A 95 -5.80 -3.80 -16.33
CA THR A 95 -7.11 -3.37 -15.87
C THR A 95 -8.09 -3.35 -17.03
N ASN A 96 -9.37 -3.12 -16.72
CA ASN A 96 -10.38 -2.94 -17.76
C ASN A 96 -10.01 -1.81 -18.70
N ARG A 97 -9.46 -0.73 -18.16
CA ARG A 97 -8.99 0.39 -18.97
C ARG A 97 -7.79 -0.05 -19.81
N GLY A 98 -6.96 -0.93 -19.25
CA GLY A 98 -5.74 -1.36 -19.90
C GLY A 98 -4.60 -1.53 -18.91
N PRO A 99 -3.41 -1.89 -19.38
CA PRO A 99 -2.26 -2.06 -18.49
C PRO A 99 -1.87 -0.74 -17.85
N ILE A 100 -1.75 -0.72 -16.53
CA ILE A 100 -1.28 0.47 -15.83
C ILE A 100 0.04 0.15 -15.13
N LYS A 101 1.08 0.90 -15.47
CA LYS A 101 2.37 0.72 -14.84
C LYS A 101 2.51 1.61 -13.61
N PHE A 102 2.78 1.00 -12.46
CA PHE A 102 3.06 1.75 -11.24
C PHE A 102 4.56 1.75 -11.00
N ASN A 103 5.19 2.92 -11.18
CA ASN A 103 6.63 3.03 -11.00
C ASN A 103 6.94 3.13 -9.52
N VAL A 104 7.17 1.98 -8.90
CA VAL A 104 7.34 1.92 -7.44
C VAL A 104 8.73 2.40 -7.05
N TRP A 105 8.76 3.35 -6.11
CA TRP A 105 10.02 3.84 -5.55
C TRP A 105 10.27 3.19 -4.20
N ASP A 106 11.37 2.45 -4.08
CA ASP A 106 11.74 1.84 -2.81
C ASP A 106 13.07 2.39 -2.30
N THR A 107 13.03 3.10 -1.17
CA THR A 107 14.24 3.70 -0.61
C THR A 107 15.23 2.60 -0.23
N ALA A 108 16.50 2.82 -0.54
CA ALA A 108 17.52 1.81 -0.24
C ALA A 108 17.94 1.87 1.22
N GLY A 109 17.04 1.48 2.12
CA GLY A 109 17.35 1.39 3.54
C GLY A 109 17.22 2.72 4.27
N GLN A 110 16.84 3.76 3.55
CA GLN A 110 16.79 5.10 4.12
C GLN A 110 15.80 5.15 5.29
N GLU A 111 14.70 4.41 5.18
CA GLU A 111 13.71 4.37 6.24
C GLU A 111 14.33 3.87 7.53
N LYS A 112 15.18 2.85 7.43
CA LYS A 112 15.88 2.33 8.60
C LYS A 112 16.80 3.39 9.19
N PHE A 113 17.41 4.19 8.31
CA PHE A 113 18.24 5.30 8.76
C PHE A 113 17.41 6.33 9.51
N GLY A 114 16.20 6.58 9.04
CA GLY A 114 15.37 7.62 9.62
C GLY A 114 14.36 8.21 8.65
N GLY A 115 14.10 9.50 8.76
CA GLY A 115 13.19 10.16 7.85
C GLY A 115 13.70 10.16 6.42
N LEU A 116 12.79 10.38 5.46
CA LEU A 116 13.13 10.27 4.05
C LEU A 116 13.35 11.64 3.43
N ARG A 117 14.35 11.74 2.55
CA ARG A 117 14.62 12.99 1.85
C ARG A 117 13.46 13.37 0.93
N ASP A 118 13.20 14.67 0.80
CA ASP A 118 12.06 15.15 0.04
C ASP A 118 12.05 14.59 -1.37
N GLY A 119 13.24 14.40 -1.95
CA GLY A 119 13.32 13.93 -3.32
C GLY A 119 12.54 12.65 -3.55
N TYR A 120 12.60 11.73 -2.59
CA TYR A 120 11.88 10.47 -2.70
C TYR A 120 10.38 10.72 -2.80
N TYR A 121 9.87 11.65 -1.99
CA TYR A 121 8.45 11.97 -2.00
C TYR A 121 8.07 12.76 -3.24
N ILE A 122 9.02 13.53 -3.78
CA ILE A 122 8.72 14.44 -4.89
C ILE A 122 8.14 13.68 -6.07
N GLN A 123 7.10 14.24 -6.66
CA GLN A 123 6.40 13.61 -7.77
C GLN A 123 5.74 12.29 -7.36
N ALA A 124 5.25 12.22 -6.13
CA ALA A 124 4.50 11.06 -5.68
C ALA A 124 3.09 11.09 -6.28
N GLN A 125 2.95 10.67 -7.53
CA GLN A 125 1.64 10.59 -8.16
C GLN A 125 0.72 9.71 -7.34
N CYS A 126 1.30 8.68 -6.73
CA CYS A 126 0.54 7.77 -5.88
C CYS A 126 1.30 7.53 -4.57
N ALA A 127 0.57 7.25 -3.49
CA ALA A 127 1.22 6.95 -2.23
C ALA A 127 0.56 5.79 -1.50
N ILE A 128 1.37 4.88 -0.98
CA ILE A 128 0.87 3.81 -0.10
C ILE A 128 1.72 3.77 1.17
N ILE A 129 1.08 3.87 2.32
CA ILE A 129 1.79 3.80 3.59
C ILE A 129 1.36 2.54 4.34
N MET A 130 2.33 1.77 4.83
CA MET A 130 2.05 0.47 5.43
C MET A 130 2.52 0.43 6.88
N PHE A 131 1.75 -0.22 7.75
CA PHE A 131 2.17 -0.41 9.13
C PHE A 131 2.15 -1.88 9.52
N ASP A 132 3.10 -2.28 10.35
CA ASP A 132 3.11 -3.64 10.90
C ASP A 132 1.99 -3.79 11.91
N VAL A 133 1.07 -4.72 11.67
CA VAL A 133 -0.11 -4.86 12.52
C VAL A 133 0.30 -5.17 13.96
N THR A 134 1.36 -5.95 14.13
CA THR A 134 1.85 -6.27 15.46
C THR A 134 2.48 -5.05 16.11
N SER A 135 3.16 -4.22 15.33
CA SER A 135 3.92 -3.12 15.91
C SER A 135 3.08 -1.86 16.09
N ARG A 136 2.72 -1.58 17.34
CA ARG A 136 2.02 -0.35 17.67
C ARG A 136 2.88 0.86 17.36
N VAL A 137 4.18 0.72 17.59
CA VAL A 137 5.13 1.80 17.29
C VAL A 137 5.02 2.16 15.82
N THR A 138 4.94 1.16 14.96
CA THR A 138 4.86 1.42 13.52
C THR A 138 3.56 2.14 13.19
N TYR A 139 2.47 1.73 13.84
CA TYR A 139 1.19 2.41 13.66
C TYR A 139 1.32 3.88 14.07
N LYS A 140 2.02 4.13 15.16
CA LYS A 140 2.25 5.49 15.63
C LYS A 140 3.07 6.28 14.63
N ASN A 141 3.94 5.57 13.91
CA ASN A 141 4.81 6.19 12.93
C ASN A 141 4.05 6.60 11.66
N VAL A 142 2.92 5.93 11.39
CA VAL A 142 2.20 6.16 10.16
C VAL A 142 1.85 7.64 10.00
N PRO A 143 1.26 8.26 11.02
CA PRO A 143 0.92 9.68 10.95
C PRO A 143 2.13 10.53 10.58
N ASN A 144 3.29 10.15 11.10
CA ASN A 144 4.52 10.91 10.86
C ASN A 144 4.91 10.82 9.39
N TRP A 145 4.87 9.60 8.85
CA TRP A 145 5.20 9.39 7.44
C TRP A 145 4.19 10.14 6.58
N HIS A 146 2.92 10.06 6.95
CA HIS A 146 1.86 10.78 6.26
C HIS A 146 2.17 12.28 6.25
N ARG A 147 2.62 12.80 7.40
CA ARG A 147 2.89 14.23 7.51
C ARG A 147 3.98 14.64 6.53
N ASP A 148 5.05 13.87 6.47
CA ASP A 148 6.15 14.17 5.55
C ASP A 148 5.67 14.10 4.12
N LEU A 149 4.89 13.07 3.82
CA LEU A 149 4.38 12.87 2.46
C LEU A 149 3.53 14.07 2.05
N VAL A 150 2.62 14.47 2.92
CA VAL A 150 1.72 15.58 2.62
C VAL A 150 2.54 16.86 2.47
N ARG A 151 3.57 17.02 3.29
CA ARG A 151 4.38 18.23 3.24
C ARG A 151 4.98 18.39 1.85
N VAL A 152 5.48 17.29 1.29
CA VAL A 152 6.14 17.34 -0.01
C VAL A 152 5.11 17.40 -1.14
N CYS A 153 4.11 16.52 -1.10
CA CYS A 153 3.15 16.43 -2.19
C CYS A 153 1.71 16.51 -1.70
N GLU A 154 0.86 17.18 -2.45
CA GLU A 154 -0.52 17.42 -2.04
C GLU A 154 -1.50 17.06 -3.15
N ASN A 155 -2.75 16.78 -2.78
CA ASN A 155 -3.75 16.34 -3.74
C ASN A 155 -3.37 15.02 -4.39
N ILE A 156 -2.79 14.12 -3.59
CA ILE A 156 -2.33 12.83 -4.10
C ILE A 156 -3.03 11.70 -3.35
N PRO A 157 -3.56 10.70 -4.06
CA PRO A 157 -4.22 9.59 -3.37
C PRO A 157 -3.28 8.84 -2.44
N ILE A 158 -3.74 8.60 -1.22
CA ILE A 158 -2.93 7.91 -0.23
C ILE A 158 -3.64 6.62 0.20
N VAL A 159 -2.91 5.51 0.14
CA VAL A 159 -3.47 4.21 0.48
C VAL A 159 -2.82 3.72 1.76
N LEU A 160 -3.61 3.52 2.81
CA LEU A 160 -3.08 3.13 4.11
C LEU A 160 -3.35 1.66 4.37
N CYS A 161 -2.30 0.87 4.57
CA CYS A 161 -2.47 -0.58 4.70
C CYS A 161 -1.78 -1.14 5.94
N GLY A 162 -2.44 -2.11 6.57
CA GLY A 162 -1.82 -2.86 7.64
C GLY A 162 -1.21 -4.15 7.11
N ASN A 163 0.05 -4.39 7.40
CA ASN A 163 0.78 -5.51 6.80
C ASN A 163 1.14 -6.57 7.82
N LYS A 164 1.39 -7.79 7.35
CA LYS A 164 1.86 -8.87 8.20
C LYS A 164 0.76 -9.43 9.10
N VAL A 165 -0.48 -9.30 8.64
CA VAL A 165 -1.63 -9.86 9.36
C VAL A 165 -1.45 -11.37 9.51
N ASP A 166 -0.55 -11.94 8.71
CA ASP A 166 -0.22 -13.35 8.82
C ASP A 166 0.05 -13.74 10.27
N ILE A 167 0.61 -12.80 11.05
CA ILE A 167 0.86 -13.07 12.46
C ILE A 167 -0.45 -12.97 13.24
N LYS A 168 -0.80 -14.03 13.96
CA LYS A 168 -2.06 -14.10 14.69
C LYS A 168 -2.15 -12.99 15.74
N ASP A 169 -1.00 -12.65 16.34
CA ASP A 169 -0.98 -11.61 17.36
C ASP A 169 -1.04 -10.23 16.74
N ARG A 170 -2.21 -9.87 16.22
CA ARG A 170 -2.42 -8.54 15.65
C ARG A 170 -2.73 -7.54 16.74
N LYS A 171 -1.71 -6.83 17.21
CA LYS A 171 -1.87 -5.89 18.32
C LYS A 171 -2.68 -4.67 17.90
N VAL A 172 -2.48 -4.20 16.67
CA VAL A 172 -3.25 -3.08 16.16
C VAL A 172 -4.52 -3.60 15.49
N LYS A 173 -5.67 -3.25 16.04
CA LYS A 173 -6.95 -3.79 15.59
C LYS A 173 -7.86 -2.67 15.09
N ALA A 174 -8.98 -3.05 14.47
CA ALA A 174 -9.86 -2.07 13.85
C ALA A 174 -10.20 -0.94 14.82
N LYS A 175 -10.45 -1.30 16.08
CA LYS A 175 -10.81 -0.31 17.09
C LYS A 175 -9.69 0.70 17.29
N SER A 176 -8.45 0.22 17.32
CA SER A 176 -7.30 1.10 17.45
C SER A 176 -7.01 1.86 16.16
N ILE A 177 -7.52 1.34 15.05
CA ILE A 177 -7.30 1.99 13.76
C ILE A 177 -8.27 3.17 13.63
N VAL A 178 -7.76 4.37 13.89
CA VAL A 178 -8.59 5.57 13.88
C VAL A 178 -7.99 6.62 12.95
N PHE A 179 -6.66 6.63 12.83
CA PHE A 179 -5.98 7.63 12.03
C PHE A 179 -6.57 7.66 10.63
N HIS A 180 -6.86 6.48 10.11
CA HIS A 180 -7.37 6.33 8.75
C HIS A 180 -8.67 7.11 8.59
N ARG A 181 -9.59 6.93 9.54
CA ARG A 181 -10.85 7.65 9.51
C ARG A 181 -10.59 9.15 9.64
N LYS A 182 -9.67 9.51 10.52
CA LYS A 182 -9.42 10.91 10.82
C LYS A 182 -8.92 11.64 9.57
N LYS A 183 -8.13 10.95 8.76
CA LYS A 183 -7.62 11.53 7.53
C LYS A 183 -8.53 11.23 6.34
N ASN A 184 -9.59 10.47 6.58
CA ASN A 184 -10.49 10.06 5.51
C ASN A 184 -9.76 9.24 4.46
N LEU A 185 -8.79 8.45 4.91
CA LEU A 185 -8.05 7.55 4.02
C LEU A 185 -8.43 6.11 4.28
N GLN A 186 -8.67 5.36 3.21
CA GLN A 186 -9.16 3.98 3.33
C GLN A 186 -8.11 3.07 3.94
N TYR A 187 -8.56 2.14 4.78
CA TYR A 187 -7.68 1.12 5.33
C TYR A 187 -7.71 -0.14 4.48
N TYR A 188 -6.54 -0.77 4.31
CA TYR A 188 -6.46 -2.02 3.57
C TYR A 188 -5.67 -3.06 4.37
N ASP A 189 -6.15 -4.29 4.40
CA ASP A 189 -5.47 -5.36 5.13
C ASP A 189 -4.69 -6.26 4.19
N ILE A 190 -3.36 -6.21 4.28
CA ILE A 190 -2.51 -6.95 3.36
C ILE A 190 -1.47 -7.74 4.13
N SER A 191 -1.06 -8.89 3.62
CA SER A 191 0.04 -9.63 4.23
C SER A 191 1.04 -10.08 3.17
N ALA A 192 2.14 -9.35 3.03
CA ALA A 192 3.11 -9.59 1.96
C ALA A 192 3.69 -11.01 2.05
N LYS A 193 3.99 -11.45 3.28
CA LYS A 193 4.61 -12.75 3.47
C LYS A 193 3.72 -13.86 2.88
N SER A 194 2.41 -13.68 2.99
CA SER A 194 1.47 -14.66 2.44
C SER A 194 0.98 -14.23 1.07
N ASN A 195 1.38 -13.04 0.62
CA ASN A 195 0.85 -12.48 -0.62
C ASN A 195 -0.65 -12.26 -0.48
N TYR A 196 -1.11 -11.96 0.72
CA TYR A 196 -2.53 -11.72 0.97
C TYR A 196 -2.94 -10.33 0.52
N ASN A 197 -3.97 -10.28 -0.32
CA ASN A 197 -4.54 -9.00 -0.76
C ASN A 197 -3.52 -8.16 -1.52
N PHE A 198 -2.67 -8.82 -2.30
CA PHE A 198 -1.62 -8.11 -3.03
C PHE A 198 -2.20 -7.04 -3.94
N GLU A 199 -3.24 -7.43 -4.68
CA GLU A 199 -3.83 -6.57 -5.70
C GLU A 199 -4.67 -5.45 -5.10
N LYS A 200 -5.20 -5.66 -3.90
CA LYS A 200 -6.18 -4.74 -3.34
C LYS A 200 -5.73 -3.30 -3.31
N PRO A 201 -4.59 -2.98 -2.67
CA PRO A 201 -4.12 -1.60 -2.60
C PRO A 201 -3.92 -1.00 -3.99
N PHE A 202 -3.38 -1.79 -4.90
CA PHE A 202 -3.10 -1.31 -6.25
C PHE A 202 -4.39 -1.00 -6.98
N LEU A 203 -5.36 -1.90 -6.90
CA LEU A 203 -6.61 -1.74 -7.63
C LEU A 203 -7.35 -0.50 -7.15
N TRP A 204 -7.46 -0.35 -5.84
CA TRP A 204 -8.10 0.83 -5.27
C TRP A 204 -7.35 2.10 -5.63
N LEU A 205 -6.02 2.05 -5.57
CA LEU A 205 -5.21 3.20 -5.96
C LEU A 205 -5.51 3.59 -7.40
N ALA A 206 -5.56 2.60 -8.28
CA ALA A 206 -5.85 2.85 -9.69
C ALA A 206 -7.25 3.43 -9.84
N ARG A 207 -8.20 2.88 -9.09
CA ARG A 207 -9.57 3.37 -9.12
C ARG A 207 -9.62 4.84 -8.71
N LYS A 208 -8.84 5.19 -7.70
CA LYS A 208 -8.77 6.58 -7.25
C LYS A 208 -8.21 7.45 -8.37
N LEU A 209 -7.11 7.01 -8.96
CA LEU A 209 -6.39 7.80 -9.95
C LEU A 209 -7.28 8.05 -11.16
N ILE A 210 -7.89 7.00 -11.68
CA ILE A 210 -8.74 7.10 -12.86
C ILE A 210 -10.05 7.80 -12.48
N GLY A 211 -10.52 7.57 -11.25
CA GLY A 211 -11.84 8.04 -10.86
C GLY A 211 -12.91 7.03 -11.20
N ASP A 212 -12.49 5.81 -11.53
CA ASP A 212 -13.40 4.77 -12.00
C ASP A 212 -13.67 3.74 -10.90
N PRO A 213 -14.81 3.84 -10.21
CA PRO A 213 -15.16 2.91 -9.15
C PRO A 213 -15.33 1.48 -9.65
N ASN A 214 -15.68 1.35 -10.93
CA ASN A 214 -16.01 0.06 -11.50
C ASN A 214 -14.79 -0.60 -12.13
N LEU A 215 -13.62 -0.02 -11.92
CA LEU A 215 -12.39 -0.57 -12.51
C LEU A 215 -12.09 -1.95 -11.92
N GLU A 216 -11.70 -2.88 -12.78
CA GLU A 216 -11.33 -4.23 -12.34
C GLU A 216 -10.02 -4.68 -12.98
N PHE A 217 -9.23 -5.43 -12.24
CA PHE A 217 -8.03 -6.04 -12.80
C PHE A 217 -8.41 -7.25 -13.65
N VAL A 218 -8.44 -7.05 -14.96
CA VAL A 218 -8.87 -8.10 -15.88
C VAL A 218 -7.85 -9.24 -15.86
N ALA A 219 -6.57 -8.90 -15.83
CA ALA A 219 -5.53 -9.92 -15.85
C ALA A 219 -4.49 -9.67 -14.75
N MET A 220 -3.95 -10.74 -14.20
CA MET A 220 -3.03 -10.63 -13.08
C MET A 220 -1.59 -10.85 -13.52
N PRO A 221 -0.69 -9.91 -13.22
CA PRO A 221 0.72 -10.05 -13.58
C PRO A 221 1.38 -11.22 -12.84
N ALA A 222 2.42 -11.79 -13.41
CA ALA A 222 3.07 -12.94 -12.81
C ALA A 222 3.63 -12.59 -11.43
N LEU A 223 3.32 -13.41 -10.44
CA LEU A 223 3.73 -13.13 -9.06
C LEU A 223 4.58 -14.26 -8.51
N ALA A 224 5.65 -13.92 -7.78
CA ALA A 224 6.48 -14.91 -7.12
C ALA A 224 5.68 -15.64 -6.05
N PRO A 225 5.99 -16.92 -5.79
CA PRO A 225 5.27 -17.69 -4.80
C PRO A 225 5.35 -17.09 -3.39
N PRO A 226 4.25 -17.16 -2.64
CA PRO A 226 4.21 -16.62 -1.28
C PRO A 226 5.12 -17.39 -0.32
N GLU A 227 5.67 -16.71 0.67
CA GLU A 227 6.48 -17.38 1.68
C GLU A 227 5.62 -18.32 2.53
N VAL A 228 4.43 -17.85 2.89
CA VAL A 228 3.47 -18.69 3.60
C VAL A 228 2.10 -18.57 2.95
N VAL A 229 1.21 -19.52 3.25
CA VAL A 229 -0.16 -19.43 2.75
C VAL A 229 -1.07 -18.98 3.89
N MET A 230 -1.82 -17.91 3.65
CA MET A 230 -2.77 -17.42 4.64
C MET A 230 -3.87 -18.45 4.89
N ASP A 231 -4.18 -18.69 6.16
CA ASP A 231 -5.28 -19.57 6.51
C ASP A 231 -6.60 -18.91 6.11
N PRO A 232 -7.39 -19.56 5.24
CA PRO A 232 -8.66 -19.00 4.79
C PRO A 232 -9.57 -18.65 5.96
N ALA A 233 -9.62 -19.51 6.97
CA ALA A 233 -10.50 -19.26 8.11
C ALA A 233 -10.07 -17.99 8.83
N LEU A 234 -8.77 -17.84 9.06
CA LEU A 234 -8.27 -16.63 9.73
C LEU A 234 -8.59 -15.40 8.89
N ALA A 235 -8.34 -15.48 7.59
CA ALA A 235 -8.58 -14.36 6.71
C ALA A 235 -10.06 -13.97 6.75
N ALA A 236 -10.93 -14.98 6.70
CA ALA A 236 -12.36 -14.73 6.75
C ALA A 236 -12.74 -14.06 8.06
N GLN A 237 -12.15 -14.53 9.16
CA GLN A 237 -12.45 -13.95 10.47
C GLN A 237 -12.04 -12.49 10.48
N TYR A 238 -10.85 -12.21 9.96
CA TYR A 238 -10.32 -10.85 9.95
C TYR A 238 -11.26 -9.95 9.18
N GLU A 239 -11.66 -10.41 8.00
CA GLU A 239 -12.52 -9.62 7.12
C GLU A 239 -13.87 -9.38 7.77
N HIS A 240 -14.43 -10.42 8.39
CA HIS A 240 -15.72 -10.30 9.05
C HIS A 240 -15.64 -9.29 10.19
N ASP A 241 -14.55 -9.36 10.96
CA ASP A 241 -14.39 -8.46 12.10
C ASP A 241 -14.34 -7.02 11.61
N LEU A 242 -13.60 -6.79 10.54
CA LEU A 242 -13.50 -5.45 9.96
C LEU A 242 -14.87 -4.98 9.51
N GLU A 243 -15.63 -5.87 8.87
CA GLU A 243 -16.96 -5.52 8.38
C GLU A 243 -17.86 -5.13 9.55
N VAL A 244 -17.79 -5.90 10.63
CA VAL A 244 -18.62 -5.62 11.79
C VAL A 244 -18.24 -4.27 12.37
N ALA A 245 -16.93 -3.99 12.44
CA ALA A 245 -16.48 -2.71 12.98
C ALA A 245 -17.00 -1.57 12.13
N GLN A 246 -16.96 -1.75 10.81
CA GLN A 246 -17.46 -0.73 9.89
C GLN A 246 -18.97 -0.56 10.09
N THR A 247 -19.65 -1.67 10.35
CA THR A 247 -21.10 -1.65 10.51
C THR A 247 -21.49 -0.95 11.81
N THR A 248 -20.61 -1.00 12.81
CA THR A 248 -20.92 -0.48 14.13
C THR A 248 -21.32 0.99 14.06
N ALA A 249 -22.39 1.35 14.77
CA ALA A 249 -22.96 2.69 14.66
C ALA A 249 -22.24 3.71 15.54
N LEU A 250 -20.95 3.94 15.26
CA LEU A 250 -20.21 5.00 15.92
C LEU A 250 -19.61 5.94 14.89
N PRO A 251 -19.52 7.24 15.20
CA PRO A 251 -18.96 8.20 14.25
C PRO A 251 -17.57 7.80 13.78
N ASP A 252 -16.83 7.09 14.63
CA ASP A 252 -15.51 6.58 14.26
C ASP A 252 -15.35 5.14 14.76
N GLU A 253 -14.25 4.50 14.39
CA GLU A 253 -13.95 3.17 14.91
C GLU A 253 -13.89 3.20 16.43
N ASP A 254 -13.38 4.29 16.98
CA ASP A 254 -13.37 4.50 18.42
C ASP A 254 -13.75 5.95 18.75
N ASP A 255 -14.43 6.15 19.86
CA ASP A 255 -14.72 7.51 20.30
C ASP A 255 -13.51 8.09 21.03
N ASP A 256 -12.40 8.17 20.31
CA ASP A 256 -11.13 8.60 20.89
C ASP A 256 -11.20 10.07 21.30
N LEU A 257 -12.01 10.85 20.59
CA LEU A 257 -12.10 12.28 20.83
C LEU A 257 -13.51 12.69 21.24
N MET A 42 -7.54 9.01 -18.02
CA MET A 42 -6.29 8.26 -17.77
C MET A 42 -6.25 6.89 -18.41
N ALA A 43 -7.30 6.56 -19.21
CA ALA A 43 -7.38 5.30 -19.92
C ALA A 43 -6.35 5.28 -21.01
N ALA A 44 -5.74 4.10 -21.26
CA ALA A 44 -4.74 3.96 -22.29
C ALA A 44 -5.42 3.58 -23.59
N GLN A 45 -5.97 4.61 -24.27
CA GLN A 45 -6.65 4.46 -25.54
C GLN A 45 -5.98 5.31 -26.59
N GLY A 46 -4.90 4.78 -27.23
CA GLY A 46 -4.14 5.50 -28.23
C GLY A 46 -2.97 6.22 -27.61
N GLU A 47 -3.13 6.62 -26.34
CA GLU A 47 -2.15 7.27 -25.47
C GLU A 47 -1.07 6.27 -25.06
N PRO A 48 0.16 6.73 -24.82
CA PRO A 48 1.22 5.84 -24.38
C PRO A 48 0.87 5.21 -23.04
N GLN A 49 1.39 4.03 -22.74
CA GLN A 49 0.98 3.33 -21.53
C GLN A 49 1.10 4.26 -20.33
N VAL A 50 0.07 4.27 -19.48
CA VAL A 50 0.01 5.23 -18.38
C VAL A 50 0.87 4.74 -17.22
N GLN A 51 1.81 5.58 -16.80
CA GLN A 51 2.67 5.27 -15.67
C GLN A 51 2.36 6.20 -14.50
N PHE A 52 2.20 5.64 -13.31
CA PHE A 52 2.05 6.44 -12.10
C PHE A 52 3.24 6.22 -11.18
N LYS A 53 3.87 7.30 -10.74
CA LYS A 53 4.96 7.18 -9.78
C LYS A 53 4.40 6.86 -8.40
N LEU A 54 4.71 5.65 -7.92
CA LEU A 54 4.17 5.18 -6.65
C LEU A 54 5.23 5.27 -5.55
N VAL A 55 4.87 5.95 -4.46
CA VAL A 55 5.74 6.05 -3.31
C VAL A 55 5.22 5.15 -2.20
N LEU A 56 6.07 4.20 -1.77
CA LEU A 56 5.71 3.29 -0.69
C LEU A 56 6.44 3.70 0.59
N VAL A 57 5.69 3.91 1.66
CA VAL A 57 6.28 4.41 2.89
C VAL A 57 5.93 3.52 4.07
N GLY A 58 6.89 3.30 4.96
CA GLY A 58 6.68 2.45 6.11
C GLY A 58 7.92 2.36 6.99
N ASP A 59 7.90 1.50 7.99
CA ASP A 59 9.08 1.25 8.82
C ASP A 59 9.75 -0.06 8.42
N GLY A 60 10.98 -0.26 8.86
CA GLY A 60 11.63 -1.55 8.64
C GLY A 60 10.91 -2.65 9.39
N GLY A 61 10.75 -3.81 8.77
CA GLY A 61 9.98 -4.88 9.37
C GLY A 61 8.51 -4.86 9.02
N THR A 62 8.08 -3.91 8.17
CA THR A 62 6.72 -3.92 7.67
C THR A 62 6.54 -4.96 6.57
N GLY A 63 7.63 -5.32 5.89
CA GLY A 63 7.54 -6.22 4.75
C GLY A 63 7.23 -5.49 3.46
N LYS A 64 7.36 -4.16 3.49
CA LYS A 64 7.00 -3.33 2.33
C LYS A 64 7.80 -3.74 1.10
N THR A 65 9.10 -3.97 1.29
CA THR A 65 9.95 -4.42 0.19
C THR A 65 9.52 -5.80 -0.30
N THR A 66 9.14 -6.67 0.63
CA THR A 66 8.65 -7.99 0.26
C THR A 66 7.44 -7.86 -0.66
N PHE A 67 6.59 -6.88 -0.38
CA PHE A 67 5.40 -6.67 -1.19
C PHE A 67 5.84 -6.46 -2.64
N VAL A 68 6.85 -5.64 -2.82
CA VAL A 68 7.39 -5.36 -4.15
C VAL A 68 7.98 -6.63 -4.74
N LYS A 69 8.68 -7.40 -3.92
CA LYS A 69 9.37 -8.59 -4.38
C LYS A 69 8.38 -9.57 -5.02
N ARG A 70 7.14 -9.54 -4.56
CA ARG A 70 6.11 -10.42 -5.09
C ARG A 70 5.91 -10.22 -6.60
N HIS A 71 6.01 -8.98 -7.06
CA HIS A 71 5.71 -8.69 -8.45
C HIS A 71 6.90 -9.01 -9.35
N LEU A 72 6.78 -10.08 -10.14
CA LEU A 72 7.91 -10.58 -10.92
C LEU A 72 8.42 -9.52 -11.90
N THR A 73 7.51 -8.85 -12.59
CA THR A 73 7.91 -7.86 -13.59
C THR A 73 8.72 -6.76 -12.93
N GLY A 74 8.30 -6.33 -11.75
CA GLY A 74 9.04 -5.31 -11.02
C GLY A 74 10.46 -5.74 -10.70
N GLU A 75 10.64 -7.03 -10.40
CA GLU A 75 11.97 -7.58 -10.20
C GLU A 75 12.75 -7.58 -11.51
N PHE A 76 12.09 -8.04 -12.58
CA PHE A 76 12.75 -8.22 -13.87
C PHE A 76 13.21 -6.87 -14.42
N GLU A 77 12.37 -5.86 -14.29
CA GLU A 77 12.67 -4.54 -14.83
C GLU A 77 13.28 -3.63 -13.79
N LYS A 78 13.80 -4.20 -12.70
CA LYS A 78 14.33 -3.39 -11.61
C LYS A 78 15.35 -2.37 -12.12
N LYS A 79 15.16 -1.13 -11.70
CA LYS A 79 16.11 -0.06 -11.99
C LYS A 79 16.52 0.63 -10.68
N TYR A 80 17.65 1.32 -10.69
CA TYR A 80 18.08 2.05 -9.50
C TYR A 80 18.44 3.49 -9.83
N VAL A 81 18.05 4.41 -8.96
CA VAL A 81 18.45 5.81 -9.11
C VAL A 81 19.45 6.17 -8.02
N ALA A 82 20.70 6.44 -8.43
CA ALA A 82 21.76 6.76 -7.48
C ALA A 82 21.49 8.11 -6.81
N THR A 83 21.06 9.09 -7.59
CA THR A 83 20.89 10.45 -7.08
C THR A 83 19.95 10.44 -5.87
N LEU A 84 18.80 9.78 -6.01
CA LEU A 84 17.86 9.64 -4.91
C LEU A 84 18.30 8.56 -3.92
N GLY A 85 19.04 7.56 -4.40
CA GLY A 85 19.36 6.42 -3.56
C GLY A 85 18.17 5.47 -3.46
N VAL A 86 17.33 5.48 -4.49
CA VAL A 86 16.07 4.75 -4.45
C VAL A 86 15.97 3.74 -5.59
N GLU A 87 15.51 2.53 -5.28
CA GLU A 87 15.23 1.53 -6.29
C GLU A 87 13.94 1.86 -7.04
N VAL A 88 13.93 1.57 -8.34
CA VAL A 88 12.72 1.73 -9.15
C VAL A 88 12.22 0.36 -9.58
N HIS A 89 10.96 0.07 -9.26
CA HIS A 89 10.35 -1.19 -9.67
C HIS A 89 9.05 -0.95 -10.43
N PRO A 90 9.06 -1.06 -11.75
CA PRO A 90 7.84 -0.87 -12.53
C PRO A 90 6.87 -2.03 -12.27
N LEU A 91 5.67 -1.72 -11.75
CA LEU A 91 4.69 -2.76 -11.52
C LEU A 91 3.49 -2.57 -12.46
N VAL A 92 3.29 -3.53 -13.36
CA VAL A 92 2.24 -3.40 -14.36
C VAL A 92 1.03 -4.23 -13.93
N PHE A 93 -0.13 -3.61 -13.93
CA PHE A 93 -1.37 -4.32 -13.64
C PHE A 93 -2.37 -4.14 -14.79
N HIS A 94 -2.98 -5.25 -15.20
CA HIS A 94 -3.84 -5.23 -16.39
C HIS A 94 -5.29 -4.97 -15.97
N THR A 95 -5.80 -3.80 -16.33
CA THR A 95 -7.11 -3.37 -15.87
C THR A 95 -8.09 -3.35 -17.03
N ASN A 96 -9.37 -3.12 -16.72
CA ASN A 96 -10.38 -2.94 -17.76
C ASN A 96 -10.01 -1.81 -18.70
N ARG A 97 -9.46 -0.73 -18.16
CA ARG A 97 -8.99 0.39 -18.97
C ARG A 97 -7.79 -0.05 -19.81
N GLY A 98 -6.96 -0.93 -19.25
CA GLY A 98 -5.74 -1.36 -19.90
C GLY A 98 -4.60 -1.53 -18.91
N PRO A 99 -3.41 -1.89 -19.38
CA PRO A 99 -2.26 -2.06 -18.49
C PRO A 99 -1.87 -0.74 -17.85
N ILE A 100 -1.75 -0.72 -16.53
CA ILE A 100 -1.28 0.47 -15.83
C ILE A 100 0.04 0.15 -15.13
N LYS A 101 1.08 0.90 -15.47
CA LYS A 101 2.37 0.72 -14.84
C LYS A 101 2.51 1.61 -13.61
N PHE A 102 2.78 1.00 -12.46
CA PHE A 102 3.06 1.75 -11.24
C PHE A 102 4.56 1.75 -11.00
N ASN A 103 5.19 2.92 -11.18
CA ASN A 103 6.63 3.03 -11.00
C ASN A 103 6.94 3.13 -9.52
N VAL A 104 7.17 1.98 -8.90
CA VAL A 104 7.34 1.92 -7.44
C VAL A 104 8.73 2.40 -7.05
N TRP A 105 8.76 3.35 -6.11
CA TRP A 105 10.02 3.84 -5.55
C TRP A 105 10.27 3.19 -4.20
N ASP A 106 11.37 2.45 -4.08
CA ASP A 106 11.74 1.84 -2.81
C ASP A 106 13.07 2.39 -2.30
N THR A 107 13.03 3.10 -1.17
CA THR A 107 14.24 3.70 -0.61
C THR A 107 15.23 2.60 -0.23
N ALA A 108 16.50 2.82 -0.54
CA ALA A 108 17.52 1.81 -0.24
C ALA A 108 17.94 1.87 1.22
N GLY A 109 17.04 1.48 2.12
CA GLY A 109 17.35 1.39 3.54
C GLY A 109 17.22 2.72 4.27
N GLN A 110 16.84 3.76 3.55
CA GLN A 110 16.79 5.10 4.12
C GLN A 110 15.80 5.15 5.29
N GLU A 111 14.70 4.41 5.18
CA GLU A 111 13.71 4.37 6.24
C GLU A 111 14.33 3.87 7.53
N LYS A 112 15.18 2.85 7.43
CA LYS A 112 15.88 2.33 8.60
C LYS A 112 16.80 3.39 9.19
N PHE A 113 17.41 4.19 8.31
CA PHE A 113 18.24 5.30 8.76
C PHE A 113 17.41 6.33 9.51
N GLY A 114 16.20 6.58 9.04
CA GLY A 114 15.37 7.62 9.62
C GLY A 114 14.36 8.21 8.65
N GLY A 115 14.10 9.50 8.76
CA GLY A 115 13.19 10.16 7.85
C GLY A 115 13.70 10.16 6.42
N LEU A 116 12.79 10.38 5.46
CA LEU A 116 13.13 10.27 4.05
C LEU A 116 13.35 11.64 3.43
N ARG A 117 14.35 11.74 2.55
CA ARG A 117 14.62 12.99 1.85
C ARG A 117 13.46 13.37 0.93
N ASP A 118 13.20 14.67 0.80
CA ASP A 118 12.06 15.15 0.04
C ASP A 118 12.05 14.59 -1.37
N GLY A 119 13.24 14.40 -1.95
CA GLY A 119 13.32 13.93 -3.32
C GLY A 119 12.54 12.65 -3.55
N TYR A 120 12.60 11.73 -2.59
CA TYR A 120 11.88 10.47 -2.70
C TYR A 120 10.38 10.72 -2.80
N TYR A 121 9.87 11.65 -1.99
CA TYR A 121 8.45 11.97 -2.00
C TYR A 121 8.07 12.76 -3.24
N ILE A 122 9.02 13.53 -3.78
CA ILE A 122 8.72 14.44 -4.89
C ILE A 122 8.14 13.68 -6.07
N GLN A 123 7.10 14.24 -6.66
CA GLN A 123 6.40 13.61 -7.77
C GLN A 123 5.74 12.29 -7.36
N ALA A 124 5.25 12.22 -6.13
CA ALA A 124 4.50 11.06 -5.68
C ALA A 124 3.09 11.09 -6.28
N GLN A 125 2.95 10.67 -7.53
CA GLN A 125 1.64 10.59 -8.16
C GLN A 125 0.72 9.71 -7.34
N CYS A 126 1.30 8.68 -6.73
CA CYS A 126 0.54 7.77 -5.88
C CYS A 126 1.30 7.53 -4.57
N ALA A 127 0.57 7.25 -3.49
CA ALA A 127 1.22 6.95 -2.23
C ALA A 127 0.56 5.79 -1.50
N ILE A 128 1.37 4.88 -0.98
CA ILE A 128 0.87 3.81 -0.10
C ILE A 128 1.72 3.77 1.17
N ILE A 129 1.08 3.87 2.32
CA ILE A 129 1.79 3.80 3.59
C ILE A 129 1.36 2.54 4.34
N MET A 130 2.33 1.77 4.83
CA MET A 130 2.05 0.47 5.43
C MET A 130 2.52 0.43 6.88
N PHE A 131 1.75 -0.22 7.75
CA PHE A 131 2.17 -0.41 9.13
C PHE A 131 2.15 -1.88 9.52
N ASP A 132 3.10 -2.28 10.35
CA ASP A 132 3.11 -3.64 10.90
C ASP A 132 1.99 -3.79 11.91
N VAL A 133 1.07 -4.72 11.67
CA VAL A 133 -0.11 -4.86 12.52
C VAL A 133 0.30 -5.17 13.96
N THR A 134 1.36 -5.95 14.13
CA THR A 134 1.85 -6.27 15.46
C THR A 134 2.48 -5.05 16.11
N SER A 135 3.16 -4.22 15.33
CA SER A 135 3.92 -3.12 15.91
C SER A 135 3.08 -1.86 16.09
N ARG A 136 2.72 -1.58 17.34
CA ARG A 136 2.02 -0.35 17.67
C ARG A 136 2.88 0.86 17.36
N VAL A 137 4.18 0.72 17.59
CA VAL A 137 5.13 1.80 17.29
C VAL A 137 5.02 2.16 15.82
N THR A 138 4.94 1.16 14.96
CA THR A 138 4.86 1.42 13.52
C THR A 138 3.56 2.14 13.19
N TYR A 139 2.47 1.73 13.84
CA TYR A 139 1.19 2.41 13.66
C TYR A 139 1.32 3.88 14.07
N LYS A 140 2.02 4.13 15.16
CA LYS A 140 2.25 5.49 15.63
C LYS A 140 3.07 6.28 14.63
N ASN A 141 3.94 5.57 13.91
CA ASN A 141 4.81 6.19 12.93
C ASN A 141 4.05 6.60 11.66
N VAL A 142 2.92 5.93 11.39
CA VAL A 142 2.20 6.16 10.16
C VAL A 142 1.85 7.64 10.00
N PRO A 143 1.26 8.26 11.02
CA PRO A 143 0.92 9.68 10.95
C PRO A 143 2.13 10.53 10.58
N ASN A 144 3.29 10.15 11.10
CA ASN A 144 4.52 10.91 10.86
C ASN A 144 4.91 10.82 9.39
N TRP A 145 4.87 9.60 8.85
CA TRP A 145 5.20 9.39 7.44
C TRP A 145 4.19 10.14 6.58
N HIS A 146 2.92 10.06 6.95
CA HIS A 146 1.86 10.78 6.26
C HIS A 146 2.17 12.28 6.25
N ARG A 147 2.62 12.80 7.40
CA ARG A 147 2.89 14.23 7.51
C ARG A 147 3.98 14.64 6.53
N ASP A 148 5.05 13.87 6.47
CA ASP A 148 6.15 14.17 5.55
C ASP A 148 5.67 14.10 4.12
N LEU A 149 4.89 13.07 3.82
CA LEU A 149 4.38 12.87 2.46
C LEU A 149 3.53 14.07 2.05
N VAL A 150 2.62 14.47 2.92
CA VAL A 150 1.72 15.58 2.62
C VAL A 150 2.54 16.86 2.47
N ARG A 151 3.57 17.02 3.29
CA ARG A 151 4.38 18.23 3.24
C ARG A 151 4.98 18.39 1.85
N VAL A 152 5.48 17.29 1.29
CA VAL A 152 6.14 17.34 -0.01
C VAL A 152 5.11 17.40 -1.14
N CYS A 153 4.11 16.52 -1.10
CA CYS A 153 3.15 16.43 -2.19
C CYS A 153 1.71 16.51 -1.70
N GLU A 154 0.86 17.18 -2.45
CA GLU A 154 -0.52 17.42 -2.04
C GLU A 154 -1.50 17.06 -3.15
N ASN A 155 -2.75 16.78 -2.78
CA ASN A 155 -3.75 16.34 -3.74
C ASN A 155 -3.37 15.02 -4.39
N ILE A 156 -2.79 14.12 -3.59
CA ILE A 156 -2.33 12.83 -4.10
C ILE A 156 -3.03 11.70 -3.35
N PRO A 157 -3.56 10.70 -4.06
CA PRO A 157 -4.22 9.59 -3.37
C PRO A 157 -3.28 8.84 -2.44
N ILE A 158 -3.74 8.60 -1.22
CA ILE A 158 -2.93 7.91 -0.23
C ILE A 158 -3.64 6.62 0.20
N VAL A 159 -2.91 5.51 0.14
CA VAL A 159 -3.47 4.21 0.48
C VAL A 159 -2.82 3.72 1.76
N LEU A 160 -3.61 3.52 2.81
CA LEU A 160 -3.08 3.13 4.11
C LEU A 160 -3.35 1.66 4.37
N CYS A 161 -2.30 0.87 4.57
CA CYS A 161 -2.47 -0.58 4.70
C CYS A 161 -1.78 -1.14 5.94
N GLY A 162 -2.44 -2.11 6.57
CA GLY A 162 -1.82 -2.86 7.64
C GLY A 162 -1.21 -4.15 7.11
N ASN A 163 0.05 -4.39 7.40
CA ASN A 163 0.78 -5.51 6.80
C ASN A 163 1.14 -6.57 7.82
N LYS A 164 1.39 -7.79 7.35
CA LYS A 164 1.86 -8.87 8.20
C LYS A 164 0.76 -9.43 9.10
N VAL A 165 -0.48 -9.30 8.64
CA VAL A 165 -1.63 -9.86 9.36
C VAL A 165 -1.45 -11.37 9.51
N ASP A 166 -0.55 -11.94 8.71
CA ASP A 166 -0.22 -13.35 8.82
C ASP A 166 0.05 -13.74 10.27
N ILE A 167 0.61 -12.80 11.05
CA ILE A 167 0.86 -13.07 12.46
C ILE A 167 -0.45 -12.97 13.24
N LYS A 168 -0.80 -14.03 13.96
CA LYS A 168 -2.06 -14.10 14.69
C LYS A 168 -2.15 -12.99 15.74
N ASP A 169 -1.00 -12.65 16.34
CA ASP A 169 -0.98 -11.61 17.36
C ASP A 169 -1.04 -10.23 16.74
N ARG A 170 -2.21 -9.87 16.22
CA ARG A 170 -2.42 -8.54 15.65
C ARG A 170 -2.73 -7.54 16.74
N LYS A 171 -1.71 -6.83 17.21
CA LYS A 171 -1.87 -5.89 18.32
C LYS A 171 -2.68 -4.67 17.90
N VAL A 172 -2.48 -4.20 16.67
CA VAL A 172 -3.25 -3.08 16.16
C VAL A 172 -4.52 -3.60 15.49
N LYS A 173 -5.67 -3.25 16.04
CA LYS A 173 -6.95 -3.79 15.59
C LYS A 173 -7.86 -2.67 15.09
N ALA A 174 -8.98 -3.05 14.47
CA ALA A 174 -9.86 -2.07 13.85
C ALA A 174 -10.20 -0.94 14.82
N LYS A 175 -10.45 -1.30 16.08
CA LYS A 175 -10.81 -0.31 17.09
C LYS A 175 -9.69 0.70 17.29
N SER A 176 -8.45 0.22 17.32
CA SER A 176 -7.30 1.10 17.45
C SER A 176 -7.01 1.86 16.16
N ILE A 177 -7.52 1.34 15.05
CA ILE A 177 -7.30 1.99 13.76
C ILE A 177 -8.27 3.17 13.63
N VAL A 178 -7.76 4.37 13.89
CA VAL A 178 -8.59 5.57 13.88
C VAL A 178 -7.99 6.62 12.95
N PHE A 179 -6.66 6.63 12.83
CA PHE A 179 -5.98 7.63 12.03
C PHE A 179 -6.57 7.66 10.63
N HIS A 180 -6.86 6.48 10.11
CA HIS A 180 -7.37 6.33 8.75
C HIS A 180 -8.67 7.11 8.59
N ARG A 181 -9.59 6.93 9.54
CA ARG A 181 -10.85 7.65 9.51
C ARG A 181 -10.59 9.15 9.64
N LYS A 182 -9.67 9.51 10.52
CA LYS A 182 -9.42 10.91 10.82
C LYS A 182 -8.92 11.64 9.57
N LYS A 183 -8.13 10.95 8.76
CA LYS A 183 -7.62 11.53 7.53
C LYS A 183 -8.53 11.23 6.34
N ASN A 184 -9.59 10.47 6.58
CA ASN A 184 -10.49 10.06 5.51
C ASN A 184 -9.76 9.24 4.46
N LEU A 185 -8.79 8.45 4.91
CA LEU A 185 -8.05 7.55 4.02
C LEU A 185 -8.43 6.11 4.28
N GLN A 186 -8.67 5.36 3.21
CA GLN A 186 -9.16 3.98 3.33
C GLN A 186 -8.11 3.07 3.94
N TYR A 187 -8.56 2.14 4.78
CA TYR A 187 -7.68 1.12 5.33
C TYR A 187 -7.71 -0.14 4.48
N TYR A 188 -6.54 -0.77 4.31
CA TYR A 188 -6.46 -2.02 3.57
C TYR A 188 -5.67 -3.06 4.37
N ASP A 189 -6.15 -4.29 4.40
CA ASP A 189 -5.47 -5.36 5.13
C ASP A 189 -4.69 -6.26 4.19
N ILE A 190 -3.36 -6.21 4.28
CA ILE A 190 -2.51 -6.95 3.36
C ILE A 190 -1.47 -7.74 4.13
N SER A 191 -1.06 -8.89 3.62
CA SER A 191 0.04 -9.63 4.23
C SER A 191 1.04 -10.08 3.17
N ALA A 192 2.14 -9.35 3.03
CA ALA A 192 3.11 -9.59 1.96
C ALA A 192 3.69 -11.01 2.05
N LYS A 193 3.99 -11.45 3.28
CA LYS A 193 4.61 -12.75 3.47
C LYS A 193 3.72 -13.86 2.88
N SER A 194 2.41 -13.68 2.99
CA SER A 194 1.47 -14.66 2.44
C SER A 194 0.98 -14.23 1.07
N ASN A 195 1.38 -13.04 0.62
CA ASN A 195 0.85 -12.48 -0.62
C ASN A 195 -0.65 -12.26 -0.48
N TYR A 196 -1.11 -11.96 0.72
CA TYR A 196 -2.53 -11.72 0.97
C TYR A 196 -2.94 -10.33 0.52
N ASN A 197 -3.97 -10.28 -0.32
CA ASN A 197 -4.54 -9.00 -0.76
C ASN A 197 -3.52 -8.16 -1.52
N PHE A 198 -2.67 -8.82 -2.30
CA PHE A 198 -1.62 -8.11 -3.03
C PHE A 198 -2.20 -7.04 -3.94
N GLU A 199 -3.24 -7.43 -4.68
CA GLU A 199 -3.83 -6.57 -5.70
C GLU A 199 -4.67 -5.45 -5.10
N LYS A 200 -5.20 -5.66 -3.90
CA LYS A 200 -6.18 -4.74 -3.34
C LYS A 200 -5.73 -3.30 -3.31
N PRO A 201 -4.59 -2.98 -2.67
CA PRO A 201 -4.12 -1.60 -2.60
C PRO A 201 -3.92 -1.00 -3.99
N PHE A 202 -3.38 -1.79 -4.90
CA PHE A 202 -3.10 -1.31 -6.25
C PHE A 202 -4.39 -1.00 -6.98
N LEU A 203 -5.36 -1.90 -6.90
CA LEU A 203 -6.61 -1.74 -7.63
C LEU A 203 -7.35 -0.50 -7.15
N TRP A 204 -7.46 -0.35 -5.84
CA TRP A 204 -8.10 0.83 -5.27
C TRP A 204 -7.35 2.10 -5.63
N LEU A 205 -6.02 2.05 -5.57
CA LEU A 205 -5.21 3.20 -5.96
C LEU A 205 -5.51 3.59 -7.40
N ALA A 206 -5.56 2.60 -8.28
CA ALA A 206 -5.85 2.85 -9.69
C ALA A 206 -7.25 3.43 -9.84
N ARG A 207 -8.20 2.88 -9.09
CA ARG A 207 -9.57 3.37 -9.12
C ARG A 207 -9.62 4.84 -8.71
N LYS A 208 -8.84 5.19 -7.70
CA LYS A 208 -8.77 6.58 -7.25
C LYS A 208 -8.21 7.45 -8.37
N LEU A 209 -7.11 7.01 -8.96
CA LEU A 209 -6.39 7.80 -9.95
C LEU A 209 -7.28 8.05 -11.16
N ILE A 210 -7.89 7.00 -11.68
CA ILE A 210 -8.74 7.10 -12.86
C ILE A 210 -10.05 7.80 -12.48
N GLY A 211 -10.52 7.57 -11.25
CA GLY A 211 -11.84 8.04 -10.86
C GLY A 211 -12.91 7.03 -11.20
N ASP A 212 -12.49 5.81 -11.53
CA ASP A 212 -13.40 4.77 -12.00
C ASP A 212 -13.67 3.74 -10.90
N PRO A 213 -14.81 3.84 -10.21
CA PRO A 213 -15.16 2.91 -9.15
C PRO A 213 -15.33 1.48 -9.65
N ASN A 214 -15.68 1.35 -10.93
CA ASN A 214 -16.01 0.06 -11.50
C ASN A 214 -14.79 -0.60 -12.13
N LEU A 215 -13.62 -0.02 -11.92
CA LEU A 215 -12.39 -0.57 -12.51
C LEU A 215 -12.09 -1.95 -11.92
N GLU A 216 -11.70 -2.88 -12.78
CA GLU A 216 -11.33 -4.23 -12.34
C GLU A 216 -10.02 -4.68 -12.98
N PHE A 217 -9.23 -5.43 -12.24
CA PHE A 217 -8.03 -6.04 -12.80
C PHE A 217 -8.41 -7.25 -13.65
N VAL A 218 -8.44 -7.05 -14.96
CA VAL A 218 -8.87 -8.10 -15.88
C VAL A 218 -7.85 -9.24 -15.86
N ALA A 219 -6.57 -8.90 -15.83
CA ALA A 219 -5.53 -9.92 -15.85
C ALA A 219 -4.49 -9.67 -14.75
N MET A 220 -3.95 -10.74 -14.20
CA MET A 220 -3.03 -10.63 -13.08
C MET A 220 -1.59 -10.85 -13.52
N PRO A 221 -0.69 -9.91 -13.22
CA PRO A 221 0.72 -10.05 -13.58
C PRO A 221 1.38 -11.22 -12.84
N ALA A 222 2.42 -11.79 -13.41
CA ALA A 222 3.07 -12.94 -12.81
C ALA A 222 3.63 -12.59 -11.43
N LEU A 223 3.32 -13.41 -10.44
CA LEU A 223 3.73 -13.13 -9.06
C LEU A 223 4.58 -14.26 -8.51
N ALA A 224 5.65 -13.92 -7.78
CA ALA A 224 6.48 -14.91 -7.12
C ALA A 224 5.68 -15.64 -6.05
N PRO A 225 5.99 -16.92 -5.79
CA PRO A 225 5.27 -17.69 -4.80
C PRO A 225 5.35 -17.09 -3.39
N PRO A 226 4.25 -17.16 -2.64
CA PRO A 226 4.21 -16.62 -1.28
C PRO A 226 5.12 -17.39 -0.32
N GLU A 227 5.67 -16.71 0.67
CA GLU A 227 6.48 -17.38 1.68
C GLU A 227 5.62 -18.32 2.53
N VAL A 228 4.43 -17.85 2.89
CA VAL A 228 3.47 -18.69 3.60
C VAL A 228 2.10 -18.57 2.95
N VAL A 229 1.21 -19.52 3.25
CA VAL A 229 -0.16 -19.43 2.75
C VAL A 229 -1.07 -18.98 3.89
N MET A 230 -1.82 -17.91 3.65
CA MET A 230 -2.77 -17.42 4.64
C MET A 230 -3.87 -18.45 4.89
N ASP A 231 -4.18 -18.69 6.16
CA ASP A 231 -5.28 -19.57 6.51
C ASP A 231 -6.60 -18.91 6.11
N PRO A 232 -7.39 -19.56 5.24
CA PRO A 232 -8.66 -19.00 4.79
C PRO A 232 -9.57 -18.65 5.96
N ALA A 233 -9.62 -19.51 6.97
CA ALA A 233 -10.50 -19.26 8.11
C ALA A 233 -10.07 -17.99 8.83
N LEU A 234 -8.77 -17.84 9.06
CA LEU A 234 -8.27 -16.63 9.73
C LEU A 234 -8.59 -15.40 8.89
N ALA A 235 -8.34 -15.48 7.59
CA ALA A 235 -8.58 -14.36 6.71
C ALA A 235 -10.06 -13.97 6.75
N ALA A 236 -10.93 -14.98 6.70
CA ALA A 236 -12.36 -14.73 6.75
C ALA A 236 -12.74 -14.06 8.06
N GLN A 237 -12.15 -14.53 9.16
CA GLN A 237 -12.45 -13.95 10.47
C GLN A 237 -12.04 -12.49 10.48
N TYR A 238 -10.85 -12.21 9.96
CA TYR A 238 -10.32 -10.85 9.95
C TYR A 238 -11.26 -9.95 9.18
N GLU A 239 -11.66 -10.41 8.00
CA GLU A 239 -12.52 -9.62 7.12
C GLU A 239 -13.87 -9.38 7.77
N HIS A 240 -14.43 -10.42 8.39
CA HIS A 240 -15.72 -10.30 9.05
C HIS A 240 -15.64 -9.29 10.19
N ASP A 241 -14.55 -9.36 10.96
CA ASP A 241 -14.39 -8.46 12.10
C ASP A 241 -14.34 -7.02 11.61
N LEU A 242 -13.60 -6.79 10.54
CA LEU A 242 -13.50 -5.45 9.96
C LEU A 242 -14.87 -4.98 9.51
N GLU A 243 -15.63 -5.87 8.87
CA GLU A 243 -16.96 -5.52 8.38
C GLU A 243 -17.86 -5.13 9.55
N VAL A 244 -17.79 -5.90 10.63
CA VAL A 244 -18.62 -5.62 11.79
C VAL A 244 -18.24 -4.27 12.37
N ALA A 245 -16.93 -3.99 12.44
CA ALA A 245 -16.48 -2.71 12.98
C ALA A 245 -17.00 -1.57 12.13
N GLN A 246 -16.96 -1.75 10.81
CA GLN A 246 -17.46 -0.73 9.89
C GLN A 246 -18.97 -0.56 10.09
N THR A 247 -19.65 -1.67 10.35
CA THR A 247 -21.10 -1.65 10.51
C THR A 247 -21.49 -0.95 11.81
N THR A 248 -20.61 -1.00 12.81
CA THR A 248 -20.92 -0.48 14.13
C THR A 248 -21.32 0.99 14.06
N ALA A 249 -22.39 1.35 14.77
CA ALA A 249 -22.96 2.69 14.66
C ALA A 249 -22.24 3.71 15.54
N LEU A 250 -20.95 3.94 15.26
CA LEU A 250 -20.21 5.00 15.92
C LEU A 250 -19.61 5.94 14.89
N PRO A 251 -19.52 7.24 15.20
CA PRO A 251 -18.96 8.20 14.25
C PRO A 251 -17.57 7.80 13.78
N ASP A 252 -16.83 7.09 14.63
CA ASP A 252 -15.51 6.58 14.26
C ASP A 252 -15.35 5.14 14.76
N GLU A 253 -14.25 4.50 14.39
CA GLU A 253 -13.95 3.17 14.91
C GLU A 253 -13.89 3.20 16.43
N ASP A 254 -13.38 4.29 16.98
CA ASP A 254 -13.37 4.50 18.42
C ASP A 254 -13.75 5.95 18.75
N ASP A 255 -14.43 6.15 19.86
CA ASP A 255 -14.72 7.51 20.30
C ASP A 255 -13.51 8.09 21.03
N ASP A 256 -12.40 8.17 20.31
CA ASP A 256 -11.13 8.60 20.89
C ASP A 256 -11.20 10.07 21.30
N LEU A 257 -12.01 10.85 20.59
CA LEU A 257 -12.10 12.28 20.83
C LEU A 257 -13.51 12.69 21.24
N MET A 42 -5.02 2.04 -18.20
CA MET A 42 -5.77 3.30 -18.12
C MET A 42 -5.98 3.76 -19.52
N ALA A 43 -4.90 4.23 -20.16
CA ALA A 43 -4.99 4.67 -21.51
C ALA A 43 -4.04 3.89 -22.33
N ALA A 44 -4.46 2.65 -22.69
CA ALA A 44 -3.63 1.82 -23.54
C ALA A 44 -4.12 1.97 -24.95
N GLN A 45 -5.28 2.65 -25.14
CA GLN A 45 -5.86 2.90 -26.41
C GLN A 45 -5.45 4.29 -26.76
N GLY A 46 -4.57 4.37 -27.78
CA GLY A 46 -4.10 5.62 -28.29
C GLY A 46 -2.90 6.18 -27.59
N GLU A 47 -3.13 6.62 -26.34
CA GLU A 47 -2.15 7.27 -25.47
C GLU A 47 -1.07 6.27 -25.06
N PRO A 48 0.16 6.73 -24.82
CA PRO A 48 1.22 5.84 -24.38
C PRO A 48 0.87 5.21 -23.04
N GLN A 49 1.39 4.03 -22.74
CA GLN A 49 0.98 3.33 -21.53
C GLN A 49 1.10 4.26 -20.33
N VAL A 50 0.07 4.27 -19.48
CA VAL A 50 0.01 5.23 -18.38
C VAL A 50 0.87 4.74 -17.22
N GLN A 51 1.81 5.58 -16.80
CA GLN A 51 2.67 5.27 -15.67
C GLN A 51 2.36 6.20 -14.50
N PHE A 52 2.20 5.64 -13.31
CA PHE A 52 2.05 6.44 -12.10
C PHE A 52 3.24 6.22 -11.18
N LYS A 53 3.87 7.30 -10.74
CA LYS A 53 4.96 7.18 -9.78
C LYS A 53 4.40 6.86 -8.40
N LEU A 54 4.71 5.65 -7.92
CA LEU A 54 4.17 5.18 -6.65
C LEU A 54 5.23 5.27 -5.55
N VAL A 55 4.87 5.95 -4.46
CA VAL A 55 5.74 6.05 -3.31
C VAL A 55 5.22 5.15 -2.20
N LEU A 56 6.07 4.20 -1.77
CA LEU A 56 5.71 3.29 -0.69
C LEU A 56 6.44 3.70 0.59
N VAL A 57 5.69 3.91 1.66
CA VAL A 57 6.28 4.41 2.89
C VAL A 57 5.93 3.52 4.07
N GLY A 58 6.89 3.30 4.96
CA GLY A 58 6.68 2.45 6.11
C GLY A 58 7.92 2.36 6.99
N ASP A 59 7.90 1.50 7.99
CA ASP A 59 9.08 1.25 8.82
C ASP A 59 9.75 -0.06 8.42
N GLY A 60 10.98 -0.26 8.86
CA GLY A 60 11.63 -1.55 8.64
C GLY A 60 10.91 -2.65 9.39
N GLY A 61 10.75 -3.81 8.77
CA GLY A 61 9.98 -4.88 9.37
C GLY A 61 8.51 -4.86 9.02
N THR A 62 8.08 -3.91 8.17
CA THR A 62 6.72 -3.92 7.67
C THR A 62 6.54 -4.96 6.57
N GLY A 63 7.63 -5.32 5.89
CA GLY A 63 7.54 -6.22 4.75
C GLY A 63 7.23 -5.49 3.46
N LYS A 64 7.36 -4.16 3.49
CA LYS A 64 7.00 -3.33 2.33
C LYS A 64 7.80 -3.74 1.10
N THR A 65 9.10 -3.97 1.29
CA THR A 65 9.95 -4.42 0.19
C THR A 65 9.52 -5.80 -0.30
N THR A 66 9.14 -6.67 0.63
CA THR A 66 8.65 -7.99 0.26
C THR A 66 7.44 -7.86 -0.66
N PHE A 67 6.59 -6.88 -0.38
CA PHE A 67 5.40 -6.67 -1.19
C PHE A 67 5.84 -6.46 -2.64
N VAL A 68 6.85 -5.64 -2.82
CA VAL A 68 7.39 -5.36 -4.15
C VAL A 68 7.98 -6.63 -4.74
N LYS A 69 8.68 -7.40 -3.92
CA LYS A 69 9.37 -8.59 -4.38
C LYS A 69 8.38 -9.57 -5.02
N ARG A 70 7.14 -9.54 -4.56
CA ARG A 70 6.11 -10.42 -5.09
C ARG A 70 5.91 -10.22 -6.60
N HIS A 71 6.01 -8.98 -7.06
CA HIS A 71 5.71 -8.69 -8.45
C HIS A 71 6.90 -9.01 -9.35
N LEU A 72 6.78 -10.08 -10.14
CA LEU A 72 7.91 -10.58 -10.92
C LEU A 72 8.42 -9.52 -11.90
N THR A 73 7.51 -8.85 -12.59
CA THR A 73 7.91 -7.86 -13.59
C THR A 73 8.72 -6.76 -12.93
N GLY A 74 8.30 -6.33 -11.75
CA GLY A 74 9.04 -5.31 -11.02
C GLY A 74 10.46 -5.74 -10.70
N GLU A 75 10.64 -7.03 -10.40
CA GLU A 75 11.97 -7.58 -10.20
C GLU A 75 12.75 -7.58 -11.51
N PHE A 76 12.09 -8.04 -12.58
CA PHE A 76 12.75 -8.22 -13.87
C PHE A 76 13.21 -6.87 -14.42
N GLU A 77 12.37 -5.86 -14.29
CA GLU A 77 12.67 -4.54 -14.83
C GLU A 77 13.28 -3.63 -13.79
N LYS A 78 13.80 -4.20 -12.70
CA LYS A 78 14.33 -3.39 -11.61
C LYS A 78 15.35 -2.37 -12.12
N LYS A 79 15.16 -1.13 -11.70
CA LYS A 79 16.11 -0.06 -11.99
C LYS A 79 16.52 0.63 -10.68
N TYR A 80 17.65 1.32 -10.69
CA TYR A 80 18.08 2.05 -9.50
C TYR A 80 18.44 3.49 -9.83
N VAL A 81 18.05 4.41 -8.96
CA VAL A 81 18.45 5.81 -9.11
C VAL A 81 19.45 6.17 -8.02
N ALA A 82 20.70 6.44 -8.43
CA ALA A 82 21.76 6.76 -7.48
C ALA A 82 21.49 8.11 -6.81
N THR A 83 21.06 9.09 -7.59
CA THR A 83 20.89 10.45 -7.08
C THR A 83 19.95 10.44 -5.87
N LEU A 84 18.80 9.78 -6.01
CA LEU A 84 17.86 9.64 -4.91
C LEU A 84 18.30 8.56 -3.92
N GLY A 85 19.04 7.56 -4.40
CA GLY A 85 19.36 6.42 -3.56
C GLY A 85 18.17 5.47 -3.46
N VAL A 86 17.33 5.48 -4.49
CA VAL A 86 16.07 4.75 -4.45
C VAL A 86 15.97 3.74 -5.59
N GLU A 87 15.51 2.53 -5.28
CA GLU A 87 15.23 1.53 -6.29
C GLU A 87 13.94 1.86 -7.04
N VAL A 88 13.93 1.57 -8.34
CA VAL A 88 12.72 1.73 -9.15
C VAL A 88 12.22 0.36 -9.58
N HIS A 89 10.96 0.07 -9.26
CA HIS A 89 10.35 -1.19 -9.67
C HIS A 89 9.05 -0.95 -10.43
N PRO A 90 9.06 -1.06 -11.75
CA PRO A 90 7.84 -0.87 -12.53
C PRO A 90 6.87 -2.03 -12.27
N LEU A 91 5.67 -1.72 -11.75
CA LEU A 91 4.69 -2.76 -11.52
C LEU A 91 3.49 -2.57 -12.46
N VAL A 92 3.29 -3.53 -13.36
CA VAL A 92 2.24 -3.40 -14.36
C VAL A 92 1.03 -4.23 -13.93
N PHE A 93 -0.13 -3.61 -13.93
CA PHE A 93 -1.37 -4.32 -13.64
C PHE A 93 -2.37 -4.14 -14.79
N HIS A 94 -2.98 -5.25 -15.20
CA HIS A 94 -3.84 -5.23 -16.39
C HIS A 94 -5.29 -4.97 -15.97
N THR A 95 -5.80 -3.80 -16.33
CA THR A 95 -7.11 -3.37 -15.87
C THR A 95 -8.09 -3.35 -17.03
N ASN A 96 -9.37 -3.12 -16.72
CA ASN A 96 -10.38 -2.94 -17.76
C ASN A 96 -10.01 -1.81 -18.70
N ARG A 97 -9.46 -0.73 -18.16
CA ARG A 97 -8.99 0.39 -18.97
C ARG A 97 -7.79 -0.05 -19.81
N GLY A 98 -6.96 -0.93 -19.25
CA GLY A 98 -5.74 -1.36 -19.90
C GLY A 98 -4.60 -1.53 -18.91
N PRO A 99 -3.41 -1.89 -19.38
CA PRO A 99 -2.26 -2.06 -18.49
C PRO A 99 -1.87 -0.74 -17.85
N ILE A 100 -1.75 -0.72 -16.53
CA ILE A 100 -1.28 0.47 -15.83
C ILE A 100 0.04 0.15 -15.13
N LYS A 101 1.08 0.90 -15.47
CA LYS A 101 2.37 0.72 -14.84
C LYS A 101 2.51 1.61 -13.61
N PHE A 102 2.78 1.00 -12.46
CA PHE A 102 3.06 1.75 -11.24
C PHE A 102 4.56 1.75 -11.00
N ASN A 103 5.19 2.92 -11.18
CA ASN A 103 6.63 3.03 -11.00
C ASN A 103 6.94 3.13 -9.52
N VAL A 104 7.17 1.98 -8.90
CA VAL A 104 7.34 1.92 -7.44
C VAL A 104 8.73 2.40 -7.05
N TRP A 105 8.76 3.35 -6.11
CA TRP A 105 10.02 3.84 -5.55
C TRP A 105 10.27 3.19 -4.20
N ASP A 106 11.37 2.45 -4.08
CA ASP A 106 11.74 1.84 -2.81
C ASP A 106 13.07 2.39 -2.30
N THR A 107 13.03 3.10 -1.17
CA THR A 107 14.24 3.70 -0.61
C THR A 107 15.23 2.60 -0.23
N ALA A 108 16.50 2.82 -0.54
CA ALA A 108 17.52 1.81 -0.24
C ALA A 108 17.94 1.87 1.22
N GLY A 109 17.04 1.48 2.12
CA GLY A 109 17.35 1.39 3.54
C GLY A 109 17.22 2.72 4.27
N GLN A 110 16.84 3.76 3.55
CA GLN A 110 16.79 5.10 4.12
C GLN A 110 15.80 5.15 5.29
N GLU A 111 14.70 4.41 5.18
CA GLU A 111 13.71 4.37 6.24
C GLU A 111 14.33 3.87 7.53
N LYS A 112 15.18 2.85 7.43
CA LYS A 112 15.88 2.33 8.60
C LYS A 112 16.80 3.39 9.19
N PHE A 113 17.41 4.19 8.31
CA PHE A 113 18.24 5.30 8.76
C PHE A 113 17.41 6.33 9.51
N GLY A 114 16.20 6.58 9.04
CA GLY A 114 15.37 7.62 9.62
C GLY A 114 14.36 8.21 8.65
N GLY A 115 14.10 9.50 8.76
CA GLY A 115 13.19 10.16 7.85
C GLY A 115 13.70 10.16 6.42
N LEU A 116 12.79 10.38 5.46
CA LEU A 116 13.13 10.27 4.05
C LEU A 116 13.35 11.64 3.43
N ARG A 117 14.35 11.74 2.55
CA ARG A 117 14.62 12.99 1.85
C ARG A 117 13.46 13.37 0.93
N ASP A 118 13.20 14.67 0.80
CA ASP A 118 12.06 15.15 0.04
C ASP A 118 12.05 14.59 -1.37
N GLY A 119 13.24 14.40 -1.95
CA GLY A 119 13.32 13.93 -3.32
C GLY A 119 12.54 12.65 -3.55
N TYR A 120 12.60 11.73 -2.59
CA TYR A 120 11.88 10.47 -2.70
C TYR A 120 10.38 10.72 -2.80
N TYR A 121 9.87 11.65 -1.99
CA TYR A 121 8.45 11.97 -2.00
C TYR A 121 8.07 12.76 -3.24
N ILE A 122 9.02 13.53 -3.78
CA ILE A 122 8.72 14.44 -4.89
C ILE A 122 8.14 13.68 -6.07
N GLN A 123 7.10 14.24 -6.66
CA GLN A 123 6.40 13.61 -7.77
C GLN A 123 5.74 12.29 -7.36
N ALA A 124 5.25 12.22 -6.13
CA ALA A 124 4.50 11.06 -5.68
C ALA A 124 3.09 11.09 -6.28
N GLN A 125 2.95 10.67 -7.53
CA GLN A 125 1.64 10.59 -8.16
C GLN A 125 0.72 9.71 -7.34
N CYS A 126 1.30 8.68 -6.73
CA CYS A 126 0.54 7.77 -5.88
C CYS A 126 1.30 7.53 -4.57
N ALA A 127 0.57 7.25 -3.49
CA ALA A 127 1.22 6.95 -2.23
C ALA A 127 0.56 5.79 -1.50
N ILE A 128 1.37 4.88 -0.98
CA ILE A 128 0.87 3.81 -0.10
C ILE A 128 1.72 3.77 1.17
N ILE A 129 1.08 3.87 2.32
CA ILE A 129 1.79 3.80 3.59
C ILE A 129 1.36 2.54 4.34
N MET A 130 2.33 1.77 4.83
CA MET A 130 2.05 0.47 5.43
C MET A 130 2.52 0.43 6.88
N PHE A 131 1.75 -0.22 7.75
CA PHE A 131 2.17 -0.41 9.13
C PHE A 131 2.15 -1.88 9.52
N ASP A 132 3.10 -2.28 10.35
CA ASP A 132 3.11 -3.64 10.90
C ASP A 132 1.99 -3.79 11.91
N VAL A 133 1.07 -4.72 11.67
CA VAL A 133 -0.11 -4.86 12.52
C VAL A 133 0.30 -5.17 13.96
N THR A 134 1.36 -5.95 14.13
CA THR A 134 1.85 -6.27 15.46
C THR A 134 2.48 -5.05 16.11
N SER A 135 3.16 -4.22 15.33
CA SER A 135 3.92 -3.12 15.91
C SER A 135 3.08 -1.86 16.09
N ARG A 136 2.72 -1.58 17.34
CA ARG A 136 2.02 -0.35 17.67
C ARG A 136 2.88 0.86 17.36
N VAL A 137 4.18 0.72 17.59
CA VAL A 137 5.13 1.80 17.29
C VAL A 137 5.02 2.16 15.82
N THR A 138 4.94 1.16 14.96
CA THR A 138 4.86 1.42 13.52
C THR A 138 3.56 2.14 13.19
N TYR A 139 2.47 1.73 13.84
CA TYR A 139 1.19 2.41 13.66
C TYR A 139 1.32 3.88 14.07
N LYS A 140 2.02 4.13 15.16
CA LYS A 140 2.25 5.49 15.63
C LYS A 140 3.07 6.28 14.63
N ASN A 141 3.94 5.57 13.91
CA ASN A 141 4.81 6.19 12.93
C ASN A 141 4.05 6.60 11.66
N VAL A 142 2.92 5.93 11.39
CA VAL A 142 2.20 6.16 10.16
C VAL A 142 1.85 7.64 10.00
N PRO A 143 1.26 8.26 11.02
CA PRO A 143 0.92 9.68 10.95
C PRO A 143 2.13 10.53 10.58
N ASN A 144 3.29 10.15 11.10
CA ASN A 144 4.52 10.91 10.86
C ASN A 144 4.91 10.82 9.39
N TRP A 145 4.87 9.60 8.85
CA TRP A 145 5.20 9.39 7.44
C TRP A 145 4.19 10.14 6.58
N HIS A 146 2.92 10.06 6.95
CA HIS A 146 1.86 10.78 6.26
C HIS A 146 2.17 12.28 6.25
N ARG A 147 2.62 12.80 7.40
CA ARG A 147 2.89 14.23 7.51
C ARG A 147 3.98 14.64 6.53
N ASP A 148 5.05 13.87 6.47
CA ASP A 148 6.15 14.17 5.55
C ASP A 148 5.67 14.10 4.12
N LEU A 149 4.89 13.07 3.82
CA LEU A 149 4.38 12.87 2.46
C LEU A 149 3.53 14.07 2.05
N VAL A 150 2.62 14.47 2.92
CA VAL A 150 1.72 15.58 2.62
C VAL A 150 2.54 16.86 2.47
N ARG A 151 3.57 17.02 3.29
CA ARG A 151 4.38 18.23 3.24
C ARG A 151 4.98 18.39 1.85
N VAL A 152 5.48 17.29 1.29
CA VAL A 152 6.14 17.34 -0.01
C VAL A 152 5.11 17.40 -1.14
N CYS A 153 4.11 16.52 -1.10
CA CYS A 153 3.15 16.43 -2.19
C CYS A 153 1.71 16.51 -1.70
N GLU A 154 0.86 17.18 -2.45
CA GLU A 154 -0.52 17.42 -2.04
C GLU A 154 -1.50 17.06 -3.15
N ASN A 155 -2.75 16.78 -2.78
CA ASN A 155 -3.75 16.34 -3.74
C ASN A 155 -3.37 15.02 -4.39
N ILE A 156 -2.79 14.12 -3.59
CA ILE A 156 -2.33 12.83 -4.10
C ILE A 156 -3.03 11.70 -3.35
N PRO A 157 -3.56 10.70 -4.06
CA PRO A 157 -4.22 9.59 -3.37
C PRO A 157 -3.28 8.84 -2.44
N ILE A 158 -3.74 8.60 -1.22
CA ILE A 158 -2.93 7.91 -0.23
C ILE A 158 -3.64 6.62 0.20
N VAL A 159 -2.91 5.51 0.14
CA VAL A 159 -3.47 4.21 0.48
C VAL A 159 -2.82 3.72 1.76
N LEU A 160 -3.61 3.52 2.81
CA LEU A 160 -3.08 3.13 4.11
C LEU A 160 -3.35 1.66 4.37
N CYS A 161 -2.30 0.87 4.57
CA CYS A 161 -2.47 -0.58 4.70
C CYS A 161 -1.78 -1.14 5.94
N GLY A 162 -2.44 -2.11 6.57
CA GLY A 162 -1.82 -2.86 7.64
C GLY A 162 -1.21 -4.15 7.11
N ASN A 163 0.05 -4.39 7.40
CA ASN A 163 0.78 -5.51 6.80
C ASN A 163 1.14 -6.57 7.82
N LYS A 164 1.39 -7.79 7.35
CA LYS A 164 1.86 -8.87 8.20
C LYS A 164 0.76 -9.43 9.10
N VAL A 165 -0.48 -9.30 8.64
CA VAL A 165 -1.63 -9.86 9.36
C VAL A 165 -1.45 -11.37 9.51
N ASP A 166 -0.55 -11.94 8.71
CA ASP A 166 -0.22 -13.35 8.82
C ASP A 166 0.05 -13.74 10.27
N ILE A 167 0.61 -12.80 11.05
CA ILE A 167 0.86 -13.07 12.46
C ILE A 167 -0.45 -12.97 13.24
N LYS A 168 -0.80 -14.03 13.96
CA LYS A 168 -2.06 -14.10 14.69
C LYS A 168 -2.15 -12.99 15.74
N ASP A 169 -1.00 -12.65 16.34
CA ASP A 169 -0.98 -11.61 17.36
C ASP A 169 -1.04 -10.23 16.74
N ARG A 170 -2.21 -9.87 16.22
CA ARG A 170 -2.42 -8.54 15.65
C ARG A 170 -2.73 -7.54 16.74
N LYS A 171 -1.71 -6.83 17.21
CA LYS A 171 -1.87 -5.89 18.32
C LYS A 171 -2.68 -4.67 17.90
N VAL A 172 -2.48 -4.20 16.67
CA VAL A 172 -3.25 -3.08 16.16
C VAL A 172 -4.52 -3.60 15.49
N LYS A 173 -5.67 -3.25 16.04
CA LYS A 173 -6.95 -3.79 15.59
C LYS A 173 -7.86 -2.67 15.09
N ALA A 174 -8.98 -3.05 14.47
CA ALA A 174 -9.86 -2.07 13.85
C ALA A 174 -10.20 -0.94 14.82
N LYS A 175 -10.45 -1.30 16.08
CA LYS A 175 -10.81 -0.31 17.09
C LYS A 175 -9.69 0.70 17.29
N SER A 176 -8.45 0.22 17.32
CA SER A 176 -7.30 1.10 17.45
C SER A 176 -7.01 1.86 16.16
N ILE A 177 -7.52 1.34 15.05
CA ILE A 177 -7.30 1.99 13.76
C ILE A 177 -8.27 3.17 13.63
N VAL A 178 -7.76 4.37 13.89
CA VAL A 178 -8.59 5.57 13.88
C VAL A 178 -7.99 6.62 12.95
N PHE A 179 -6.66 6.63 12.83
CA PHE A 179 -5.98 7.63 12.03
C PHE A 179 -6.57 7.66 10.63
N HIS A 180 -6.86 6.48 10.11
CA HIS A 180 -7.37 6.33 8.75
C HIS A 180 -8.67 7.11 8.59
N ARG A 181 -9.59 6.93 9.54
CA ARG A 181 -10.85 7.65 9.51
C ARG A 181 -10.59 9.15 9.64
N LYS A 182 -9.67 9.51 10.52
CA LYS A 182 -9.42 10.91 10.82
C LYS A 182 -8.92 11.64 9.57
N LYS A 183 -8.13 10.95 8.76
CA LYS A 183 -7.62 11.53 7.53
C LYS A 183 -8.53 11.23 6.34
N ASN A 184 -9.59 10.47 6.58
CA ASN A 184 -10.49 10.06 5.51
C ASN A 184 -9.76 9.24 4.46
N LEU A 185 -8.79 8.45 4.91
CA LEU A 185 -8.05 7.55 4.02
C LEU A 185 -8.43 6.11 4.28
N GLN A 186 -8.67 5.36 3.21
CA GLN A 186 -9.16 3.98 3.33
C GLN A 186 -8.11 3.07 3.94
N TYR A 187 -8.56 2.14 4.78
CA TYR A 187 -7.68 1.12 5.33
C TYR A 187 -7.71 -0.14 4.48
N TYR A 188 -6.54 -0.77 4.31
CA TYR A 188 -6.46 -2.02 3.57
C TYR A 188 -5.67 -3.06 4.37
N ASP A 189 -6.15 -4.29 4.40
CA ASP A 189 -5.47 -5.36 5.13
C ASP A 189 -4.69 -6.26 4.19
N ILE A 190 -3.36 -6.21 4.28
CA ILE A 190 -2.51 -6.95 3.36
C ILE A 190 -1.47 -7.74 4.13
N SER A 191 -1.06 -8.89 3.62
CA SER A 191 0.04 -9.63 4.23
C SER A 191 1.04 -10.08 3.17
N ALA A 192 2.14 -9.35 3.03
CA ALA A 192 3.11 -9.59 1.96
C ALA A 192 3.69 -11.01 2.05
N LYS A 193 3.99 -11.45 3.28
CA LYS A 193 4.61 -12.75 3.47
C LYS A 193 3.72 -13.86 2.88
N SER A 194 2.41 -13.68 2.99
CA SER A 194 1.47 -14.66 2.44
C SER A 194 0.98 -14.23 1.07
N ASN A 195 1.38 -13.04 0.62
CA ASN A 195 0.85 -12.48 -0.62
C ASN A 195 -0.65 -12.26 -0.48
N TYR A 196 -1.11 -11.96 0.72
CA TYR A 196 -2.53 -11.72 0.97
C TYR A 196 -2.94 -10.33 0.52
N ASN A 197 -3.97 -10.28 -0.32
CA ASN A 197 -4.54 -9.00 -0.76
C ASN A 197 -3.52 -8.16 -1.52
N PHE A 198 -2.67 -8.82 -2.30
CA PHE A 198 -1.62 -8.11 -3.03
C PHE A 198 -2.20 -7.04 -3.94
N GLU A 199 -3.24 -7.43 -4.68
CA GLU A 199 -3.83 -6.57 -5.70
C GLU A 199 -4.67 -5.45 -5.10
N LYS A 200 -5.20 -5.66 -3.90
CA LYS A 200 -6.18 -4.74 -3.34
C LYS A 200 -5.73 -3.30 -3.31
N PRO A 201 -4.59 -2.98 -2.67
CA PRO A 201 -4.12 -1.60 -2.60
C PRO A 201 -3.92 -1.00 -3.99
N PHE A 202 -3.38 -1.79 -4.90
CA PHE A 202 -3.10 -1.31 -6.25
C PHE A 202 -4.39 -1.00 -6.98
N LEU A 203 -5.36 -1.90 -6.90
CA LEU A 203 -6.61 -1.74 -7.63
C LEU A 203 -7.35 -0.50 -7.15
N TRP A 204 -7.46 -0.35 -5.84
CA TRP A 204 -8.10 0.83 -5.27
C TRP A 204 -7.35 2.10 -5.63
N LEU A 205 -6.02 2.05 -5.57
CA LEU A 205 -5.21 3.20 -5.96
C LEU A 205 -5.51 3.59 -7.40
N ALA A 206 -5.56 2.60 -8.28
CA ALA A 206 -5.85 2.85 -9.69
C ALA A 206 -7.25 3.43 -9.84
N ARG A 207 -8.20 2.88 -9.09
CA ARG A 207 -9.57 3.37 -9.12
C ARG A 207 -9.62 4.84 -8.71
N LYS A 208 -8.84 5.19 -7.70
CA LYS A 208 -8.77 6.58 -7.25
C LYS A 208 -8.21 7.45 -8.37
N LEU A 209 -7.11 7.01 -8.96
CA LEU A 209 -6.39 7.80 -9.95
C LEU A 209 -7.28 8.05 -11.16
N ILE A 210 -7.89 7.00 -11.68
CA ILE A 210 -8.74 7.10 -12.86
C ILE A 210 -10.05 7.80 -12.48
N GLY A 211 -10.52 7.57 -11.25
CA GLY A 211 -11.84 8.04 -10.86
C GLY A 211 -12.91 7.03 -11.20
N ASP A 212 -12.49 5.81 -11.53
CA ASP A 212 -13.40 4.77 -12.00
C ASP A 212 -13.67 3.74 -10.90
N PRO A 213 -14.81 3.84 -10.21
CA PRO A 213 -15.16 2.91 -9.15
C PRO A 213 -15.33 1.48 -9.65
N ASN A 214 -15.68 1.35 -10.93
CA ASN A 214 -16.01 0.06 -11.50
C ASN A 214 -14.79 -0.60 -12.13
N LEU A 215 -13.62 -0.02 -11.92
CA LEU A 215 -12.39 -0.57 -12.51
C LEU A 215 -12.09 -1.95 -11.92
N GLU A 216 -11.70 -2.88 -12.78
CA GLU A 216 -11.33 -4.23 -12.34
C GLU A 216 -10.02 -4.68 -12.98
N PHE A 217 -9.23 -5.43 -12.24
CA PHE A 217 -8.03 -6.04 -12.80
C PHE A 217 -8.41 -7.25 -13.65
N VAL A 218 -8.44 -7.05 -14.96
CA VAL A 218 -8.87 -8.10 -15.88
C VAL A 218 -7.85 -9.24 -15.86
N ALA A 219 -6.57 -8.90 -15.83
CA ALA A 219 -5.53 -9.92 -15.85
C ALA A 219 -4.49 -9.67 -14.75
N MET A 220 -3.95 -10.74 -14.20
CA MET A 220 -3.03 -10.63 -13.08
C MET A 220 -1.59 -10.85 -13.52
N PRO A 221 -0.69 -9.91 -13.22
CA PRO A 221 0.72 -10.05 -13.58
C PRO A 221 1.38 -11.22 -12.84
N ALA A 222 2.42 -11.79 -13.41
CA ALA A 222 3.07 -12.94 -12.81
C ALA A 222 3.63 -12.59 -11.43
N LEU A 223 3.32 -13.41 -10.44
CA LEU A 223 3.73 -13.13 -9.06
C LEU A 223 4.58 -14.26 -8.51
N ALA A 224 5.65 -13.92 -7.78
CA ALA A 224 6.48 -14.91 -7.12
C ALA A 224 5.68 -15.64 -6.05
N PRO A 225 5.99 -16.92 -5.79
CA PRO A 225 5.27 -17.69 -4.80
C PRO A 225 5.35 -17.09 -3.39
N PRO A 226 4.25 -17.16 -2.64
CA PRO A 226 4.21 -16.62 -1.28
C PRO A 226 5.12 -17.39 -0.32
N GLU A 227 5.67 -16.71 0.67
CA GLU A 227 6.48 -17.38 1.68
C GLU A 227 5.62 -18.32 2.53
N VAL A 228 4.43 -17.85 2.89
CA VAL A 228 3.47 -18.69 3.60
C VAL A 228 2.10 -18.57 2.95
N VAL A 229 1.21 -19.52 3.25
CA VAL A 229 -0.16 -19.43 2.75
C VAL A 229 -1.07 -18.98 3.89
N MET A 230 -1.82 -17.91 3.65
CA MET A 230 -2.77 -17.42 4.64
C MET A 230 -3.87 -18.45 4.89
N ASP A 231 -4.18 -18.69 6.16
CA ASP A 231 -5.28 -19.57 6.51
C ASP A 231 -6.60 -18.91 6.11
N PRO A 232 -7.39 -19.56 5.24
CA PRO A 232 -8.66 -19.00 4.79
C PRO A 232 -9.57 -18.65 5.96
N ALA A 233 -9.62 -19.51 6.97
CA ALA A 233 -10.50 -19.26 8.11
C ALA A 233 -10.07 -17.99 8.83
N LEU A 234 -8.77 -17.84 9.06
CA LEU A 234 -8.27 -16.63 9.73
C LEU A 234 -8.59 -15.40 8.89
N ALA A 235 -8.34 -15.48 7.59
CA ALA A 235 -8.58 -14.36 6.71
C ALA A 235 -10.06 -13.97 6.75
N ALA A 236 -10.93 -14.98 6.70
CA ALA A 236 -12.36 -14.73 6.75
C ALA A 236 -12.74 -14.06 8.06
N GLN A 237 -12.15 -14.53 9.16
CA GLN A 237 -12.45 -13.95 10.47
C GLN A 237 -12.04 -12.49 10.48
N TYR A 238 -10.85 -12.21 9.96
CA TYR A 238 -10.32 -10.85 9.95
C TYR A 238 -11.26 -9.95 9.18
N GLU A 239 -11.66 -10.41 8.00
CA GLU A 239 -12.52 -9.62 7.12
C GLU A 239 -13.87 -9.38 7.77
N HIS A 240 -14.43 -10.42 8.39
CA HIS A 240 -15.72 -10.30 9.05
C HIS A 240 -15.64 -9.29 10.19
N ASP A 241 -14.55 -9.36 10.96
CA ASP A 241 -14.39 -8.46 12.10
C ASP A 241 -14.34 -7.02 11.61
N LEU A 242 -13.60 -6.79 10.54
CA LEU A 242 -13.50 -5.45 9.96
C LEU A 242 -14.87 -4.98 9.51
N GLU A 243 -15.63 -5.87 8.87
CA GLU A 243 -16.96 -5.52 8.38
C GLU A 243 -17.86 -5.13 9.55
N VAL A 244 -17.79 -5.90 10.63
CA VAL A 244 -18.62 -5.62 11.79
C VAL A 244 -18.24 -4.27 12.37
N ALA A 245 -16.93 -3.99 12.44
CA ALA A 245 -16.48 -2.71 12.98
C ALA A 245 -17.00 -1.57 12.13
N GLN A 246 -16.96 -1.75 10.81
CA GLN A 246 -17.46 -0.73 9.89
C GLN A 246 -18.97 -0.56 10.09
N THR A 247 -19.65 -1.67 10.35
CA THR A 247 -21.10 -1.65 10.51
C THR A 247 -21.49 -0.95 11.81
N THR A 248 -20.61 -1.00 12.81
CA THR A 248 -20.92 -0.48 14.13
C THR A 248 -21.32 0.99 14.06
N ALA A 249 -22.39 1.35 14.77
CA ALA A 249 -22.96 2.69 14.66
C ALA A 249 -22.24 3.71 15.54
N LEU A 250 -20.95 3.94 15.26
CA LEU A 250 -20.21 5.00 15.92
C LEU A 250 -19.61 5.94 14.89
N PRO A 251 -19.52 7.24 15.20
CA PRO A 251 -18.96 8.20 14.25
C PRO A 251 -17.57 7.80 13.78
N ASP A 252 -16.83 7.09 14.63
CA ASP A 252 -15.51 6.58 14.26
C ASP A 252 -15.35 5.14 14.76
N GLU A 253 -14.25 4.50 14.39
CA GLU A 253 -13.95 3.17 14.91
C GLU A 253 -13.89 3.20 16.43
N ASP A 254 -13.38 4.29 16.98
CA ASP A 254 -13.37 4.50 18.42
C ASP A 254 -13.75 5.95 18.75
N ASP A 255 -14.43 6.15 19.86
CA ASP A 255 -14.72 7.51 20.30
C ASP A 255 -13.51 8.09 21.03
N ASP A 256 -12.40 8.17 20.31
CA ASP A 256 -11.13 8.60 20.89
C ASP A 256 -11.20 10.07 21.30
N LEU A 257 -12.01 10.85 20.59
CA LEU A 257 -12.10 12.28 20.83
C LEU A 257 -13.51 12.69 21.24
N MET A 42 -5.69 2.78 -19.45
CA MET A 42 -5.94 3.93 -20.35
C MET A 42 -4.99 3.94 -21.50
N ALA A 43 -4.53 2.74 -21.88
CA ALA A 43 -3.62 2.56 -22.98
C ALA A 43 -4.40 2.18 -24.22
N ALA A 44 -5.73 1.98 -24.08
CA ALA A 44 -6.61 1.60 -25.15
C ALA A 44 -7.26 2.82 -25.73
N GLN A 45 -6.82 4.04 -25.31
CA GLN A 45 -7.34 5.28 -25.82
C GLN A 45 -6.41 5.78 -26.92
N GLY A 46 -5.23 5.14 -27.14
CA GLY A 46 -4.27 5.54 -28.17
C GLY A 46 -3.05 6.24 -27.61
N GLU A 47 -3.13 6.62 -26.34
CA GLU A 47 -2.15 7.27 -25.47
C GLU A 47 -1.07 6.27 -25.06
N PRO A 48 0.16 6.73 -24.82
CA PRO A 48 1.22 5.84 -24.38
C PRO A 48 0.87 5.21 -23.04
N GLN A 49 1.39 4.03 -22.74
CA GLN A 49 0.98 3.33 -21.53
C GLN A 49 1.10 4.26 -20.33
N VAL A 50 0.07 4.27 -19.48
CA VAL A 50 0.01 5.23 -18.38
C VAL A 50 0.87 4.74 -17.22
N GLN A 51 1.81 5.58 -16.80
CA GLN A 51 2.67 5.27 -15.67
C GLN A 51 2.36 6.20 -14.50
N PHE A 52 2.20 5.64 -13.31
CA PHE A 52 2.05 6.44 -12.10
C PHE A 52 3.24 6.22 -11.18
N LYS A 53 3.87 7.30 -10.74
CA LYS A 53 4.96 7.18 -9.78
C LYS A 53 4.40 6.86 -8.40
N LEU A 54 4.71 5.65 -7.92
CA LEU A 54 4.17 5.18 -6.65
C LEU A 54 5.23 5.27 -5.55
N VAL A 55 4.87 5.95 -4.46
CA VAL A 55 5.74 6.05 -3.31
C VAL A 55 5.22 5.15 -2.20
N LEU A 56 6.07 4.20 -1.77
CA LEU A 56 5.71 3.29 -0.69
C LEU A 56 6.44 3.70 0.59
N VAL A 57 5.69 3.91 1.66
CA VAL A 57 6.28 4.41 2.89
C VAL A 57 5.93 3.52 4.07
N GLY A 58 6.89 3.30 4.96
CA GLY A 58 6.68 2.45 6.11
C GLY A 58 7.92 2.36 6.99
N ASP A 59 7.90 1.50 7.99
CA ASP A 59 9.08 1.25 8.82
C ASP A 59 9.75 -0.06 8.42
N GLY A 60 10.98 -0.26 8.86
CA GLY A 60 11.63 -1.55 8.64
C GLY A 60 10.91 -2.65 9.39
N GLY A 61 10.75 -3.81 8.77
CA GLY A 61 9.98 -4.88 9.37
C GLY A 61 8.51 -4.86 9.02
N THR A 62 8.08 -3.91 8.17
CA THR A 62 6.72 -3.92 7.67
C THR A 62 6.54 -4.96 6.57
N GLY A 63 7.63 -5.32 5.89
CA GLY A 63 7.54 -6.22 4.75
C GLY A 63 7.23 -5.49 3.46
N LYS A 64 7.36 -4.16 3.49
CA LYS A 64 7.00 -3.33 2.33
C LYS A 64 7.80 -3.74 1.10
N THR A 65 9.10 -3.97 1.29
CA THR A 65 9.95 -4.42 0.19
C THR A 65 9.52 -5.80 -0.30
N THR A 66 9.14 -6.67 0.63
CA THR A 66 8.65 -7.99 0.26
C THR A 66 7.44 -7.86 -0.66
N PHE A 67 6.59 -6.88 -0.38
CA PHE A 67 5.40 -6.67 -1.19
C PHE A 67 5.84 -6.46 -2.64
N VAL A 68 6.85 -5.64 -2.82
CA VAL A 68 7.39 -5.36 -4.15
C VAL A 68 7.98 -6.63 -4.74
N LYS A 69 8.68 -7.40 -3.92
CA LYS A 69 9.37 -8.59 -4.38
C LYS A 69 8.38 -9.57 -5.02
N ARG A 70 7.14 -9.54 -4.56
CA ARG A 70 6.11 -10.42 -5.09
C ARG A 70 5.91 -10.22 -6.60
N HIS A 71 6.01 -8.98 -7.06
CA HIS A 71 5.71 -8.69 -8.45
C HIS A 71 6.90 -9.01 -9.35
N LEU A 72 6.78 -10.08 -10.14
CA LEU A 72 7.91 -10.58 -10.92
C LEU A 72 8.42 -9.52 -11.90
N THR A 73 7.51 -8.85 -12.59
CA THR A 73 7.91 -7.86 -13.59
C THR A 73 8.72 -6.76 -12.93
N GLY A 74 8.30 -6.33 -11.75
CA GLY A 74 9.04 -5.31 -11.02
C GLY A 74 10.46 -5.74 -10.70
N GLU A 75 10.64 -7.03 -10.40
CA GLU A 75 11.97 -7.58 -10.20
C GLU A 75 12.75 -7.58 -11.51
N PHE A 76 12.09 -8.04 -12.58
CA PHE A 76 12.75 -8.22 -13.87
C PHE A 76 13.21 -6.87 -14.42
N GLU A 77 12.37 -5.86 -14.29
CA GLU A 77 12.67 -4.54 -14.83
C GLU A 77 13.28 -3.63 -13.79
N LYS A 78 13.80 -4.20 -12.70
CA LYS A 78 14.33 -3.39 -11.61
C LYS A 78 15.35 -2.37 -12.12
N LYS A 79 15.16 -1.13 -11.70
CA LYS A 79 16.11 -0.06 -11.99
C LYS A 79 16.52 0.63 -10.68
N TYR A 80 17.65 1.32 -10.69
CA TYR A 80 18.08 2.05 -9.50
C TYR A 80 18.44 3.49 -9.83
N VAL A 81 18.05 4.41 -8.96
CA VAL A 81 18.45 5.81 -9.11
C VAL A 81 19.45 6.17 -8.02
N ALA A 82 20.70 6.44 -8.43
CA ALA A 82 21.76 6.76 -7.48
C ALA A 82 21.49 8.11 -6.81
N THR A 83 21.06 9.09 -7.59
CA THR A 83 20.89 10.45 -7.08
C THR A 83 19.95 10.44 -5.87
N LEU A 84 18.80 9.78 -6.01
CA LEU A 84 17.86 9.64 -4.91
C LEU A 84 18.30 8.56 -3.92
N GLY A 85 19.04 7.56 -4.40
CA GLY A 85 19.36 6.42 -3.56
C GLY A 85 18.17 5.47 -3.46
N VAL A 86 17.33 5.48 -4.49
CA VAL A 86 16.07 4.75 -4.45
C VAL A 86 15.97 3.74 -5.59
N GLU A 87 15.51 2.53 -5.28
CA GLU A 87 15.23 1.53 -6.29
C GLU A 87 13.94 1.86 -7.04
N VAL A 88 13.93 1.57 -8.34
CA VAL A 88 12.72 1.73 -9.15
C VAL A 88 12.22 0.36 -9.58
N HIS A 89 10.96 0.07 -9.26
CA HIS A 89 10.35 -1.19 -9.67
C HIS A 89 9.05 -0.95 -10.43
N PRO A 90 9.06 -1.06 -11.75
CA PRO A 90 7.84 -0.87 -12.53
C PRO A 90 6.87 -2.03 -12.27
N LEU A 91 5.67 -1.72 -11.75
CA LEU A 91 4.69 -2.76 -11.52
C LEU A 91 3.49 -2.57 -12.46
N VAL A 92 3.29 -3.53 -13.36
CA VAL A 92 2.24 -3.40 -14.36
C VAL A 92 1.03 -4.23 -13.93
N PHE A 93 -0.13 -3.61 -13.93
CA PHE A 93 -1.37 -4.32 -13.64
C PHE A 93 -2.37 -4.14 -14.79
N HIS A 94 -2.98 -5.25 -15.20
CA HIS A 94 -3.84 -5.23 -16.39
C HIS A 94 -5.29 -4.97 -15.97
N THR A 95 -5.80 -3.80 -16.33
CA THR A 95 -7.11 -3.37 -15.87
C THR A 95 -8.09 -3.35 -17.03
N ASN A 96 -9.37 -3.12 -16.72
CA ASN A 96 -10.38 -2.94 -17.76
C ASN A 96 -10.01 -1.81 -18.70
N ARG A 97 -9.46 -0.73 -18.16
CA ARG A 97 -8.99 0.39 -18.97
C ARG A 97 -7.79 -0.05 -19.81
N GLY A 98 -6.96 -0.93 -19.25
CA GLY A 98 -5.74 -1.36 -19.90
C GLY A 98 -4.60 -1.53 -18.91
N PRO A 99 -3.41 -1.89 -19.38
CA PRO A 99 -2.26 -2.06 -18.49
C PRO A 99 -1.87 -0.74 -17.85
N ILE A 100 -1.75 -0.72 -16.53
CA ILE A 100 -1.28 0.47 -15.83
C ILE A 100 0.04 0.15 -15.13
N LYS A 101 1.08 0.90 -15.47
CA LYS A 101 2.37 0.72 -14.84
C LYS A 101 2.51 1.61 -13.61
N PHE A 102 2.78 1.00 -12.46
CA PHE A 102 3.06 1.75 -11.24
C PHE A 102 4.56 1.75 -11.00
N ASN A 103 5.19 2.92 -11.18
CA ASN A 103 6.63 3.03 -11.00
C ASN A 103 6.94 3.13 -9.52
N VAL A 104 7.17 1.98 -8.90
CA VAL A 104 7.34 1.92 -7.44
C VAL A 104 8.73 2.40 -7.05
N TRP A 105 8.76 3.35 -6.11
CA TRP A 105 10.02 3.84 -5.55
C TRP A 105 10.27 3.19 -4.20
N ASP A 106 11.37 2.45 -4.08
CA ASP A 106 11.74 1.84 -2.81
C ASP A 106 13.07 2.39 -2.30
N THR A 107 13.03 3.10 -1.17
CA THR A 107 14.24 3.70 -0.61
C THR A 107 15.23 2.60 -0.23
N ALA A 108 16.50 2.82 -0.54
CA ALA A 108 17.52 1.81 -0.24
C ALA A 108 17.94 1.87 1.22
N GLY A 109 17.04 1.48 2.12
CA GLY A 109 17.35 1.39 3.54
C GLY A 109 17.22 2.72 4.27
N GLN A 110 16.84 3.76 3.55
CA GLN A 110 16.79 5.10 4.12
C GLN A 110 15.80 5.15 5.29
N GLU A 111 14.70 4.41 5.18
CA GLU A 111 13.71 4.37 6.24
C GLU A 111 14.33 3.87 7.53
N LYS A 112 15.18 2.85 7.43
CA LYS A 112 15.88 2.33 8.60
C LYS A 112 16.80 3.39 9.19
N PHE A 113 17.41 4.19 8.31
CA PHE A 113 18.24 5.30 8.76
C PHE A 113 17.41 6.33 9.51
N GLY A 114 16.20 6.58 9.04
CA GLY A 114 15.37 7.62 9.62
C GLY A 114 14.36 8.21 8.65
N GLY A 115 14.10 9.50 8.76
CA GLY A 115 13.19 10.16 7.85
C GLY A 115 13.70 10.16 6.42
N LEU A 116 12.79 10.38 5.46
CA LEU A 116 13.13 10.27 4.05
C LEU A 116 13.35 11.64 3.43
N ARG A 117 14.35 11.74 2.55
CA ARG A 117 14.62 12.99 1.85
C ARG A 117 13.46 13.37 0.93
N ASP A 118 13.20 14.67 0.80
CA ASP A 118 12.06 15.15 0.04
C ASP A 118 12.05 14.59 -1.37
N GLY A 119 13.24 14.40 -1.95
CA GLY A 119 13.32 13.93 -3.32
C GLY A 119 12.54 12.65 -3.55
N TYR A 120 12.60 11.73 -2.59
CA TYR A 120 11.88 10.47 -2.70
C TYR A 120 10.38 10.72 -2.80
N TYR A 121 9.87 11.65 -1.99
CA TYR A 121 8.45 11.97 -2.00
C TYR A 121 8.07 12.76 -3.24
N ILE A 122 9.02 13.53 -3.78
CA ILE A 122 8.72 14.44 -4.89
C ILE A 122 8.14 13.68 -6.07
N GLN A 123 7.10 14.24 -6.66
CA GLN A 123 6.40 13.61 -7.77
C GLN A 123 5.74 12.29 -7.36
N ALA A 124 5.25 12.22 -6.13
CA ALA A 124 4.50 11.06 -5.68
C ALA A 124 3.09 11.09 -6.28
N GLN A 125 2.95 10.67 -7.53
CA GLN A 125 1.64 10.59 -8.16
C GLN A 125 0.72 9.71 -7.34
N CYS A 126 1.30 8.68 -6.73
CA CYS A 126 0.54 7.77 -5.88
C CYS A 126 1.30 7.53 -4.57
N ALA A 127 0.57 7.25 -3.49
CA ALA A 127 1.22 6.95 -2.23
C ALA A 127 0.56 5.79 -1.50
N ILE A 128 1.37 4.88 -0.98
CA ILE A 128 0.87 3.81 -0.10
C ILE A 128 1.72 3.77 1.17
N ILE A 129 1.08 3.87 2.32
CA ILE A 129 1.79 3.80 3.59
C ILE A 129 1.36 2.54 4.34
N MET A 130 2.33 1.77 4.83
CA MET A 130 2.05 0.47 5.43
C MET A 130 2.52 0.43 6.88
N PHE A 131 1.75 -0.22 7.75
CA PHE A 131 2.17 -0.41 9.13
C PHE A 131 2.15 -1.88 9.52
N ASP A 132 3.10 -2.28 10.35
CA ASP A 132 3.11 -3.64 10.90
C ASP A 132 1.99 -3.79 11.91
N VAL A 133 1.07 -4.72 11.67
CA VAL A 133 -0.11 -4.86 12.52
C VAL A 133 0.30 -5.17 13.96
N THR A 134 1.36 -5.95 14.13
CA THR A 134 1.85 -6.27 15.46
C THR A 134 2.48 -5.05 16.11
N SER A 135 3.16 -4.22 15.33
CA SER A 135 3.92 -3.12 15.91
C SER A 135 3.08 -1.86 16.09
N ARG A 136 2.72 -1.58 17.34
CA ARG A 136 2.02 -0.35 17.67
C ARG A 136 2.88 0.86 17.36
N VAL A 137 4.18 0.72 17.59
CA VAL A 137 5.13 1.80 17.29
C VAL A 137 5.02 2.16 15.82
N THR A 138 4.94 1.16 14.96
CA THR A 138 4.86 1.42 13.52
C THR A 138 3.56 2.14 13.19
N TYR A 139 2.47 1.73 13.84
CA TYR A 139 1.19 2.41 13.66
C TYR A 139 1.32 3.88 14.07
N LYS A 140 2.02 4.13 15.16
CA LYS A 140 2.25 5.49 15.63
C LYS A 140 3.07 6.28 14.63
N ASN A 141 3.94 5.57 13.91
CA ASN A 141 4.81 6.19 12.93
C ASN A 141 4.05 6.60 11.66
N VAL A 142 2.92 5.93 11.39
CA VAL A 142 2.20 6.16 10.16
C VAL A 142 1.85 7.64 10.00
N PRO A 143 1.26 8.26 11.02
CA PRO A 143 0.92 9.68 10.95
C PRO A 143 2.13 10.53 10.58
N ASN A 144 3.29 10.15 11.10
CA ASN A 144 4.52 10.91 10.86
C ASN A 144 4.91 10.82 9.39
N TRP A 145 4.87 9.60 8.85
CA TRP A 145 5.20 9.39 7.44
C TRP A 145 4.19 10.14 6.58
N HIS A 146 2.92 10.06 6.95
CA HIS A 146 1.86 10.78 6.26
C HIS A 146 2.17 12.28 6.25
N ARG A 147 2.62 12.80 7.40
CA ARG A 147 2.89 14.23 7.51
C ARG A 147 3.98 14.64 6.53
N ASP A 148 5.05 13.87 6.47
CA ASP A 148 6.15 14.17 5.55
C ASP A 148 5.67 14.10 4.12
N LEU A 149 4.89 13.07 3.82
CA LEU A 149 4.38 12.87 2.46
C LEU A 149 3.53 14.07 2.05
N VAL A 150 2.62 14.47 2.92
CA VAL A 150 1.72 15.58 2.62
C VAL A 150 2.54 16.86 2.47
N ARG A 151 3.57 17.02 3.29
CA ARG A 151 4.38 18.23 3.24
C ARG A 151 4.98 18.39 1.85
N VAL A 152 5.48 17.29 1.29
CA VAL A 152 6.14 17.34 -0.01
C VAL A 152 5.11 17.40 -1.14
N CYS A 153 4.11 16.52 -1.10
CA CYS A 153 3.15 16.43 -2.19
C CYS A 153 1.71 16.51 -1.70
N GLU A 154 0.86 17.18 -2.45
CA GLU A 154 -0.52 17.42 -2.04
C GLU A 154 -1.50 17.06 -3.15
N ASN A 155 -2.75 16.78 -2.78
CA ASN A 155 -3.75 16.34 -3.74
C ASN A 155 -3.37 15.02 -4.39
N ILE A 156 -2.79 14.12 -3.59
CA ILE A 156 -2.33 12.83 -4.10
C ILE A 156 -3.03 11.70 -3.35
N PRO A 157 -3.56 10.70 -4.06
CA PRO A 157 -4.22 9.59 -3.37
C PRO A 157 -3.28 8.84 -2.44
N ILE A 158 -3.74 8.60 -1.22
CA ILE A 158 -2.93 7.91 -0.23
C ILE A 158 -3.64 6.62 0.20
N VAL A 159 -2.91 5.51 0.14
CA VAL A 159 -3.47 4.21 0.48
C VAL A 159 -2.82 3.72 1.76
N LEU A 160 -3.61 3.52 2.81
CA LEU A 160 -3.08 3.13 4.11
C LEU A 160 -3.35 1.66 4.37
N CYS A 161 -2.30 0.87 4.57
CA CYS A 161 -2.47 -0.58 4.70
C CYS A 161 -1.78 -1.14 5.94
N GLY A 162 -2.44 -2.11 6.57
CA GLY A 162 -1.82 -2.86 7.64
C GLY A 162 -1.21 -4.15 7.11
N ASN A 163 0.05 -4.39 7.40
CA ASN A 163 0.78 -5.51 6.80
C ASN A 163 1.14 -6.57 7.82
N LYS A 164 1.39 -7.79 7.35
CA LYS A 164 1.86 -8.87 8.20
C LYS A 164 0.76 -9.43 9.10
N VAL A 165 -0.48 -9.30 8.64
CA VAL A 165 -1.63 -9.86 9.36
C VAL A 165 -1.45 -11.37 9.51
N ASP A 166 -0.55 -11.94 8.71
CA ASP A 166 -0.22 -13.35 8.82
C ASP A 166 0.05 -13.74 10.27
N ILE A 167 0.61 -12.80 11.05
CA ILE A 167 0.86 -13.07 12.46
C ILE A 167 -0.45 -12.97 13.24
N LYS A 168 -0.80 -14.03 13.96
CA LYS A 168 -2.06 -14.10 14.69
C LYS A 168 -2.15 -12.99 15.74
N ASP A 169 -1.00 -12.65 16.34
CA ASP A 169 -0.98 -11.61 17.36
C ASP A 169 -1.04 -10.23 16.74
N ARG A 170 -2.21 -9.87 16.22
CA ARG A 170 -2.42 -8.54 15.65
C ARG A 170 -2.73 -7.54 16.74
N LYS A 171 -1.71 -6.83 17.21
CA LYS A 171 -1.87 -5.89 18.32
C LYS A 171 -2.68 -4.67 17.90
N VAL A 172 -2.48 -4.20 16.67
CA VAL A 172 -3.25 -3.08 16.16
C VAL A 172 -4.52 -3.60 15.49
N LYS A 173 -5.67 -3.25 16.04
CA LYS A 173 -6.95 -3.79 15.59
C LYS A 173 -7.86 -2.67 15.09
N ALA A 174 -8.98 -3.05 14.47
CA ALA A 174 -9.86 -2.07 13.85
C ALA A 174 -10.20 -0.94 14.82
N LYS A 175 -10.45 -1.30 16.08
CA LYS A 175 -10.81 -0.31 17.09
C LYS A 175 -9.69 0.70 17.29
N SER A 176 -8.45 0.22 17.32
CA SER A 176 -7.30 1.10 17.45
C SER A 176 -7.01 1.86 16.16
N ILE A 177 -7.52 1.34 15.05
CA ILE A 177 -7.30 1.99 13.76
C ILE A 177 -8.27 3.17 13.63
N VAL A 178 -7.76 4.37 13.89
CA VAL A 178 -8.59 5.57 13.88
C VAL A 178 -7.99 6.62 12.95
N PHE A 179 -6.66 6.63 12.83
CA PHE A 179 -5.98 7.63 12.03
C PHE A 179 -6.57 7.66 10.63
N HIS A 180 -6.86 6.48 10.11
CA HIS A 180 -7.37 6.33 8.75
C HIS A 180 -8.67 7.11 8.59
N ARG A 181 -9.59 6.93 9.54
CA ARG A 181 -10.85 7.65 9.51
C ARG A 181 -10.59 9.15 9.64
N LYS A 182 -9.67 9.51 10.52
CA LYS A 182 -9.42 10.91 10.82
C LYS A 182 -8.92 11.64 9.57
N LYS A 183 -8.13 10.95 8.76
CA LYS A 183 -7.62 11.53 7.53
C LYS A 183 -8.53 11.23 6.34
N ASN A 184 -9.59 10.47 6.58
CA ASN A 184 -10.49 10.06 5.51
C ASN A 184 -9.76 9.24 4.46
N LEU A 185 -8.79 8.45 4.91
CA LEU A 185 -8.05 7.55 4.02
C LEU A 185 -8.43 6.11 4.28
N GLN A 186 -8.67 5.36 3.21
CA GLN A 186 -9.16 3.98 3.33
C GLN A 186 -8.11 3.07 3.94
N TYR A 187 -8.56 2.14 4.78
CA TYR A 187 -7.68 1.12 5.33
C TYR A 187 -7.71 -0.14 4.48
N TYR A 188 -6.54 -0.77 4.31
CA TYR A 188 -6.46 -2.02 3.57
C TYR A 188 -5.67 -3.06 4.37
N ASP A 189 -6.15 -4.29 4.40
CA ASP A 189 -5.47 -5.36 5.13
C ASP A 189 -4.69 -6.26 4.19
N ILE A 190 -3.36 -6.21 4.28
CA ILE A 190 -2.51 -6.95 3.36
C ILE A 190 -1.47 -7.74 4.13
N SER A 191 -1.06 -8.89 3.62
CA SER A 191 0.04 -9.63 4.23
C SER A 191 1.04 -10.08 3.17
N ALA A 192 2.14 -9.35 3.03
CA ALA A 192 3.11 -9.59 1.96
C ALA A 192 3.69 -11.01 2.05
N LYS A 193 3.99 -11.45 3.28
CA LYS A 193 4.61 -12.75 3.47
C LYS A 193 3.72 -13.86 2.88
N SER A 194 2.41 -13.68 2.99
CA SER A 194 1.47 -14.66 2.44
C SER A 194 0.98 -14.23 1.07
N ASN A 195 1.38 -13.04 0.62
CA ASN A 195 0.85 -12.48 -0.62
C ASN A 195 -0.65 -12.26 -0.48
N TYR A 196 -1.11 -11.96 0.72
CA TYR A 196 -2.53 -11.72 0.97
C TYR A 196 -2.94 -10.33 0.52
N ASN A 197 -3.97 -10.28 -0.32
CA ASN A 197 -4.54 -9.00 -0.76
C ASN A 197 -3.52 -8.16 -1.52
N PHE A 198 -2.67 -8.82 -2.30
CA PHE A 198 -1.62 -8.11 -3.03
C PHE A 198 -2.20 -7.04 -3.94
N GLU A 199 -3.24 -7.43 -4.68
CA GLU A 199 -3.83 -6.57 -5.70
C GLU A 199 -4.67 -5.45 -5.10
N LYS A 200 -5.20 -5.66 -3.90
CA LYS A 200 -6.18 -4.74 -3.34
C LYS A 200 -5.73 -3.30 -3.31
N PRO A 201 -4.59 -2.98 -2.67
CA PRO A 201 -4.12 -1.60 -2.60
C PRO A 201 -3.92 -1.00 -3.99
N PHE A 202 -3.38 -1.79 -4.90
CA PHE A 202 -3.10 -1.31 -6.25
C PHE A 202 -4.39 -1.00 -6.98
N LEU A 203 -5.36 -1.90 -6.90
CA LEU A 203 -6.61 -1.74 -7.63
C LEU A 203 -7.35 -0.50 -7.15
N TRP A 204 -7.46 -0.35 -5.84
CA TRP A 204 -8.10 0.83 -5.27
C TRP A 204 -7.35 2.10 -5.63
N LEU A 205 -6.02 2.05 -5.57
CA LEU A 205 -5.21 3.20 -5.96
C LEU A 205 -5.51 3.59 -7.40
N ALA A 206 -5.56 2.60 -8.28
CA ALA A 206 -5.85 2.85 -9.69
C ALA A 206 -7.25 3.43 -9.84
N ARG A 207 -8.20 2.88 -9.09
CA ARG A 207 -9.57 3.37 -9.12
C ARG A 207 -9.62 4.84 -8.71
N LYS A 208 -8.84 5.19 -7.70
CA LYS A 208 -8.77 6.58 -7.25
C LYS A 208 -8.21 7.45 -8.37
N LEU A 209 -7.11 7.01 -8.96
CA LEU A 209 -6.39 7.80 -9.95
C LEU A 209 -7.28 8.05 -11.16
N ILE A 210 -7.89 7.00 -11.68
CA ILE A 210 -8.74 7.10 -12.86
C ILE A 210 -10.05 7.80 -12.48
N GLY A 211 -10.52 7.57 -11.25
CA GLY A 211 -11.84 8.04 -10.86
C GLY A 211 -12.91 7.03 -11.20
N ASP A 212 -12.49 5.81 -11.53
CA ASP A 212 -13.40 4.77 -12.00
C ASP A 212 -13.67 3.74 -10.90
N PRO A 213 -14.81 3.84 -10.21
CA PRO A 213 -15.16 2.91 -9.15
C PRO A 213 -15.33 1.48 -9.65
N ASN A 214 -15.68 1.35 -10.93
CA ASN A 214 -16.01 0.06 -11.50
C ASN A 214 -14.79 -0.60 -12.13
N LEU A 215 -13.62 -0.02 -11.92
CA LEU A 215 -12.39 -0.57 -12.51
C LEU A 215 -12.09 -1.95 -11.92
N GLU A 216 -11.70 -2.88 -12.78
CA GLU A 216 -11.33 -4.23 -12.34
C GLU A 216 -10.02 -4.68 -12.98
N PHE A 217 -9.23 -5.43 -12.24
CA PHE A 217 -8.03 -6.04 -12.80
C PHE A 217 -8.41 -7.25 -13.65
N VAL A 218 -8.44 -7.05 -14.96
CA VAL A 218 -8.87 -8.10 -15.88
C VAL A 218 -7.85 -9.24 -15.86
N ALA A 219 -6.57 -8.90 -15.83
CA ALA A 219 -5.53 -9.92 -15.85
C ALA A 219 -4.49 -9.67 -14.75
N MET A 220 -3.95 -10.74 -14.20
CA MET A 220 -3.03 -10.63 -13.08
C MET A 220 -1.59 -10.85 -13.52
N PRO A 221 -0.69 -9.91 -13.22
CA PRO A 221 0.72 -10.05 -13.58
C PRO A 221 1.38 -11.22 -12.84
N ALA A 222 2.42 -11.79 -13.41
CA ALA A 222 3.07 -12.94 -12.81
C ALA A 222 3.63 -12.59 -11.43
N LEU A 223 3.32 -13.41 -10.44
CA LEU A 223 3.73 -13.13 -9.06
C LEU A 223 4.58 -14.26 -8.51
N ALA A 224 5.65 -13.92 -7.78
CA ALA A 224 6.48 -14.91 -7.12
C ALA A 224 5.68 -15.64 -6.05
N PRO A 225 5.99 -16.92 -5.79
CA PRO A 225 5.27 -17.69 -4.80
C PRO A 225 5.35 -17.09 -3.39
N PRO A 226 4.25 -17.16 -2.64
CA PRO A 226 4.21 -16.62 -1.28
C PRO A 226 5.12 -17.39 -0.32
N GLU A 227 5.67 -16.71 0.67
CA GLU A 227 6.48 -17.38 1.68
C GLU A 227 5.62 -18.32 2.53
N VAL A 228 4.43 -17.85 2.89
CA VAL A 228 3.47 -18.69 3.60
C VAL A 228 2.10 -18.57 2.95
N VAL A 229 1.21 -19.52 3.25
CA VAL A 229 -0.16 -19.43 2.75
C VAL A 229 -1.07 -18.98 3.89
N MET A 230 -1.82 -17.91 3.65
CA MET A 230 -2.77 -17.42 4.64
C MET A 230 -3.87 -18.45 4.89
N ASP A 231 -4.18 -18.69 6.16
CA ASP A 231 -5.28 -19.57 6.51
C ASP A 231 -6.60 -18.91 6.11
N PRO A 232 -7.39 -19.56 5.24
CA PRO A 232 -8.66 -19.00 4.79
C PRO A 232 -9.57 -18.65 5.96
N ALA A 233 -9.62 -19.51 6.97
CA ALA A 233 -10.50 -19.26 8.11
C ALA A 233 -10.07 -17.99 8.83
N LEU A 234 -8.77 -17.84 9.06
CA LEU A 234 -8.27 -16.63 9.73
C LEU A 234 -8.59 -15.40 8.89
N ALA A 235 -8.34 -15.48 7.59
CA ALA A 235 -8.58 -14.36 6.71
C ALA A 235 -10.06 -13.97 6.75
N ALA A 236 -10.93 -14.98 6.70
CA ALA A 236 -12.36 -14.73 6.75
C ALA A 236 -12.74 -14.06 8.06
N GLN A 237 -12.15 -14.53 9.16
CA GLN A 237 -12.45 -13.95 10.47
C GLN A 237 -12.04 -12.49 10.48
N TYR A 238 -10.85 -12.21 9.96
CA TYR A 238 -10.32 -10.85 9.95
C TYR A 238 -11.26 -9.95 9.18
N GLU A 239 -11.66 -10.41 8.00
CA GLU A 239 -12.52 -9.62 7.12
C GLU A 239 -13.87 -9.38 7.77
N HIS A 240 -14.43 -10.42 8.39
CA HIS A 240 -15.72 -10.30 9.05
C HIS A 240 -15.64 -9.29 10.19
N ASP A 241 -14.55 -9.36 10.96
CA ASP A 241 -14.39 -8.46 12.10
C ASP A 241 -14.34 -7.02 11.61
N LEU A 242 -13.60 -6.79 10.54
CA LEU A 242 -13.50 -5.45 9.96
C LEU A 242 -14.87 -4.98 9.51
N GLU A 243 -15.63 -5.87 8.87
CA GLU A 243 -16.96 -5.52 8.38
C GLU A 243 -17.86 -5.13 9.55
N VAL A 244 -17.79 -5.90 10.63
CA VAL A 244 -18.62 -5.62 11.79
C VAL A 244 -18.24 -4.27 12.37
N ALA A 245 -16.93 -3.99 12.44
CA ALA A 245 -16.48 -2.71 12.98
C ALA A 245 -17.00 -1.57 12.13
N GLN A 246 -16.96 -1.75 10.81
CA GLN A 246 -17.46 -0.73 9.89
C GLN A 246 -18.97 -0.56 10.09
N THR A 247 -19.65 -1.67 10.35
CA THR A 247 -21.10 -1.65 10.51
C THR A 247 -21.49 -0.95 11.81
N THR A 248 -20.61 -1.00 12.81
CA THR A 248 -20.92 -0.48 14.13
C THR A 248 -21.32 0.99 14.06
N ALA A 249 -22.39 1.35 14.77
CA ALA A 249 -22.96 2.69 14.66
C ALA A 249 -22.24 3.71 15.54
N LEU A 250 -20.95 3.94 15.26
CA LEU A 250 -20.21 5.00 15.92
C LEU A 250 -19.61 5.94 14.89
N PRO A 251 -19.52 7.24 15.20
CA PRO A 251 -18.96 8.20 14.25
C PRO A 251 -17.57 7.80 13.78
N ASP A 252 -16.83 7.09 14.63
CA ASP A 252 -15.51 6.58 14.26
C ASP A 252 -15.35 5.14 14.76
N GLU A 253 -14.25 4.50 14.39
CA GLU A 253 -13.95 3.17 14.91
C GLU A 253 -13.89 3.20 16.43
N ASP A 254 -13.38 4.29 16.98
CA ASP A 254 -13.37 4.50 18.42
C ASP A 254 -13.75 5.95 18.75
N ASP A 255 -14.43 6.15 19.86
CA ASP A 255 -14.72 7.51 20.30
C ASP A 255 -13.51 8.09 21.03
N ASP A 256 -12.40 8.17 20.31
CA ASP A 256 -11.13 8.60 20.89
C ASP A 256 -11.20 10.07 21.30
N LEU A 257 -12.01 10.85 20.59
CA LEU A 257 -12.10 12.28 20.83
C LEU A 257 -13.51 12.69 21.24
N MET A 42 -6.25 3.19 -19.67
CA MET A 42 -6.13 4.28 -20.69
C MET A 42 -5.01 4.00 -21.65
N ALA A 43 -4.02 3.23 -21.17
CA ALA A 43 -2.85 2.84 -21.89
C ALA A 43 -3.19 2.02 -23.09
N ALA A 44 -2.46 2.28 -24.20
CA ALA A 44 -2.62 1.58 -25.46
C ALA A 44 -3.96 1.75 -26.11
N GLN A 45 -4.69 2.85 -25.77
CA GLN A 45 -5.97 3.13 -26.38
C GLN A 45 -5.74 4.33 -27.30
N GLY A 46 -4.46 4.66 -27.58
CA GLY A 46 -4.04 5.75 -28.40
C GLY A 46 -2.95 6.46 -27.66
N GLU A 47 -3.13 6.62 -26.34
CA GLU A 47 -2.15 7.27 -25.47
C GLU A 47 -1.07 6.27 -25.06
N PRO A 48 0.16 6.73 -24.82
CA PRO A 48 1.22 5.84 -24.38
C PRO A 48 0.87 5.21 -23.04
N GLN A 49 1.39 4.03 -22.74
CA GLN A 49 0.98 3.33 -21.53
C GLN A 49 1.10 4.26 -20.33
N VAL A 50 0.07 4.27 -19.48
CA VAL A 50 0.01 5.23 -18.38
C VAL A 50 0.87 4.74 -17.22
N GLN A 51 1.81 5.58 -16.80
CA GLN A 51 2.67 5.27 -15.67
C GLN A 51 2.36 6.20 -14.50
N PHE A 52 2.20 5.64 -13.31
CA PHE A 52 2.05 6.44 -12.10
C PHE A 52 3.24 6.22 -11.18
N LYS A 53 3.87 7.30 -10.74
CA LYS A 53 4.96 7.18 -9.78
C LYS A 53 4.40 6.86 -8.40
N LEU A 54 4.71 5.65 -7.92
CA LEU A 54 4.17 5.18 -6.65
C LEU A 54 5.23 5.27 -5.55
N VAL A 55 4.87 5.95 -4.46
CA VAL A 55 5.74 6.05 -3.31
C VAL A 55 5.22 5.15 -2.20
N LEU A 56 6.07 4.20 -1.77
CA LEU A 56 5.71 3.29 -0.69
C LEU A 56 6.44 3.70 0.59
N VAL A 57 5.69 3.91 1.66
CA VAL A 57 6.28 4.41 2.89
C VAL A 57 5.93 3.52 4.07
N GLY A 58 6.89 3.30 4.96
CA GLY A 58 6.68 2.45 6.11
C GLY A 58 7.92 2.36 6.99
N ASP A 59 7.90 1.50 7.99
CA ASP A 59 9.08 1.25 8.82
C ASP A 59 9.75 -0.06 8.42
N GLY A 60 10.98 -0.26 8.86
CA GLY A 60 11.63 -1.55 8.64
C GLY A 60 10.91 -2.65 9.39
N GLY A 61 10.75 -3.81 8.77
CA GLY A 61 9.98 -4.88 9.37
C GLY A 61 8.51 -4.86 9.02
N THR A 62 8.08 -3.91 8.17
CA THR A 62 6.72 -3.92 7.67
C THR A 62 6.54 -4.96 6.57
N GLY A 63 7.63 -5.32 5.89
CA GLY A 63 7.54 -6.22 4.75
C GLY A 63 7.23 -5.49 3.46
N LYS A 64 7.36 -4.16 3.49
CA LYS A 64 7.00 -3.33 2.33
C LYS A 64 7.80 -3.74 1.10
N THR A 65 9.10 -3.97 1.29
CA THR A 65 9.95 -4.42 0.19
C THR A 65 9.52 -5.80 -0.30
N THR A 66 9.14 -6.67 0.63
CA THR A 66 8.65 -7.99 0.26
C THR A 66 7.44 -7.86 -0.66
N PHE A 67 6.59 -6.88 -0.38
CA PHE A 67 5.40 -6.67 -1.19
C PHE A 67 5.84 -6.46 -2.64
N VAL A 68 6.85 -5.64 -2.82
CA VAL A 68 7.39 -5.36 -4.15
C VAL A 68 7.98 -6.63 -4.74
N LYS A 69 8.68 -7.40 -3.92
CA LYS A 69 9.37 -8.59 -4.38
C LYS A 69 8.38 -9.57 -5.02
N ARG A 70 7.14 -9.54 -4.56
CA ARG A 70 6.11 -10.42 -5.09
C ARG A 70 5.91 -10.22 -6.60
N HIS A 71 6.01 -8.98 -7.06
CA HIS A 71 5.71 -8.69 -8.45
C HIS A 71 6.90 -9.01 -9.35
N LEU A 72 6.78 -10.08 -10.14
CA LEU A 72 7.91 -10.58 -10.92
C LEU A 72 8.42 -9.52 -11.90
N THR A 73 7.51 -8.85 -12.59
CA THR A 73 7.91 -7.86 -13.59
C THR A 73 8.72 -6.76 -12.93
N GLY A 74 8.30 -6.33 -11.75
CA GLY A 74 9.04 -5.31 -11.02
C GLY A 74 10.46 -5.74 -10.70
N GLU A 75 10.64 -7.03 -10.40
CA GLU A 75 11.97 -7.58 -10.20
C GLU A 75 12.75 -7.58 -11.51
N PHE A 76 12.09 -8.04 -12.58
CA PHE A 76 12.75 -8.22 -13.87
C PHE A 76 13.21 -6.87 -14.42
N GLU A 77 12.37 -5.86 -14.29
CA GLU A 77 12.67 -4.54 -14.83
C GLU A 77 13.28 -3.63 -13.79
N LYS A 78 13.80 -4.20 -12.70
CA LYS A 78 14.33 -3.39 -11.61
C LYS A 78 15.35 -2.37 -12.12
N LYS A 79 15.16 -1.13 -11.70
CA LYS A 79 16.11 -0.06 -11.99
C LYS A 79 16.52 0.63 -10.68
N TYR A 80 17.65 1.32 -10.69
CA TYR A 80 18.08 2.05 -9.50
C TYR A 80 18.44 3.49 -9.83
N VAL A 81 18.05 4.41 -8.96
CA VAL A 81 18.45 5.81 -9.11
C VAL A 81 19.45 6.17 -8.02
N ALA A 82 20.70 6.44 -8.43
CA ALA A 82 21.76 6.76 -7.48
C ALA A 82 21.49 8.11 -6.81
N THR A 83 21.06 9.09 -7.59
CA THR A 83 20.89 10.45 -7.08
C THR A 83 19.95 10.44 -5.87
N LEU A 84 18.80 9.78 -6.01
CA LEU A 84 17.86 9.64 -4.91
C LEU A 84 18.30 8.56 -3.92
N GLY A 85 19.04 7.56 -4.40
CA GLY A 85 19.36 6.42 -3.56
C GLY A 85 18.17 5.47 -3.46
N VAL A 86 17.33 5.48 -4.49
CA VAL A 86 16.07 4.75 -4.45
C VAL A 86 15.97 3.74 -5.59
N GLU A 87 15.51 2.53 -5.28
CA GLU A 87 15.23 1.53 -6.29
C GLU A 87 13.94 1.86 -7.04
N VAL A 88 13.93 1.57 -8.34
CA VAL A 88 12.72 1.73 -9.15
C VAL A 88 12.22 0.36 -9.58
N HIS A 89 10.96 0.07 -9.26
CA HIS A 89 10.35 -1.19 -9.67
C HIS A 89 9.05 -0.95 -10.43
N PRO A 90 9.06 -1.06 -11.75
CA PRO A 90 7.84 -0.87 -12.53
C PRO A 90 6.87 -2.03 -12.27
N LEU A 91 5.67 -1.72 -11.75
CA LEU A 91 4.69 -2.76 -11.52
C LEU A 91 3.49 -2.57 -12.46
N VAL A 92 3.29 -3.53 -13.36
CA VAL A 92 2.24 -3.40 -14.36
C VAL A 92 1.03 -4.23 -13.93
N PHE A 93 -0.13 -3.61 -13.93
CA PHE A 93 -1.37 -4.32 -13.64
C PHE A 93 -2.37 -4.14 -14.79
N HIS A 94 -2.98 -5.25 -15.20
CA HIS A 94 -3.84 -5.23 -16.39
C HIS A 94 -5.29 -4.97 -15.97
N THR A 95 -5.80 -3.80 -16.33
CA THR A 95 -7.11 -3.37 -15.87
C THR A 95 -8.09 -3.35 -17.03
N ASN A 96 -9.37 -3.12 -16.72
CA ASN A 96 -10.38 -2.94 -17.76
C ASN A 96 -10.01 -1.81 -18.70
N ARG A 97 -9.46 -0.73 -18.16
CA ARG A 97 -8.99 0.39 -18.97
C ARG A 97 -7.79 -0.05 -19.81
N GLY A 98 -6.96 -0.93 -19.25
CA GLY A 98 -5.74 -1.36 -19.90
C GLY A 98 -4.60 -1.53 -18.91
N PRO A 99 -3.41 -1.89 -19.38
CA PRO A 99 -2.26 -2.06 -18.49
C PRO A 99 -1.87 -0.74 -17.85
N ILE A 100 -1.75 -0.72 -16.53
CA ILE A 100 -1.28 0.47 -15.83
C ILE A 100 0.04 0.15 -15.13
N LYS A 101 1.08 0.90 -15.47
CA LYS A 101 2.37 0.72 -14.84
C LYS A 101 2.51 1.61 -13.61
N PHE A 102 2.78 1.00 -12.46
CA PHE A 102 3.06 1.75 -11.24
C PHE A 102 4.56 1.75 -11.00
N ASN A 103 5.19 2.92 -11.18
CA ASN A 103 6.63 3.03 -11.00
C ASN A 103 6.94 3.13 -9.52
N VAL A 104 7.17 1.98 -8.90
CA VAL A 104 7.34 1.92 -7.44
C VAL A 104 8.73 2.40 -7.05
N TRP A 105 8.76 3.35 -6.11
CA TRP A 105 10.02 3.84 -5.55
C TRP A 105 10.27 3.19 -4.20
N ASP A 106 11.37 2.45 -4.08
CA ASP A 106 11.74 1.84 -2.81
C ASP A 106 13.07 2.39 -2.30
N THR A 107 13.03 3.10 -1.17
CA THR A 107 14.24 3.70 -0.61
C THR A 107 15.23 2.60 -0.23
N ALA A 108 16.50 2.82 -0.54
CA ALA A 108 17.52 1.81 -0.24
C ALA A 108 17.94 1.87 1.22
N GLY A 109 17.04 1.48 2.12
CA GLY A 109 17.35 1.39 3.54
C GLY A 109 17.22 2.72 4.27
N GLN A 110 16.84 3.76 3.55
CA GLN A 110 16.79 5.10 4.12
C GLN A 110 15.80 5.15 5.29
N GLU A 111 14.70 4.41 5.18
CA GLU A 111 13.71 4.37 6.24
C GLU A 111 14.33 3.87 7.53
N LYS A 112 15.18 2.85 7.43
CA LYS A 112 15.88 2.33 8.60
C LYS A 112 16.80 3.39 9.19
N PHE A 113 17.41 4.19 8.31
CA PHE A 113 18.24 5.30 8.76
C PHE A 113 17.41 6.33 9.51
N GLY A 114 16.20 6.58 9.04
CA GLY A 114 15.37 7.62 9.62
C GLY A 114 14.36 8.21 8.65
N GLY A 115 14.10 9.50 8.76
CA GLY A 115 13.19 10.16 7.85
C GLY A 115 13.70 10.16 6.42
N LEU A 116 12.79 10.38 5.46
CA LEU A 116 13.13 10.27 4.05
C LEU A 116 13.35 11.64 3.43
N ARG A 117 14.35 11.74 2.55
CA ARG A 117 14.62 12.99 1.85
C ARG A 117 13.46 13.37 0.93
N ASP A 118 13.20 14.67 0.80
CA ASP A 118 12.06 15.15 0.04
C ASP A 118 12.05 14.59 -1.37
N GLY A 119 13.24 14.40 -1.95
CA GLY A 119 13.32 13.93 -3.32
C GLY A 119 12.54 12.65 -3.55
N TYR A 120 12.60 11.73 -2.59
CA TYR A 120 11.88 10.47 -2.70
C TYR A 120 10.38 10.72 -2.80
N TYR A 121 9.87 11.65 -1.99
CA TYR A 121 8.45 11.97 -2.00
C TYR A 121 8.07 12.76 -3.24
N ILE A 122 9.02 13.53 -3.78
CA ILE A 122 8.72 14.44 -4.89
C ILE A 122 8.14 13.68 -6.07
N GLN A 123 7.10 14.24 -6.66
CA GLN A 123 6.40 13.61 -7.77
C GLN A 123 5.74 12.29 -7.36
N ALA A 124 5.25 12.22 -6.13
CA ALA A 124 4.50 11.06 -5.68
C ALA A 124 3.09 11.09 -6.28
N GLN A 125 2.95 10.67 -7.53
CA GLN A 125 1.64 10.59 -8.16
C GLN A 125 0.72 9.71 -7.34
N CYS A 126 1.30 8.68 -6.73
CA CYS A 126 0.54 7.77 -5.88
C CYS A 126 1.30 7.53 -4.57
N ALA A 127 0.57 7.25 -3.49
CA ALA A 127 1.22 6.95 -2.23
C ALA A 127 0.56 5.79 -1.50
N ILE A 128 1.37 4.88 -0.98
CA ILE A 128 0.87 3.81 -0.10
C ILE A 128 1.72 3.77 1.17
N ILE A 129 1.08 3.87 2.32
CA ILE A 129 1.79 3.80 3.59
C ILE A 129 1.36 2.54 4.34
N MET A 130 2.33 1.77 4.83
CA MET A 130 2.05 0.47 5.43
C MET A 130 2.52 0.43 6.88
N PHE A 131 1.75 -0.22 7.75
CA PHE A 131 2.17 -0.41 9.13
C PHE A 131 2.15 -1.88 9.52
N ASP A 132 3.10 -2.28 10.35
CA ASP A 132 3.11 -3.64 10.90
C ASP A 132 1.99 -3.79 11.91
N VAL A 133 1.07 -4.72 11.67
CA VAL A 133 -0.11 -4.86 12.52
C VAL A 133 0.30 -5.17 13.96
N THR A 134 1.36 -5.95 14.13
CA THR A 134 1.85 -6.27 15.46
C THR A 134 2.48 -5.05 16.11
N SER A 135 3.16 -4.22 15.33
CA SER A 135 3.92 -3.12 15.91
C SER A 135 3.08 -1.86 16.09
N ARG A 136 2.72 -1.58 17.34
CA ARG A 136 2.02 -0.35 17.67
C ARG A 136 2.88 0.86 17.36
N VAL A 137 4.18 0.72 17.59
CA VAL A 137 5.13 1.80 17.29
C VAL A 137 5.02 2.16 15.82
N THR A 138 4.94 1.16 14.96
CA THR A 138 4.86 1.42 13.52
C THR A 138 3.56 2.14 13.19
N TYR A 139 2.47 1.73 13.84
CA TYR A 139 1.19 2.41 13.66
C TYR A 139 1.32 3.88 14.07
N LYS A 140 2.02 4.13 15.16
CA LYS A 140 2.25 5.49 15.63
C LYS A 140 3.07 6.28 14.63
N ASN A 141 3.94 5.57 13.91
CA ASN A 141 4.81 6.19 12.93
C ASN A 141 4.05 6.60 11.66
N VAL A 142 2.92 5.93 11.39
CA VAL A 142 2.20 6.16 10.16
C VAL A 142 1.85 7.64 10.00
N PRO A 143 1.26 8.26 11.02
CA PRO A 143 0.92 9.68 10.95
C PRO A 143 2.13 10.53 10.58
N ASN A 144 3.29 10.15 11.10
CA ASN A 144 4.52 10.91 10.86
C ASN A 144 4.91 10.82 9.39
N TRP A 145 4.87 9.60 8.85
CA TRP A 145 5.20 9.39 7.44
C TRP A 145 4.19 10.14 6.58
N HIS A 146 2.92 10.06 6.95
CA HIS A 146 1.86 10.78 6.26
C HIS A 146 2.17 12.28 6.25
N ARG A 147 2.62 12.80 7.40
CA ARG A 147 2.89 14.23 7.51
C ARG A 147 3.98 14.64 6.53
N ASP A 148 5.05 13.87 6.47
CA ASP A 148 6.15 14.17 5.55
C ASP A 148 5.67 14.10 4.12
N LEU A 149 4.89 13.07 3.82
CA LEU A 149 4.38 12.87 2.46
C LEU A 149 3.53 14.07 2.05
N VAL A 150 2.62 14.47 2.92
CA VAL A 150 1.72 15.58 2.62
C VAL A 150 2.54 16.86 2.47
N ARG A 151 3.57 17.02 3.29
CA ARG A 151 4.38 18.23 3.24
C ARG A 151 4.98 18.39 1.85
N VAL A 152 5.48 17.29 1.29
CA VAL A 152 6.14 17.34 -0.01
C VAL A 152 5.11 17.40 -1.14
N CYS A 153 4.11 16.52 -1.10
CA CYS A 153 3.15 16.43 -2.19
C CYS A 153 1.71 16.51 -1.70
N GLU A 154 0.86 17.18 -2.45
CA GLU A 154 -0.52 17.42 -2.04
C GLU A 154 -1.50 17.06 -3.15
N ASN A 155 -2.75 16.78 -2.78
CA ASN A 155 -3.75 16.34 -3.74
C ASN A 155 -3.37 15.02 -4.39
N ILE A 156 -2.79 14.12 -3.59
CA ILE A 156 -2.33 12.83 -4.10
C ILE A 156 -3.03 11.70 -3.35
N PRO A 157 -3.56 10.70 -4.06
CA PRO A 157 -4.22 9.59 -3.37
C PRO A 157 -3.28 8.84 -2.44
N ILE A 158 -3.74 8.60 -1.22
CA ILE A 158 -2.93 7.91 -0.23
C ILE A 158 -3.64 6.62 0.20
N VAL A 159 -2.91 5.51 0.14
CA VAL A 159 -3.47 4.21 0.48
C VAL A 159 -2.82 3.72 1.76
N LEU A 160 -3.61 3.52 2.81
CA LEU A 160 -3.08 3.13 4.11
C LEU A 160 -3.35 1.66 4.37
N CYS A 161 -2.30 0.87 4.57
CA CYS A 161 -2.47 -0.58 4.70
C CYS A 161 -1.78 -1.14 5.94
N GLY A 162 -2.44 -2.11 6.57
CA GLY A 162 -1.82 -2.86 7.64
C GLY A 162 -1.21 -4.15 7.11
N ASN A 163 0.05 -4.39 7.40
CA ASN A 163 0.78 -5.51 6.80
C ASN A 163 1.14 -6.57 7.82
N LYS A 164 1.39 -7.79 7.35
CA LYS A 164 1.86 -8.87 8.20
C LYS A 164 0.76 -9.43 9.10
N VAL A 165 -0.48 -9.30 8.64
CA VAL A 165 -1.63 -9.86 9.36
C VAL A 165 -1.45 -11.37 9.51
N ASP A 166 -0.55 -11.94 8.71
CA ASP A 166 -0.22 -13.35 8.82
C ASP A 166 0.05 -13.74 10.27
N ILE A 167 0.61 -12.80 11.05
CA ILE A 167 0.86 -13.07 12.46
C ILE A 167 -0.45 -12.97 13.24
N LYS A 168 -0.80 -14.03 13.96
CA LYS A 168 -2.06 -14.10 14.69
C LYS A 168 -2.15 -12.99 15.74
N ASP A 169 -1.00 -12.65 16.34
CA ASP A 169 -0.98 -11.61 17.36
C ASP A 169 -1.04 -10.23 16.74
N ARG A 170 -2.21 -9.87 16.22
CA ARG A 170 -2.42 -8.54 15.65
C ARG A 170 -2.73 -7.54 16.74
N LYS A 171 -1.71 -6.83 17.21
CA LYS A 171 -1.87 -5.89 18.32
C LYS A 171 -2.68 -4.67 17.90
N VAL A 172 -2.48 -4.20 16.67
CA VAL A 172 -3.25 -3.08 16.16
C VAL A 172 -4.52 -3.60 15.49
N LYS A 173 -5.67 -3.25 16.04
CA LYS A 173 -6.95 -3.79 15.59
C LYS A 173 -7.86 -2.67 15.09
N ALA A 174 -8.98 -3.05 14.47
CA ALA A 174 -9.86 -2.07 13.85
C ALA A 174 -10.20 -0.94 14.82
N LYS A 175 -10.45 -1.30 16.08
CA LYS A 175 -10.81 -0.31 17.09
C LYS A 175 -9.69 0.70 17.29
N SER A 176 -8.45 0.22 17.32
CA SER A 176 -7.30 1.10 17.45
C SER A 176 -7.01 1.86 16.16
N ILE A 177 -7.52 1.34 15.05
CA ILE A 177 -7.30 1.99 13.76
C ILE A 177 -8.27 3.17 13.63
N VAL A 178 -7.76 4.37 13.89
CA VAL A 178 -8.59 5.57 13.88
C VAL A 178 -7.99 6.62 12.95
N PHE A 179 -6.66 6.63 12.83
CA PHE A 179 -5.98 7.63 12.03
C PHE A 179 -6.57 7.66 10.63
N HIS A 180 -6.86 6.48 10.11
CA HIS A 180 -7.37 6.33 8.75
C HIS A 180 -8.67 7.11 8.59
N ARG A 181 -9.59 6.93 9.54
CA ARG A 181 -10.85 7.65 9.51
C ARG A 181 -10.59 9.15 9.64
N LYS A 182 -9.67 9.51 10.52
CA LYS A 182 -9.42 10.91 10.82
C LYS A 182 -8.92 11.64 9.57
N LYS A 183 -8.13 10.95 8.76
CA LYS A 183 -7.62 11.53 7.53
C LYS A 183 -8.53 11.23 6.34
N ASN A 184 -9.59 10.47 6.58
CA ASN A 184 -10.49 10.06 5.51
C ASN A 184 -9.76 9.24 4.46
N LEU A 185 -8.79 8.45 4.91
CA LEU A 185 -8.05 7.55 4.02
C LEU A 185 -8.43 6.11 4.28
N GLN A 186 -8.67 5.36 3.21
CA GLN A 186 -9.16 3.98 3.33
C GLN A 186 -8.11 3.07 3.94
N TYR A 187 -8.56 2.14 4.78
CA TYR A 187 -7.68 1.12 5.33
C TYR A 187 -7.71 -0.14 4.48
N TYR A 188 -6.54 -0.77 4.31
CA TYR A 188 -6.46 -2.02 3.57
C TYR A 188 -5.67 -3.06 4.37
N ASP A 189 -6.15 -4.29 4.40
CA ASP A 189 -5.47 -5.36 5.13
C ASP A 189 -4.69 -6.26 4.19
N ILE A 190 -3.36 -6.21 4.28
CA ILE A 190 -2.51 -6.95 3.36
C ILE A 190 -1.47 -7.74 4.13
N SER A 191 -1.06 -8.89 3.62
CA SER A 191 0.04 -9.63 4.23
C SER A 191 1.04 -10.08 3.17
N ALA A 192 2.14 -9.35 3.03
CA ALA A 192 3.11 -9.59 1.96
C ALA A 192 3.69 -11.01 2.05
N LYS A 193 3.99 -11.45 3.28
CA LYS A 193 4.61 -12.75 3.47
C LYS A 193 3.72 -13.86 2.88
N SER A 194 2.41 -13.68 2.99
CA SER A 194 1.47 -14.66 2.44
C SER A 194 0.98 -14.23 1.07
N ASN A 195 1.38 -13.04 0.62
CA ASN A 195 0.85 -12.48 -0.62
C ASN A 195 -0.65 -12.26 -0.48
N TYR A 196 -1.11 -11.96 0.72
CA TYR A 196 -2.53 -11.72 0.97
C TYR A 196 -2.94 -10.33 0.52
N ASN A 197 -3.97 -10.28 -0.32
CA ASN A 197 -4.54 -9.00 -0.76
C ASN A 197 -3.52 -8.16 -1.52
N PHE A 198 -2.67 -8.82 -2.30
CA PHE A 198 -1.62 -8.11 -3.03
C PHE A 198 -2.20 -7.04 -3.94
N GLU A 199 -3.24 -7.43 -4.68
CA GLU A 199 -3.83 -6.57 -5.70
C GLU A 199 -4.67 -5.45 -5.10
N LYS A 200 -5.20 -5.66 -3.90
CA LYS A 200 -6.18 -4.74 -3.34
C LYS A 200 -5.73 -3.30 -3.31
N PRO A 201 -4.59 -2.98 -2.67
CA PRO A 201 -4.12 -1.60 -2.60
C PRO A 201 -3.92 -1.00 -3.99
N PHE A 202 -3.38 -1.79 -4.90
CA PHE A 202 -3.10 -1.31 -6.25
C PHE A 202 -4.39 -1.00 -6.98
N LEU A 203 -5.36 -1.90 -6.90
CA LEU A 203 -6.61 -1.74 -7.63
C LEU A 203 -7.35 -0.50 -7.15
N TRP A 204 -7.46 -0.35 -5.84
CA TRP A 204 -8.10 0.83 -5.27
C TRP A 204 -7.35 2.10 -5.63
N LEU A 205 -6.02 2.05 -5.57
CA LEU A 205 -5.21 3.20 -5.96
C LEU A 205 -5.51 3.59 -7.40
N ALA A 206 -5.56 2.60 -8.28
CA ALA A 206 -5.85 2.85 -9.69
C ALA A 206 -7.25 3.43 -9.84
N ARG A 207 -8.20 2.88 -9.09
CA ARG A 207 -9.57 3.37 -9.12
C ARG A 207 -9.62 4.84 -8.71
N LYS A 208 -8.84 5.19 -7.70
CA LYS A 208 -8.77 6.58 -7.25
C LYS A 208 -8.21 7.45 -8.37
N LEU A 209 -7.11 7.01 -8.96
CA LEU A 209 -6.39 7.80 -9.95
C LEU A 209 -7.28 8.05 -11.16
N ILE A 210 -7.89 7.00 -11.68
CA ILE A 210 -8.74 7.10 -12.86
C ILE A 210 -10.05 7.80 -12.48
N GLY A 211 -10.52 7.57 -11.25
CA GLY A 211 -11.84 8.04 -10.86
C GLY A 211 -12.91 7.03 -11.20
N ASP A 212 -12.49 5.81 -11.53
CA ASP A 212 -13.40 4.77 -12.00
C ASP A 212 -13.67 3.74 -10.90
N PRO A 213 -14.81 3.84 -10.21
CA PRO A 213 -15.16 2.91 -9.15
C PRO A 213 -15.33 1.48 -9.65
N ASN A 214 -15.68 1.35 -10.93
CA ASN A 214 -16.01 0.06 -11.50
C ASN A 214 -14.79 -0.60 -12.13
N LEU A 215 -13.62 -0.02 -11.92
CA LEU A 215 -12.39 -0.57 -12.51
C LEU A 215 -12.09 -1.95 -11.92
N GLU A 216 -11.70 -2.88 -12.78
CA GLU A 216 -11.33 -4.23 -12.34
C GLU A 216 -10.02 -4.68 -12.98
N PHE A 217 -9.23 -5.43 -12.24
CA PHE A 217 -8.03 -6.04 -12.80
C PHE A 217 -8.41 -7.25 -13.65
N VAL A 218 -8.44 -7.05 -14.96
CA VAL A 218 -8.87 -8.10 -15.88
C VAL A 218 -7.85 -9.24 -15.86
N ALA A 219 -6.57 -8.90 -15.83
CA ALA A 219 -5.53 -9.92 -15.85
C ALA A 219 -4.49 -9.67 -14.75
N MET A 220 -3.95 -10.74 -14.20
CA MET A 220 -3.03 -10.63 -13.08
C MET A 220 -1.59 -10.85 -13.52
N PRO A 221 -0.69 -9.91 -13.22
CA PRO A 221 0.72 -10.05 -13.58
C PRO A 221 1.38 -11.22 -12.84
N ALA A 222 2.42 -11.79 -13.41
CA ALA A 222 3.07 -12.94 -12.81
C ALA A 222 3.63 -12.59 -11.43
N LEU A 223 3.32 -13.41 -10.44
CA LEU A 223 3.73 -13.13 -9.06
C LEU A 223 4.58 -14.26 -8.51
N ALA A 224 5.65 -13.92 -7.78
CA ALA A 224 6.48 -14.91 -7.12
C ALA A 224 5.68 -15.64 -6.05
N PRO A 225 5.99 -16.92 -5.79
CA PRO A 225 5.27 -17.69 -4.80
C PRO A 225 5.35 -17.09 -3.39
N PRO A 226 4.25 -17.16 -2.64
CA PRO A 226 4.21 -16.62 -1.28
C PRO A 226 5.12 -17.39 -0.32
N GLU A 227 5.67 -16.71 0.67
CA GLU A 227 6.48 -17.38 1.68
C GLU A 227 5.62 -18.32 2.53
N VAL A 228 4.43 -17.85 2.89
CA VAL A 228 3.47 -18.69 3.60
C VAL A 228 2.10 -18.57 2.95
N VAL A 229 1.21 -19.52 3.25
CA VAL A 229 -0.16 -19.43 2.75
C VAL A 229 -1.07 -18.98 3.89
N MET A 230 -1.82 -17.91 3.65
CA MET A 230 -2.77 -17.42 4.64
C MET A 230 -3.87 -18.45 4.89
N ASP A 231 -4.18 -18.69 6.16
CA ASP A 231 -5.28 -19.57 6.51
C ASP A 231 -6.60 -18.91 6.11
N PRO A 232 -7.39 -19.56 5.24
CA PRO A 232 -8.66 -19.00 4.79
C PRO A 232 -9.57 -18.65 5.96
N ALA A 233 -9.62 -19.51 6.97
CA ALA A 233 -10.50 -19.26 8.11
C ALA A 233 -10.07 -17.99 8.83
N LEU A 234 -8.77 -17.84 9.06
CA LEU A 234 -8.27 -16.63 9.73
C LEU A 234 -8.59 -15.40 8.89
N ALA A 235 -8.34 -15.48 7.59
CA ALA A 235 -8.58 -14.36 6.71
C ALA A 235 -10.06 -13.97 6.75
N ALA A 236 -10.93 -14.98 6.70
CA ALA A 236 -12.36 -14.73 6.75
C ALA A 236 -12.74 -14.06 8.06
N GLN A 237 -12.15 -14.53 9.16
CA GLN A 237 -12.45 -13.95 10.47
C GLN A 237 -12.04 -12.49 10.48
N TYR A 238 -10.85 -12.21 9.96
CA TYR A 238 -10.32 -10.85 9.95
C TYR A 238 -11.26 -9.95 9.18
N GLU A 239 -11.66 -10.41 8.00
CA GLU A 239 -12.52 -9.62 7.12
C GLU A 239 -13.87 -9.38 7.77
N HIS A 240 -14.43 -10.42 8.39
CA HIS A 240 -15.72 -10.30 9.05
C HIS A 240 -15.64 -9.29 10.19
N ASP A 241 -14.55 -9.36 10.96
CA ASP A 241 -14.39 -8.46 12.10
C ASP A 241 -14.34 -7.02 11.61
N LEU A 242 -13.60 -6.79 10.54
CA LEU A 242 -13.50 -5.45 9.96
C LEU A 242 -14.87 -4.98 9.51
N GLU A 243 -15.63 -5.87 8.87
CA GLU A 243 -16.96 -5.52 8.38
C GLU A 243 -17.86 -5.13 9.55
N VAL A 244 -17.79 -5.90 10.63
CA VAL A 244 -18.62 -5.62 11.79
C VAL A 244 -18.24 -4.27 12.37
N ALA A 245 -16.93 -3.99 12.44
CA ALA A 245 -16.48 -2.71 12.98
C ALA A 245 -17.00 -1.57 12.13
N GLN A 246 -16.96 -1.75 10.81
CA GLN A 246 -17.46 -0.73 9.89
C GLN A 246 -18.97 -0.56 10.09
N THR A 247 -19.65 -1.67 10.35
CA THR A 247 -21.10 -1.65 10.51
C THR A 247 -21.49 -0.95 11.81
N THR A 248 -20.61 -1.00 12.81
CA THR A 248 -20.92 -0.48 14.13
C THR A 248 -21.32 0.99 14.06
N ALA A 249 -22.39 1.35 14.77
CA ALA A 249 -22.96 2.69 14.66
C ALA A 249 -22.24 3.71 15.54
N LEU A 250 -20.95 3.94 15.26
CA LEU A 250 -20.21 5.00 15.92
C LEU A 250 -19.61 5.94 14.89
N PRO A 251 -19.52 7.24 15.20
CA PRO A 251 -18.96 8.20 14.25
C PRO A 251 -17.57 7.80 13.78
N ASP A 252 -16.83 7.09 14.63
CA ASP A 252 -15.51 6.58 14.26
C ASP A 252 -15.35 5.14 14.76
N GLU A 253 -14.25 4.50 14.39
CA GLU A 253 -13.95 3.17 14.91
C GLU A 253 -13.89 3.20 16.43
N ASP A 254 -13.38 4.29 16.98
CA ASP A 254 -13.37 4.50 18.42
C ASP A 254 -13.75 5.95 18.75
N ASP A 255 -14.43 6.15 19.86
CA ASP A 255 -14.72 7.51 20.30
C ASP A 255 -13.51 8.09 21.03
N ASP A 256 -12.40 8.17 20.31
CA ASP A 256 -11.13 8.60 20.89
C ASP A 256 -11.20 10.07 21.30
N LEU A 257 -12.01 10.85 20.59
CA LEU A 257 -12.10 12.28 20.83
C LEU A 257 -13.51 12.69 21.24
N MET A 42 -6.21 8.94 -15.12
CA MET A 42 -6.06 10.31 -15.62
C MET A 42 -6.00 10.18 -17.11
N ALA A 43 -4.80 9.85 -17.67
CA ALA A 43 -4.62 9.68 -19.08
C ALA A 43 -5.30 8.41 -19.55
N ALA A 44 -5.74 8.42 -20.82
CA ALA A 44 -6.40 7.29 -21.43
C ALA A 44 -5.37 6.29 -21.90
N GLN A 45 -5.84 5.06 -22.26
CA GLN A 45 -4.97 4.01 -22.71
C GLN A 45 -4.82 3.94 -24.20
N GLY A 46 -5.38 4.95 -24.92
CA GLY A 46 -5.24 5.06 -26.35
C GLY A 46 -3.94 5.84 -26.57
N GLU A 47 -3.46 6.56 -25.52
CA GLU A 47 -2.27 7.33 -25.39
C GLU A 47 -1.15 6.34 -24.98
N PRO A 48 0.16 6.73 -24.82
CA PRO A 48 1.22 5.84 -24.38
C PRO A 48 0.87 5.21 -23.04
N GLN A 49 1.39 4.03 -22.74
CA GLN A 49 0.98 3.33 -21.53
C GLN A 49 1.10 4.26 -20.33
N VAL A 50 0.07 4.27 -19.48
CA VAL A 50 0.01 5.23 -18.38
C VAL A 50 0.87 4.74 -17.22
N GLN A 51 1.81 5.58 -16.80
CA GLN A 51 2.67 5.27 -15.67
C GLN A 51 2.36 6.20 -14.50
N PHE A 52 2.20 5.64 -13.31
CA PHE A 52 2.05 6.44 -12.10
C PHE A 52 3.24 6.22 -11.18
N LYS A 53 3.87 7.30 -10.74
CA LYS A 53 4.96 7.18 -9.78
C LYS A 53 4.40 6.86 -8.40
N LEU A 54 4.71 5.65 -7.92
CA LEU A 54 4.17 5.18 -6.65
C LEU A 54 5.23 5.27 -5.55
N VAL A 55 4.87 5.95 -4.46
CA VAL A 55 5.74 6.05 -3.31
C VAL A 55 5.22 5.15 -2.20
N LEU A 56 6.07 4.20 -1.77
CA LEU A 56 5.71 3.29 -0.69
C LEU A 56 6.44 3.70 0.59
N VAL A 57 5.69 3.91 1.66
CA VAL A 57 6.28 4.41 2.89
C VAL A 57 5.93 3.52 4.07
N GLY A 58 6.89 3.30 4.96
CA GLY A 58 6.68 2.45 6.11
C GLY A 58 7.92 2.36 6.99
N ASP A 59 7.90 1.50 7.99
CA ASP A 59 9.08 1.25 8.82
C ASP A 59 9.75 -0.06 8.42
N GLY A 60 10.98 -0.26 8.86
CA GLY A 60 11.63 -1.55 8.64
C GLY A 60 10.91 -2.65 9.39
N GLY A 61 10.75 -3.81 8.77
CA GLY A 61 9.98 -4.88 9.37
C GLY A 61 8.51 -4.86 9.02
N THR A 62 8.08 -3.91 8.17
CA THR A 62 6.72 -3.92 7.67
C THR A 62 6.54 -4.96 6.57
N GLY A 63 7.63 -5.32 5.89
CA GLY A 63 7.54 -6.22 4.75
C GLY A 63 7.23 -5.49 3.46
N LYS A 64 7.36 -4.16 3.49
CA LYS A 64 7.00 -3.33 2.33
C LYS A 64 7.80 -3.74 1.10
N THR A 65 9.10 -3.97 1.29
CA THR A 65 9.95 -4.42 0.19
C THR A 65 9.52 -5.80 -0.30
N THR A 66 9.14 -6.67 0.63
CA THR A 66 8.65 -7.99 0.26
C THR A 66 7.44 -7.86 -0.66
N PHE A 67 6.59 -6.88 -0.38
CA PHE A 67 5.40 -6.67 -1.19
C PHE A 67 5.84 -6.46 -2.64
N VAL A 68 6.85 -5.64 -2.82
CA VAL A 68 7.39 -5.36 -4.15
C VAL A 68 7.98 -6.63 -4.74
N LYS A 69 8.68 -7.40 -3.92
CA LYS A 69 9.37 -8.59 -4.38
C LYS A 69 8.38 -9.57 -5.02
N ARG A 70 7.14 -9.54 -4.56
CA ARG A 70 6.11 -10.42 -5.09
C ARG A 70 5.91 -10.22 -6.60
N HIS A 71 6.01 -8.98 -7.06
CA HIS A 71 5.71 -8.69 -8.45
C HIS A 71 6.90 -9.01 -9.35
N LEU A 72 6.78 -10.08 -10.14
CA LEU A 72 7.91 -10.58 -10.92
C LEU A 72 8.42 -9.52 -11.90
N THR A 73 7.51 -8.85 -12.59
CA THR A 73 7.91 -7.86 -13.59
C THR A 73 8.72 -6.76 -12.93
N GLY A 74 8.30 -6.33 -11.75
CA GLY A 74 9.04 -5.31 -11.02
C GLY A 74 10.46 -5.74 -10.70
N GLU A 75 10.64 -7.03 -10.40
CA GLU A 75 11.97 -7.58 -10.20
C GLU A 75 12.75 -7.58 -11.51
N PHE A 76 12.09 -8.04 -12.58
CA PHE A 76 12.75 -8.22 -13.87
C PHE A 76 13.21 -6.87 -14.42
N GLU A 77 12.37 -5.86 -14.29
CA GLU A 77 12.67 -4.54 -14.83
C GLU A 77 13.28 -3.63 -13.79
N LYS A 78 13.80 -4.20 -12.70
CA LYS A 78 14.33 -3.39 -11.61
C LYS A 78 15.35 -2.37 -12.12
N LYS A 79 15.16 -1.13 -11.70
CA LYS A 79 16.11 -0.06 -11.99
C LYS A 79 16.52 0.63 -10.68
N TYR A 80 17.65 1.32 -10.69
CA TYR A 80 18.08 2.05 -9.50
C TYR A 80 18.44 3.49 -9.83
N VAL A 81 18.05 4.41 -8.96
CA VAL A 81 18.45 5.81 -9.11
C VAL A 81 19.45 6.17 -8.02
N ALA A 82 20.70 6.44 -8.43
CA ALA A 82 21.76 6.76 -7.48
C ALA A 82 21.49 8.11 -6.81
N THR A 83 21.06 9.09 -7.59
CA THR A 83 20.89 10.45 -7.08
C THR A 83 19.95 10.44 -5.87
N LEU A 84 18.80 9.78 -6.01
CA LEU A 84 17.86 9.64 -4.91
C LEU A 84 18.30 8.56 -3.92
N GLY A 85 19.04 7.56 -4.40
CA GLY A 85 19.36 6.42 -3.56
C GLY A 85 18.17 5.47 -3.46
N VAL A 86 17.33 5.48 -4.49
CA VAL A 86 16.07 4.75 -4.45
C VAL A 86 15.97 3.74 -5.59
N GLU A 87 15.51 2.53 -5.28
CA GLU A 87 15.23 1.53 -6.29
C GLU A 87 13.94 1.86 -7.04
N VAL A 88 13.93 1.57 -8.34
CA VAL A 88 12.72 1.73 -9.15
C VAL A 88 12.22 0.36 -9.58
N HIS A 89 10.96 0.07 -9.26
CA HIS A 89 10.35 -1.19 -9.67
C HIS A 89 9.05 -0.95 -10.43
N PRO A 90 9.06 -1.06 -11.75
CA PRO A 90 7.84 -0.87 -12.53
C PRO A 90 6.87 -2.03 -12.27
N LEU A 91 5.67 -1.72 -11.75
CA LEU A 91 4.69 -2.76 -11.52
C LEU A 91 3.49 -2.57 -12.46
N VAL A 92 3.29 -3.53 -13.36
CA VAL A 92 2.24 -3.40 -14.36
C VAL A 92 1.03 -4.23 -13.93
N PHE A 93 -0.13 -3.61 -13.93
CA PHE A 93 -1.37 -4.32 -13.64
C PHE A 93 -2.37 -4.14 -14.79
N HIS A 94 -2.98 -5.25 -15.20
CA HIS A 94 -3.84 -5.23 -16.39
C HIS A 94 -5.29 -4.97 -15.97
N THR A 95 -5.80 -3.80 -16.33
CA THR A 95 -7.11 -3.37 -15.87
C THR A 95 -8.09 -3.35 -17.03
N ASN A 96 -9.37 -3.12 -16.72
CA ASN A 96 -10.38 -2.94 -17.76
C ASN A 96 -10.01 -1.81 -18.70
N ARG A 97 -9.46 -0.73 -18.16
CA ARG A 97 -8.99 0.39 -18.97
C ARG A 97 -7.79 -0.05 -19.81
N GLY A 98 -6.96 -0.93 -19.25
CA GLY A 98 -5.74 -1.36 -19.90
C GLY A 98 -4.60 -1.53 -18.91
N PRO A 99 -3.41 -1.89 -19.38
CA PRO A 99 -2.26 -2.06 -18.49
C PRO A 99 -1.87 -0.74 -17.85
N ILE A 100 -1.75 -0.72 -16.53
CA ILE A 100 -1.28 0.47 -15.83
C ILE A 100 0.04 0.15 -15.13
N LYS A 101 1.08 0.90 -15.47
CA LYS A 101 2.37 0.72 -14.84
C LYS A 101 2.51 1.61 -13.61
N PHE A 102 2.78 1.00 -12.46
CA PHE A 102 3.06 1.75 -11.24
C PHE A 102 4.56 1.75 -11.00
N ASN A 103 5.19 2.92 -11.18
CA ASN A 103 6.63 3.03 -11.00
C ASN A 103 6.94 3.13 -9.52
N VAL A 104 7.17 1.98 -8.90
CA VAL A 104 7.34 1.92 -7.44
C VAL A 104 8.73 2.40 -7.05
N TRP A 105 8.76 3.35 -6.11
CA TRP A 105 10.02 3.84 -5.55
C TRP A 105 10.27 3.19 -4.20
N ASP A 106 11.37 2.45 -4.08
CA ASP A 106 11.74 1.84 -2.81
C ASP A 106 13.07 2.39 -2.30
N THR A 107 13.03 3.10 -1.17
CA THR A 107 14.24 3.70 -0.61
C THR A 107 15.23 2.60 -0.23
N ALA A 108 16.50 2.82 -0.54
CA ALA A 108 17.52 1.81 -0.24
C ALA A 108 17.94 1.87 1.22
N GLY A 109 17.04 1.48 2.12
CA GLY A 109 17.35 1.39 3.54
C GLY A 109 17.22 2.72 4.27
N GLN A 110 16.84 3.76 3.55
CA GLN A 110 16.79 5.10 4.12
C GLN A 110 15.80 5.15 5.29
N GLU A 111 14.70 4.41 5.18
CA GLU A 111 13.71 4.37 6.24
C GLU A 111 14.33 3.87 7.53
N LYS A 112 15.18 2.85 7.43
CA LYS A 112 15.88 2.33 8.60
C LYS A 112 16.80 3.39 9.19
N PHE A 113 17.41 4.19 8.31
CA PHE A 113 18.24 5.30 8.76
C PHE A 113 17.41 6.33 9.51
N GLY A 114 16.20 6.58 9.04
CA GLY A 114 15.37 7.62 9.62
C GLY A 114 14.36 8.21 8.65
N GLY A 115 14.10 9.50 8.76
CA GLY A 115 13.19 10.16 7.85
C GLY A 115 13.70 10.16 6.42
N LEU A 116 12.79 10.38 5.46
CA LEU A 116 13.13 10.27 4.05
C LEU A 116 13.35 11.64 3.43
N ARG A 117 14.35 11.74 2.55
CA ARG A 117 14.62 12.99 1.85
C ARG A 117 13.46 13.37 0.93
N ASP A 118 13.20 14.67 0.80
CA ASP A 118 12.06 15.15 0.04
C ASP A 118 12.05 14.59 -1.37
N GLY A 119 13.24 14.40 -1.95
CA GLY A 119 13.32 13.93 -3.32
C GLY A 119 12.54 12.65 -3.55
N TYR A 120 12.60 11.73 -2.59
CA TYR A 120 11.88 10.47 -2.70
C TYR A 120 10.38 10.72 -2.80
N TYR A 121 9.87 11.65 -1.99
CA TYR A 121 8.45 11.97 -2.00
C TYR A 121 8.07 12.76 -3.24
N ILE A 122 9.02 13.53 -3.78
CA ILE A 122 8.72 14.44 -4.89
C ILE A 122 8.14 13.68 -6.07
N GLN A 123 7.10 14.24 -6.66
CA GLN A 123 6.40 13.61 -7.77
C GLN A 123 5.74 12.29 -7.36
N ALA A 124 5.25 12.22 -6.13
CA ALA A 124 4.50 11.06 -5.68
C ALA A 124 3.09 11.09 -6.28
N GLN A 125 2.95 10.67 -7.53
CA GLN A 125 1.64 10.59 -8.16
C GLN A 125 0.72 9.71 -7.34
N CYS A 126 1.30 8.68 -6.73
CA CYS A 126 0.54 7.77 -5.88
C CYS A 126 1.30 7.53 -4.57
N ALA A 127 0.57 7.25 -3.49
CA ALA A 127 1.22 6.95 -2.23
C ALA A 127 0.56 5.79 -1.50
N ILE A 128 1.37 4.88 -0.98
CA ILE A 128 0.87 3.81 -0.10
C ILE A 128 1.72 3.77 1.17
N ILE A 129 1.08 3.87 2.32
CA ILE A 129 1.79 3.80 3.59
C ILE A 129 1.36 2.54 4.34
N MET A 130 2.33 1.77 4.83
CA MET A 130 2.05 0.47 5.43
C MET A 130 2.52 0.43 6.88
N PHE A 131 1.75 -0.22 7.75
CA PHE A 131 2.17 -0.41 9.13
C PHE A 131 2.15 -1.88 9.52
N ASP A 132 3.10 -2.28 10.35
CA ASP A 132 3.11 -3.64 10.90
C ASP A 132 1.99 -3.79 11.91
N VAL A 133 1.07 -4.72 11.67
CA VAL A 133 -0.11 -4.86 12.52
C VAL A 133 0.30 -5.17 13.96
N THR A 134 1.36 -5.95 14.13
CA THR A 134 1.85 -6.27 15.46
C THR A 134 2.48 -5.05 16.11
N SER A 135 3.16 -4.22 15.33
CA SER A 135 3.92 -3.12 15.91
C SER A 135 3.08 -1.86 16.09
N ARG A 136 2.72 -1.58 17.34
CA ARG A 136 2.02 -0.35 17.67
C ARG A 136 2.88 0.86 17.36
N VAL A 137 4.18 0.72 17.59
CA VAL A 137 5.13 1.80 17.29
C VAL A 137 5.02 2.16 15.82
N THR A 138 4.94 1.16 14.96
CA THR A 138 4.86 1.42 13.52
C THR A 138 3.56 2.14 13.19
N TYR A 139 2.47 1.73 13.84
CA TYR A 139 1.19 2.41 13.66
C TYR A 139 1.32 3.88 14.07
N LYS A 140 2.02 4.13 15.16
CA LYS A 140 2.25 5.49 15.63
C LYS A 140 3.07 6.28 14.63
N ASN A 141 3.94 5.57 13.91
CA ASN A 141 4.81 6.19 12.93
C ASN A 141 4.05 6.60 11.66
N VAL A 142 2.92 5.93 11.39
CA VAL A 142 2.20 6.16 10.16
C VAL A 142 1.85 7.64 10.00
N PRO A 143 1.26 8.26 11.02
CA PRO A 143 0.92 9.68 10.95
C PRO A 143 2.13 10.53 10.58
N ASN A 144 3.29 10.15 11.10
CA ASN A 144 4.52 10.91 10.86
C ASN A 144 4.91 10.82 9.39
N TRP A 145 4.87 9.60 8.85
CA TRP A 145 5.20 9.39 7.44
C TRP A 145 4.19 10.14 6.58
N HIS A 146 2.92 10.06 6.95
CA HIS A 146 1.86 10.78 6.26
C HIS A 146 2.17 12.28 6.25
N ARG A 147 2.62 12.80 7.40
CA ARG A 147 2.89 14.23 7.51
C ARG A 147 3.98 14.64 6.53
N ASP A 148 5.05 13.87 6.47
CA ASP A 148 6.15 14.17 5.55
C ASP A 148 5.67 14.10 4.12
N LEU A 149 4.89 13.07 3.82
CA LEU A 149 4.38 12.87 2.46
C LEU A 149 3.53 14.07 2.05
N VAL A 150 2.62 14.47 2.92
CA VAL A 150 1.72 15.58 2.62
C VAL A 150 2.54 16.86 2.47
N ARG A 151 3.57 17.02 3.29
CA ARG A 151 4.38 18.23 3.24
C ARG A 151 4.98 18.39 1.85
N VAL A 152 5.48 17.29 1.29
CA VAL A 152 6.14 17.34 -0.01
C VAL A 152 5.11 17.40 -1.14
N CYS A 153 4.11 16.52 -1.10
CA CYS A 153 3.15 16.43 -2.19
C CYS A 153 1.71 16.51 -1.70
N GLU A 154 0.86 17.18 -2.45
CA GLU A 154 -0.52 17.42 -2.04
C GLU A 154 -1.50 17.06 -3.15
N ASN A 155 -2.75 16.78 -2.78
CA ASN A 155 -3.75 16.34 -3.74
C ASN A 155 -3.37 15.02 -4.39
N ILE A 156 -2.79 14.12 -3.59
CA ILE A 156 -2.33 12.83 -4.10
C ILE A 156 -3.03 11.70 -3.35
N PRO A 157 -3.56 10.70 -4.06
CA PRO A 157 -4.22 9.59 -3.37
C PRO A 157 -3.28 8.84 -2.44
N ILE A 158 -3.74 8.60 -1.22
CA ILE A 158 -2.93 7.91 -0.23
C ILE A 158 -3.64 6.62 0.20
N VAL A 159 -2.91 5.51 0.14
CA VAL A 159 -3.47 4.21 0.48
C VAL A 159 -2.82 3.72 1.76
N LEU A 160 -3.61 3.52 2.81
CA LEU A 160 -3.08 3.13 4.11
C LEU A 160 -3.35 1.66 4.37
N CYS A 161 -2.30 0.87 4.57
CA CYS A 161 -2.47 -0.58 4.70
C CYS A 161 -1.78 -1.14 5.94
N GLY A 162 -2.44 -2.11 6.57
CA GLY A 162 -1.82 -2.86 7.64
C GLY A 162 -1.21 -4.15 7.11
N ASN A 163 0.05 -4.39 7.40
CA ASN A 163 0.78 -5.51 6.80
C ASN A 163 1.14 -6.57 7.82
N LYS A 164 1.39 -7.79 7.35
CA LYS A 164 1.86 -8.87 8.20
C LYS A 164 0.76 -9.43 9.10
N VAL A 165 -0.48 -9.30 8.64
CA VAL A 165 -1.63 -9.86 9.36
C VAL A 165 -1.45 -11.37 9.51
N ASP A 166 -0.55 -11.94 8.71
CA ASP A 166 -0.22 -13.35 8.82
C ASP A 166 0.05 -13.74 10.27
N ILE A 167 0.61 -12.80 11.05
CA ILE A 167 0.86 -13.07 12.46
C ILE A 167 -0.45 -12.97 13.24
N LYS A 168 -0.80 -14.03 13.96
CA LYS A 168 -2.06 -14.10 14.69
C LYS A 168 -2.15 -12.99 15.74
N ASP A 169 -1.00 -12.65 16.34
CA ASP A 169 -0.98 -11.61 17.36
C ASP A 169 -1.04 -10.23 16.74
N ARG A 170 -2.21 -9.87 16.22
CA ARG A 170 -2.42 -8.54 15.65
C ARG A 170 -2.73 -7.54 16.74
N LYS A 171 -1.71 -6.83 17.21
CA LYS A 171 -1.87 -5.89 18.32
C LYS A 171 -2.68 -4.67 17.90
N VAL A 172 -2.48 -4.20 16.67
CA VAL A 172 -3.25 -3.08 16.16
C VAL A 172 -4.52 -3.60 15.49
N LYS A 173 -5.67 -3.25 16.04
CA LYS A 173 -6.95 -3.79 15.59
C LYS A 173 -7.86 -2.67 15.09
N ALA A 174 -8.98 -3.05 14.47
CA ALA A 174 -9.86 -2.07 13.85
C ALA A 174 -10.20 -0.94 14.82
N LYS A 175 -10.45 -1.30 16.08
CA LYS A 175 -10.81 -0.31 17.09
C LYS A 175 -9.69 0.70 17.29
N SER A 176 -8.45 0.22 17.32
CA SER A 176 -7.30 1.10 17.45
C SER A 176 -7.01 1.86 16.16
N ILE A 177 -7.52 1.34 15.05
CA ILE A 177 -7.30 1.99 13.76
C ILE A 177 -8.27 3.17 13.63
N VAL A 178 -7.76 4.37 13.89
CA VAL A 178 -8.59 5.57 13.88
C VAL A 178 -7.99 6.62 12.95
N PHE A 179 -6.66 6.63 12.83
CA PHE A 179 -5.98 7.63 12.03
C PHE A 179 -6.57 7.66 10.63
N HIS A 180 -6.86 6.48 10.11
CA HIS A 180 -7.37 6.33 8.75
C HIS A 180 -8.67 7.11 8.59
N ARG A 181 -9.59 6.93 9.54
CA ARG A 181 -10.85 7.65 9.51
C ARG A 181 -10.59 9.15 9.64
N LYS A 182 -9.67 9.51 10.52
CA LYS A 182 -9.42 10.91 10.82
C LYS A 182 -8.92 11.64 9.57
N LYS A 183 -8.13 10.95 8.76
CA LYS A 183 -7.62 11.53 7.53
C LYS A 183 -8.53 11.23 6.34
N ASN A 184 -9.59 10.47 6.58
CA ASN A 184 -10.49 10.06 5.51
C ASN A 184 -9.76 9.24 4.46
N LEU A 185 -8.79 8.45 4.91
CA LEU A 185 -8.05 7.55 4.02
C LEU A 185 -8.43 6.11 4.28
N GLN A 186 -8.67 5.36 3.21
CA GLN A 186 -9.16 3.98 3.33
C GLN A 186 -8.11 3.07 3.94
N TYR A 187 -8.56 2.14 4.78
CA TYR A 187 -7.68 1.12 5.33
C TYR A 187 -7.71 -0.14 4.48
N TYR A 188 -6.54 -0.77 4.31
CA TYR A 188 -6.46 -2.02 3.57
C TYR A 188 -5.67 -3.06 4.37
N ASP A 189 -6.15 -4.29 4.40
CA ASP A 189 -5.47 -5.36 5.13
C ASP A 189 -4.69 -6.26 4.19
N ILE A 190 -3.36 -6.21 4.28
CA ILE A 190 -2.51 -6.95 3.36
C ILE A 190 -1.47 -7.74 4.13
N SER A 191 -1.06 -8.89 3.62
CA SER A 191 0.04 -9.63 4.23
C SER A 191 1.04 -10.08 3.17
N ALA A 192 2.14 -9.35 3.03
CA ALA A 192 3.11 -9.59 1.96
C ALA A 192 3.69 -11.01 2.05
N LYS A 193 3.99 -11.45 3.28
CA LYS A 193 4.61 -12.75 3.47
C LYS A 193 3.72 -13.86 2.88
N SER A 194 2.41 -13.68 2.99
CA SER A 194 1.47 -14.66 2.44
C SER A 194 0.98 -14.23 1.07
N ASN A 195 1.38 -13.04 0.62
CA ASN A 195 0.85 -12.48 -0.62
C ASN A 195 -0.65 -12.26 -0.48
N TYR A 196 -1.11 -11.96 0.72
CA TYR A 196 -2.53 -11.72 0.97
C TYR A 196 -2.94 -10.33 0.52
N ASN A 197 -3.97 -10.28 -0.32
CA ASN A 197 -4.54 -9.00 -0.76
C ASN A 197 -3.52 -8.16 -1.52
N PHE A 198 -2.67 -8.82 -2.30
CA PHE A 198 -1.62 -8.11 -3.03
C PHE A 198 -2.20 -7.04 -3.94
N GLU A 199 -3.24 -7.43 -4.68
CA GLU A 199 -3.83 -6.57 -5.70
C GLU A 199 -4.67 -5.45 -5.10
N LYS A 200 -5.20 -5.66 -3.90
CA LYS A 200 -6.18 -4.74 -3.34
C LYS A 200 -5.73 -3.30 -3.31
N PRO A 201 -4.59 -2.98 -2.67
CA PRO A 201 -4.12 -1.60 -2.60
C PRO A 201 -3.92 -1.00 -3.99
N PHE A 202 -3.38 -1.79 -4.90
CA PHE A 202 -3.10 -1.31 -6.25
C PHE A 202 -4.39 -1.00 -6.98
N LEU A 203 -5.36 -1.90 -6.90
CA LEU A 203 -6.61 -1.74 -7.63
C LEU A 203 -7.35 -0.50 -7.15
N TRP A 204 -7.46 -0.35 -5.84
CA TRP A 204 -8.10 0.83 -5.27
C TRP A 204 -7.35 2.10 -5.63
N LEU A 205 -6.02 2.05 -5.57
CA LEU A 205 -5.21 3.20 -5.96
C LEU A 205 -5.51 3.59 -7.40
N ALA A 206 -5.56 2.60 -8.28
CA ALA A 206 -5.85 2.85 -9.69
C ALA A 206 -7.25 3.43 -9.84
N ARG A 207 -8.20 2.88 -9.09
CA ARG A 207 -9.57 3.37 -9.12
C ARG A 207 -9.62 4.84 -8.71
N LYS A 208 -8.84 5.19 -7.70
CA LYS A 208 -8.77 6.58 -7.25
C LYS A 208 -8.21 7.45 -8.37
N LEU A 209 -7.11 7.01 -8.96
CA LEU A 209 -6.39 7.80 -9.95
C LEU A 209 -7.28 8.05 -11.16
N ILE A 210 -7.89 7.00 -11.68
CA ILE A 210 -8.74 7.10 -12.86
C ILE A 210 -10.05 7.80 -12.48
N GLY A 211 -10.52 7.57 -11.25
CA GLY A 211 -11.84 8.04 -10.86
C GLY A 211 -12.91 7.03 -11.20
N ASP A 212 -12.49 5.81 -11.53
CA ASP A 212 -13.40 4.77 -12.00
C ASP A 212 -13.67 3.74 -10.90
N PRO A 213 -14.81 3.84 -10.21
CA PRO A 213 -15.16 2.91 -9.15
C PRO A 213 -15.33 1.48 -9.65
N ASN A 214 -15.68 1.35 -10.93
CA ASN A 214 -16.01 0.06 -11.50
C ASN A 214 -14.79 -0.60 -12.13
N LEU A 215 -13.62 -0.02 -11.92
CA LEU A 215 -12.39 -0.57 -12.51
C LEU A 215 -12.09 -1.95 -11.92
N GLU A 216 -11.70 -2.88 -12.78
CA GLU A 216 -11.33 -4.23 -12.34
C GLU A 216 -10.02 -4.68 -12.98
N PHE A 217 -9.23 -5.43 -12.24
CA PHE A 217 -8.03 -6.04 -12.80
C PHE A 217 -8.41 -7.25 -13.65
N VAL A 218 -8.44 -7.05 -14.96
CA VAL A 218 -8.87 -8.10 -15.88
C VAL A 218 -7.85 -9.24 -15.86
N ALA A 219 -6.57 -8.90 -15.83
CA ALA A 219 -5.53 -9.92 -15.85
C ALA A 219 -4.49 -9.67 -14.75
N MET A 220 -3.95 -10.74 -14.20
CA MET A 220 -3.03 -10.63 -13.08
C MET A 220 -1.59 -10.85 -13.52
N PRO A 221 -0.69 -9.91 -13.22
CA PRO A 221 0.72 -10.05 -13.58
C PRO A 221 1.38 -11.22 -12.84
N ALA A 222 2.42 -11.79 -13.41
CA ALA A 222 3.07 -12.94 -12.81
C ALA A 222 3.63 -12.59 -11.43
N LEU A 223 3.32 -13.41 -10.44
CA LEU A 223 3.73 -13.13 -9.06
C LEU A 223 4.58 -14.26 -8.51
N ALA A 224 5.65 -13.92 -7.78
CA ALA A 224 6.48 -14.91 -7.12
C ALA A 224 5.68 -15.64 -6.05
N PRO A 225 5.99 -16.92 -5.79
CA PRO A 225 5.27 -17.69 -4.80
C PRO A 225 5.35 -17.09 -3.39
N PRO A 226 4.25 -17.16 -2.64
CA PRO A 226 4.21 -16.62 -1.28
C PRO A 226 5.12 -17.39 -0.32
N GLU A 227 5.67 -16.71 0.67
CA GLU A 227 6.48 -17.38 1.68
C GLU A 227 5.62 -18.32 2.53
N VAL A 228 4.43 -17.85 2.89
CA VAL A 228 3.47 -18.69 3.60
C VAL A 228 2.10 -18.57 2.95
N VAL A 229 1.21 -19.52 3.25
CA VAL A 229 -0.16 -19.43 2.75
C VAL A 229 -1.07 -18.98 3.89
N MET A 230 -1.82 -17.91 3.65
CA MET A 230 -2.77 -17.42 4.64
C MET A 230 -3.87 -18.45 4.89
N ASP A 231 -4.18 -18.69 6.16
CA ASP A 231 -5.28 -19.57 6.51
C ASP A 231 -6.60 -18.91 6.11
N PRO A 232 -7.39 -19.56 5.24
CA PRO A 232 -8.66 -19.00 4.79
C PRO A 232 -9.57 -18.65 5.96
N ALA A 233 -9.62 -19.51 6.97
CA ALA A 233 -10.50 -19.26 8.11
C ALA A 233 -10.07 -17.99 8.83
N LEU A 234 -8.77 -17.84 9.06
CA LEU A 234 -8.27 -16.63 9.73
C LEU A 234 -8.59 -15.40 8.89
N ALA A 235 -8.34 -15.48 7.59
CA ALA A 235 -8.58 -14.36 6.71
C ALA A 235 -10.06 -13.97 6.75
N ALA A 236 -10.93 -14.98 6.70
CA ALA A 236 -12.36 -14.73 6.75
C ALA A 236 -12.74 -14.06 8.06
N GLN A 237 -12.15 -14.53 9.16
CA GLN A 237 -12.45 -13.95 10.47
C GLN A 237 -12.04 -12.49 10.48
N TYR A 238 -10.85 -12.21 9.96
CA TYR A 238 -10.32 -10.85 9.95
C TYR A 238 -11.26 -9.95 9.18
N GLU A 239 -11.66 -10.41 8.00
CA GLU A 239 -12.52 -9.62 7.12
C GLU A 239 -13.87 -9.38 7.77
N HIS A 240 -14.43 -10.42 8.39
CA HIS A 240 -15.72 -10.30 9.05
C HIS A 240 -15.64 -9.29 10.19
N ASP A 241 -14.55 -9.36 10.96
CA ASP A 241 -14.39 -8.46 12.10
C ASP A 241 -14.34 -7.02 11.61
N LEU A 242 -13.60 -6.79 10.54
CA LEU A 242 -13.50 -5.45 9.96
C LEU A 242 -14.87 -4.98 9.51
N GLU A 243 -15.63 -5.87 8.87
CA GLU A 243 -16.96 -5.52 8.38
C GLU A 243 -17.86 -5.13 9.55
N VAL A 244 -17.79 -5.90 10.63
CA VAL A 244 -18.62 -5.62 11.79
C VAL A 244 -18.24 -4.27 12.37
N ALA A 245 -16.93 -3.99 12.44
CA ALA A 245 -16.48 -2.71 12.98
C ALA A 245 -17.00 -1.57 12.13
N GLN A 246 -16.96 -1.75 10.81
CA GLN A 246 -17.46 -0.73 9.89
C GLN A 246 -18.97 -0.56 10.09
N THR A 247 -19.65 -1.67 10.35
CA THR A 247 -21.10 -1.65 10.51
C THR A 247 -21.49 -0.95 11.81
N THR A 248 -20.61 -1.00 12.81
CA THR A 248 -20.92 -0.48 14.13
C THR A 248 -21.32 0.99 14.06
N ALA A 249 -22.39 1.35 14.77
CA ALA A 249 -22.96 2.69 14.66
C ALA A 249 -22.24 3.71 15.54
N LEU A 250 -20.95 3.94 15.26
CA LEU A 250 -20.21 5.00 15.92
C LEU A 250 -19.61 5.94 14.89
N PRO A 251 -19.52 7.24 15.20
CA PRO A 251 -18.96 8.20 14.25
C PRO A 251 -17.57 7.80 13.78
N ASP A 252 -16.83 7.09 14.63
CA ASP A 252 -15.51 6.58 14.26
C ASP A 252 -15.35 5.14 14.76
N GLU A 253 -14.25 4.50 14.39
CA GLU A 253 -13.95 3.17 14.91
C GLU A 253 -13.89 3.20 16.43
N ASP A 254 -13.38 4.29 16.98
CA ASP A 254 -13.37 4.50 18.42
C ASP A 254 -13.75 5.95 18.75
N ASP A 255 -14.43 6.15 19.86
CA ASP A 255 -14.72 7.51 20.30
C ASP A 255 -13.51 8.09 21.03
N ASP A 256 -12.40 8.17 20.31
CA ASP A 256 -11.13 8.60 20.89
C ASP A 256 -11.20 10.07 21.30
N LEU A 257 -12.01 10.85 20.59
CA LEU A 257 -12.10 12.28 20.83
C LEU A 257 -13.51 12.69 21.24
N MET A 42 -4.02 1.70 -18.97
CA MET A 42 -5.00 2.79 -19.18
C MET A 42 -4.93 3.39 -20.55
N ALA A 43 -4.19 2.71 -21.46
CA ALA A 43 -4.00 3.11 -22.81
C ALA A 43 -5.09 2.45 -23.61
N ALA A 44 -6.25 3.12 -23.68
CA ALA A 44 -7.38 2.61 -24.43
C ALA A 44 -7.76 3.52 -25.58
N GLN A 45 -7.14 4.73 -25.67
CA GLN A 45 -7.45 5.71 -26.70
C GLN A 45 -6.29 6.02 -27.60
N GLY A 46 -5.17 5.26 -27.49
CA GLY A 46 -4.00 5.49 -28.32
C GLY A 46 -2.90 6.23 -27.60
N GLU A 47 -3.13 6.62 -26.34
CA GLU A 47 -2.15 7.27 -25.47
C GLU A 47 -1.07 6.27 -25.06
N PRO A 48 0.16 6.73 -24.82
CA PRO A 48 1.22 5.84 -24.38
C PRO A 48 0.87 5.21 -23.04
N GLN A 49 1.39 4.03 -22.74
CA GLN A 49 0.98 3.33 -21.53
C GLN A 49 1.10 4.26 -20.33
N VAL A 50 0.07 4.27 -19.48
CA VAL A 50 0.01 5.23 -18.38
C VAL A 50 0.87 4.74 -17.22
N GLN A 51 1.81 5.58 -16.80
CA GLN A 51 2.67 5.27 -15.67
C GLN A 51 2.36 6.20 -14.50
N PHE A 52 2.20 5.64 -13.31
CA PHE A 52 2.05 6.44 -12.10
C PHE A 52 3.24 6.22 -11.18
N LYS A 53 3.87 7.30 -10.74
CA LYS A 53 4.96 7.18 -9.78
C LYS A 53 4.40 6.86 -8.40
N LEU A 54 4.71 5.65 -7.92
CA LEU A 54 4.17 5.18 -6.65
C LEU A 54 5.23 5.27 -5.55
N VAL A 55 4.87 5.95 -4.46
CA VAL A 55 5.74 6.05 -3.31
C VAL A 55 5.22 5.15 -2.20
N LEU A 56 6.07 4.20 -1.77
CA LEU A 56 5.71 3.29 -0.69
C LEU A 56 6.44 3.70 0.59
N VAL A 57 5.69 3.91 1.66
CA VAL A 57 6.28 4.41 2.89
C VAL A 57 5.93 3.52 4.07
N GLY A 58 6.89 3.30 4.96
CA GLY A 58 6.68 2.45 6.11
C GLY A 58 7.92 2.36 6.99
N ASP A 59 7.90 1.50 7.99
CA ASP A 59 9.08 1.25 8.82
C ASP A 59 9.75 -0.06 8.42
N GLY A 60 10.98 -0.26 8.86
CA GLY A 60 11.63 -1.55 8.64
C GLY A 60 10.91 -2.65 9.39
N GLY A 61 10.75 -3.81 8.77
CA GLY A 61 9.98 -4.88 9.37
C GLY A 61 8.51 -4.86 9.02
N THR A 62 8.08 -3.91 8.17
CA THR A 62 6.72 -3.92 7.67
C THR A 62 6.54 -4.96 6.57
N GLY A 63 7.63 -5.32 5.89
CA GLY A 63 7.54 -6.22 4.75
C GLY A 63 7.23 -5.49 3.46
N LYS A 64 7.36 -4.16 3.49
CA LYS A 64 7.00 -3.33 2.33
C LYS A 64 7.80 -3.74 1.10
N THR A 65 9.10 -3.97 1.29
CA THR A 65 9.95 -4.42 0.19
C THR A 65 9.52 -5.80 -0.30
N THR A 66 9.14 -6.67 0.63
CA THR A 66 8.65 -7.99 0.26
C THR A 66 7.44 -7.86 -0.66
N PHE A 67 6.59 -6.88 -0.38
CA PHE A 67 5.40 -6.67 -1.19
C PHE A 67 5.84 -6.46 -2.64
N VAL A 68 6.85 -5.64 -2.82
CA VAL A 68 7.39 -5.36 -4.15
C VAL A 68 7.98 -6.63 -4.74
N LYS A 69 8.68 -7.40 -3.92
CA LYS A 69 9.37 -8.59 -4.38
C LYS A 69 8.38 -9.57 -5.02
N ARG A 70 7.14 -9.54 -4.56
CA ARG A 70 6.11 -10.42 -5.09
C ARG A 70 5.91 -10.22 -6.60
N HIS A 71 6.01 -8.98 -7.06
CA HIS A 71 5.71 -8.69 -8.45
C HIS A 71 6.90 -9.01 -9.35
N LEU A 72 6.78 -10.08 -10.14
CA LEU A 72 7.91 -10.58 -10.92
C LEU A 72 8.42 -9.52 -11.90
N THR A 73 7.51 -8.85 -12.59
CA THR A 73 7.91 -7.86 -13.59
C THR A 73 8.72 -6.76 -12.93
N GLY A 74 8.30 -6.33 -11.75
CA GLY A 74 9.04 -5.31 -11.02
C GLY A 74 10.46 -5.74 -10.70
N GLU A 75 10.64 -7.03 -10.40
CA GLU A 75 11.97 -7.58 -10.20
C GLU A 75 12.75 -7.58 -11.51
N PHE A 76 12.09 -8.04 -12.58
CA PHE A 76 12.75 -8.22 -13.87
C PHE A 76 13.21 -6.87 -14.42
N GLU A 77 12.37 -5.86 -14.29
CA GLU A 77 12.67 -4.54 -14.83
C GLU A 77 13.28 -3.63 -13.79
N LYS A 78 13.80 -4.20 -12.70
CA LYS A 78 14.33 -3.39 -11.61
C LYS A 78 15.35 -2.37 -12.12
N LYS A 79 15.16 -1.13 -11.70
CA LYS A 79 16.11 -0.06 -11.99
C LYS A 79 16.52 0.63 -10.68
N TYR A 80 17.65 1.32 -10.69
CA TYR A 80 18.08 2.05 -9.50
C TYR A 80 18.44 3.49 -9.83
N VAL A 81 18.05 4.41 -8.96
CA VAL A 81 18.45 5.81 -9.11
C VAL A 81 19.45 6.17 -8.02
N ALA A 82 20.70 6.44 -8.43
CA ALA A 82 21.76 6.76 -7.48
C ALA A 82 21.49 8.11 -6.81
N THR A 83 21.06 9.09 -7.59
CA THR A 83 20.89 10.45 -7.08
C THR A 83 19.95 10.44 -5.87
N LEU A 84 18.80 9.78 -6.01
CA LEU A 84 17.86 9.64 -4.91
C LEU A 84 18.30 8.56 -3.92
N GLY A 85 19.04 7.56 -4.40
CA GLY A 85 19.36 6.42 -3.56
C GLY A 85 18.17 5.47 -3.46
N VAL A 86 17.33 5.48 -4.49
CA VAL A 86 16.07 4.75 -4.45
C VAL A 86 15.97 3.74 -5.59
N GLU A 87 15.51 2.53 -5.28
CA GLU A 87 15.23 1.53 -6.29
C GLU A 87 13.94 1.86 -7.04
N VAL A 88 13.93 1.57 -8.34
CA VAL A 88 12.72 1.73 -9.15
C VAL A 88 12.22 0.36 -9.58
N HIS A 89 10.96 0.07 -9.26
CA HIS A 89 10.35 -1.19 -9.67
C HIS A 89 9.05 -0.95 -10.43
N PRO A 90 9.06 -1.06 -11.75
CA PRO A 90 7.84 -0.87 -12.53
C PRO A 90 6.87 -2.03 -12.27
N LEU A 91 5.67 -1.72 -11.75
CA LEU A 91 4.69 -2.76 -11.52
C LEU A 91 3.49 -2.57 -12.46
N VAL A 92 3.29 -3.53 -13.36
CA VAL A 92 2.24 -3.40 -14.36
C VAL A 92 1.03 -4.23 -13.93
N PHE A 93 -0.13 -3.61 -13.93
CA PHE A 93 -1.37 -4.32 -13.64
C PHE A 93 -2.37 -4.14 -14.79
N HIS A 94 -2.98 -5.25 -15.20
CA HIS A 94 -3.84 -5.23 -16.39
C HIS A 94 -5.29 -4.97 -15.97
N THR A 95 -5.80 -3.80 -16.33
CA THR A 95 -7.11 -3.37 -15.87
C THR A 95 -8.09 -3.35 -17.03
N ASN A 96 -9.37 -3.12 -16.72
CA ASN A 96 -10.38 -2.94 -17.76
C ASN A 96 -10.01 -1.81 -18.70
N ARG A 97 -9.46 -0.73 -18.16
CA ARG A 97 -8.99 0.39 -18.97
C ARG A 97 -7.79 -0.05 -19.81
N GLY A 98 -6.96 -0.93 -19.25
CA GLY A 98 -5.74 -1.36 -19.90
C GLY A 98 -4.60 -1.53 -18.91
N PRO A 99 -3.41 -1.89 -19.38
CA PRO A 99 -2.26 -2.06 -18.49
C PRO A 99 -1.87 -0.74 -17.85
N ILE A 100 -1.75 -0.72 -16.53
CA ILE A 100 -1.28 0.47 -15.83
C ILE A 100 0.04 0.15 -15.13
N LYS A 101 1.08 0.90 -15.47
CA LYS A 101 2.37 0.72 -14.84
C LYS A 101 2.51 1.61 -13.61
N PHE A 102 2.78 1.00 -12.46
CA PHE A 102 3.06 1.75 -11.24
C PHE A 102 4.56 1.75 -11.00
N ASN A 103 5.19 2.92 -11.18
CA ASN A 103 6.63 3.03 -11.00
C ASN A 103 6.94 3.13 -9.52
N VAL A 104 7.17 1.98 -8.90
CA VAL A 104 7.34 1.92 -7.44
C VAL A 104 8.73 2.40 -7.05
N TRP A 105 8.76 3.35 -6.11
CA TRP A 105 10.02 3.84 -5.55
C TRP A 105 10.27 3.19 -4.20
N ASP A 106 11.37 2.45 -4.08
CA ASP A 106 11.74 1.84 -2.81
C ASP A 106 13.07 2.39 -2.30
N THR A 107 13.03 3.10 -1.17
CA THR A 107 14.24 3.70 -0.61
C THR A 107 15.23 2.60 -0.23
N ALA A 108 16.50 2.82 -0.54
CA ALA A 108 17.52 1.81 -0.24
C ALA A 108 17.94 1.87 1.22
N GLY A 109 17.04 1.48 2.12
CA GLY A 109 17.35 1.39 3.54
C GLY A 109 17.22 2.72 4.27
N GLN A 110 16.84 3.76 3.55
CA GLN A 110 16.79 5.10 4.12
C GLN A 110 15.80 5.15 5.29
N GLU A 111 14.70 4.41 5.18
CA GLU A 111 13.71 4.37 6.24
C GLU A 111 14.33 3.87 7.53
N LYS A 112 15.18 2.85 7.43
CA LYS A 112 15.88 2.33 8.60
C LYS A 112 16.80 3.39 9.19
N PHE A 113 17.41 4.19 8.31
CA PHE A 113 18.24 5.30 8.76
C PHE A 113 17.41 6.33 9.51
N GLY A 114 16.20 6.58 9.04
CA GLY A 114 15.37 7.62 9.62
C GLY A 114 14.36 8.21 8.65
N GLY A 115 14.10 9.50 8.76
CA GLY A 115 13.19 10.16 7.85
C GLY A 115 13.70 10.16 6.42
N LEU A 116 12.79 10.38 5.46
CA LEU A 116 13.13 10.27 4.05
C LEU A 116 13.35 11.64 3.43
N ARG A 117 14.35 11.74 2.55
CA ARG A 117 14.62 12.99 1.85
C ARG A 117 13.46 13.37 0.93
N ASP A 118 13.20 14.67 0.80
CA ASP A 118 12.06 15.15 0.04
C ASP A 118 12.05 14.59 -1.37
N GLY A 119 13.24 14.40 -1.95
CA GLY A 119 13.32 13.93 -3.32
C GLY A 119 12.54 12.65 -3.55
N TYR A 120 12.60 11.73 -2.59
CA TYR A 120 11.88 10.47 -2.70
C TYR A 120 10.38 10.72 -2.80
N TYR A 121 9.87 11.65 -1.99
CA TYR A 121 8.45 11.97 -2.00
C TYR A 121 8.07 12.76 -3.24
N ILE A 122 9.02 13.53 -3.78
CA ILE A 122 8.72 14.44 -4.89
C ILE A 122 8.14 13.68 -6.07
N GLN A 123 7.10 14.24 -6.66
CA GLN A 123 6.40 13.61 -7.77
C GLN A 123 5.74 12.29 -7.36
N ALA A 124 5.25 12.22 -6.13
CA ALA A 124 4.50 11.06 -5.68
C ALA A 124 3.09 11.09 -6.28
N GLN A 125 2.95 10.67 -7.53
CA GLN A 125 1.64 10.59 -8.16
C GLN A 125 0.72 9.71 -7.34
N CYS A 126 1.30 8.68 -6.73
CA CYS A 126 0.54 7.77 -5.88
C CYS A 126 1.30 7.53 -4.57
N ALA A 127 0.57 7.25 -3.49
CA ALA A 127 1.22 6.95 -2.23
C ALA A 127 0.56 5.79 -1.50
N ILE A 128 1.37 4.88 -0.98
CA ILE A 128 0.87 3.81 -0.10
C ILE A 128 1.72 3.77 1.17
N ILE A 129 1.08 3.87 2.32
CA ILE A 129 1.79 3.80 3.59
C ILE A 129 1.36 2.54 4.34
N MET A 130 2.33 1.77 4.83
CA MET A 130 2.05 0.47 5.43
C MET A 130 2.52 0.43 6.88
N PHE A 131 1.75 -0.22 7.75
CA PHE A 131 2.17 -0.41 9.13
C PHE A 131 2.15 -1.88 9.52
N ASP A 132 3.10 -2.28 10.35
CA ASP A 132 3.11 -3.64 10.90
C ASP A 132 1.99 -3.79 11.91
N VAL A 133 1.07 -4.72 11.67
CA VAL A 133 -0.11 -4.86 12.52
C VAL A 133 0.30 -5.17 13.96
N THR A 134 1.36 -5.95 14.13
CA THR A 134 1.85 -6.27 15.46
C THR A 134 2.48 -5.05 16.11
N SER A 135 3.16 -4.22 15.33
CA SER A 135 3.92 -3.12 15.91
C SER A 135 3.08 -1.86 16.09
N ARG A 136 2.72 -1.58 17.34
CA ARG A 136 2.02 -0.35 17.67
C ARG A 136 2.88 0.86 17.36
N VAL A 137 4.18 0.72 17.59
CA VAL A 137 5.13 1.80 17.29
C VAL A 137 5.02 2.16 15.82
N THR A 138 4.94 1.16 14.96
CA THR A 138 4.86 1.42 13.52
C THR A 138 3.56 2.14 13.19
N TYR A 139 2.47 1.73 13.84
CA TYR A 139 1.19 2.41 13.66
C TYR A 139 1.32 3.88 14.07
N LYS A 140 2.02 4.13 15.16
CA LYS A 140 2.25 5.49 15.63
C LYS A 140 3.07 6.28 14.63
N ASN A 141 3.94 5.57 13.91
CA ASN A 141 4.81 6.19 12.93
C ASN A 141 4.05 6.60 11.66
N VAL A 142 2.92 5.93 11.39
CA VAL A 142 2.20 6.16 10.16
C VAL A 142 1.85 7.64 10.00
N PRO A 143 1.26 8.26 11.02
CA PRO A 143 0.92 9.68 10.95
C PRO A 143 2.13 10.53 10.58
N ASN A 144 3.29 10.15 11.10
CA ASN A 144 4.52 10.91 10.86
C ASN A 144 4.91 10.82 9.39
N TRP A 145 4.87 9.60 8.85
CA TRP A 145 5.20 9.39 7.44
C TRP A 145 4.19 10.14 6.58
N HIS A 146 2.92 10.06 6.95
CA HIS A 146 1.86 10.78 6.26
C HIS A 146 2.17 12.28 6.25
N ARG A 147 2.62 12.80 7.40
CA ARG A 147 2.89 14.23 7.51
C ARG A 147 3.98 14.64 6.53
N ASP A 148 5.05 13.87 6.47
CA ASP A 148 6.15 14.17 5.55
C ASP A 148 5.67 14.10 4.12
N LEU A 149 4.89 13.07 3.82
CA LEU A 149 4.38 12.87 2.46
C LEU A 149 3.53 14.07 2.05
N VAL A 150 2.62 14.47 2.92
CA VAL A 150 1.72 15.58 2.62
C VAL A 150 2.54 16.86 2.47
N ARG A 151 3.57 17.02 3.29
CA ARG A 151 4.38 18.23 3.24
C ARG A 151 4.98 18.39 1.85
N VAL A 152 5.48 17.29 1.29
CA VAL A 152 6.14 17.34 -0.01
C VAL A 152 5.11 17.40 -1.14
N CYS A 153 4.11 16.52 -1.10
CA CYS A 153 3.15 16.43 -2.19
C CYS A 153 1.71 16.51 -1.70
N GLU A 154 0.86 17.18 -2.45
CA GLU A 154 -0.52 17.42 -2.04
C GLU A 154 -1.50 17.06 -3.15
N ASN A 155 -2.75 16.78 -2.78
CA ASN A 155 -3.75 16.34 -3.74
C ASN A 155 -3.37 15.02 -4.39
N ILE A 156 -2.79 14.12 -3.59
CA ILE A 156 -2.33 12.83 -4.10
C ILE A 156 -3.03 11.70 -3.35
N PRO A 157 -3.56 10.70 -4.06
CA PRO A 157 -4.22 9.59 -3.37
C PRO A 157 -3.28 8.84 -2.44
N ILE A 158 -3.74 8.60 -1.22
CA ILE A 158 -2.93 7.91 -0.23
C ILE A 158 -3.64 6.62 0.20
N VAL A 159 -2.91 5.51 0.14
CA VAL A 159 -3.47 4.21 0.48
C VAL A 159 -2.82 3.72 1.76
N LEU A 160 -3.61 3.52 2.81
CA LEU A 160 -3.08 3.13 4.11
C LEU A 160 -3.35 1.66 4.37
N CYS A 161 -2.30 0.87 4.57
CA CYS A 161 -2.47 -0.58 4.70
C CYS A 161 -1.78 -1.14 5.94
N GLY A 162 -2.44 -2.11 6.57
CA GLY A 162 -1.82 -2.86 7.64
C GLY A 162 -1.21 -4.15 7.11
N ASN A 163 0.05 -4.39 7.40
CA ASN A 163 0.78 -5.51 6.80
C ASN A 163 1.14 -6.57 7.82
N LYS A 164 1.39 -7.79 7.35
CA LYS A 164 1.86 -8.87 8.20
C LYS A 164 0.76 -9.43 9.10
N VAL A 165 -0.48 -9.30 8.64
CA VAL A 165 -1.63 -9.86 9.36
C VAL A 165 -1.45 -11.37 9.51
N ASP A 166 -0.55 -11.94 8.71
CA ASP A 166 -0.22 -13.35 8.82
C ASP A 166 0.05 -13.74 10.27
N ILE A 167 0.61 -12.80 11.05
CA ILE A 167 0.86 -13.07 12.46
C ILE A 167 -0.45 -12.97 13.24
N LYS A 168 -0.80 -14.03 13.96
CA LYS A 168 -2.06 -14.10 14.69
C LYS A 168 -2.15 -12.99 15.74
N ASP A 169 -1.00 -12.65 16.34
CA ASP A 169 -0.98 -11.61 17.36
C ASP A 169 -1.04 -10.23 16.74
N ARG A 170 -2.21 -9.87 16.22
CA ARG A 170 -2.42 -8.54 15.65
C ARG A 170 -2.73 -7.54 16.74
N LYS A 171 -1.71 -6.83 17.21
CA LYS A 171 -1.87 -5.89 18.32
C LYS A 171 -2.68 -4.67 17.90
N VAL A 172 -2.48 -4.20 16.67
CA VAL A 172 -3.25 -3.08 16.16
C VAL A 172 -4.52 -3.60 15.49
N LYS A 173 -5.67 -3.25 16.04
CA LYS A 173 -6.95 -3.79 15.59
C LYS A 173 -7.86 -2.67 15.09
N ALA A 174 -8.98 -3.05 14.47
CA ALA A 174 -9.86 -2.07 13.85
C ALA A 174 -10.20 -0.94 14.82
N LYS A 175 -10.45 -1.30 16.08
CA LYS A 175 -10.81 -0.31 17.09
C LYS A 175 -9.69 0.70 17.29
N SER A 176 -8.45 0.22 17.32
CA SER A 176 -7.30 1.10 17.45
C SER A 176 -7.01 1.86 16.16
N ILE A 177 -7.52 1.34 15.05
CA ILE A 177 -7.30 1.99 13.76
C ILE A 177 -8.27 3.17 13.63
N VAL A 178 -7.76 4.37 13.89
CA VAL A 178 -8.59 5.57 13.88
C VAL A 178 -7.99 6.62 12.95
N PHE A 179 -6.66 6.63 12.83
CA PHE A 179 -5.98 7.63 12.03
C PHE A 179 -6.57 7.66 10.63
N HIS A 180 -6.86 6.48 10.11
CA HIS A 180 -7.37 6.33 8.75
C HIS A 180 -8.67 7.11 8.59
N ARG A 181 -9.59 6.93 9.54
CA ARG A 181 -10.85 7.65 9.51
C ARG A 181 -10.59 9.15 9.64
N LYS A 182 -9.67 9.51 10.52
CA LYS A 182 -9.42 10.91 10.82
C LYS A 182 -8.92 11.64 9.57
N LYS A 183 -8.13 10.95 8.76
CA LYS A 183 -7.62 11.53 7.53
C LYS A 183 -8.53 11.23 6.34
N ASN A 184 -9.59 10.47 6.58
CA ASN A 184 -10.49 10.06 5.51
C ASN A 184 -9.76 9.24 4.46
N LEU A 185 -8.79 8.45 4.91
CA LEU A 185 -8.05 7.55 4.02
C LEU A 185 -8.43 6.11 4.28
N GLN A 186 -8.67 5.36 3.21
CA GLN A 186 -9.16 3.98 3.33
C GLN A 186 -8.11 3.07 3.94
N TYR A 187 -8.56 2.14 4.78
CA TYR A 187 -7.68 1.12 5.33
C TYR A 187 -7.71 -0.14 4.48
N TYR A 188 -6.54 -0.77 4.31
CA TYR A 188 -6.46 -2.02 3.57
C TYR A 188 -5.67 -3.06 4.37
N ASP A 189 -6.15 -4.29 4.40
CA ASP A 189 -5.47 -5.36 5.13
C ASP A 189 -4.69 -6.26 4.19
N ILE A 190 -3.36 -6.21 4.28
CA ILE A 190 -2.51 -6.95 3.36
C ILE A 190 -1.47 -7.74 4.13
N SER A 191 -1.06 -8.89 3.62
CA SER A 191 0.04 -9.63 4.23
C SER A 191 1.04 -10.08 3.17
N ALA A 192 2.14 -9.35 3.03
CA ALA A 192 3.11 -9.59 1.96
C ALA A 192 3.69 -11.01 2.05
N LYS A 193 3.99 -11.45 3.28
CA LYS A 193 4.61 -12.75 3.47
C LYS A 193 3.72 -13.86 2.88
N SER A 194 2.41 -13.68 2.99
CA SER A 194 1.47 -14.66 2.44
C SER A 194 0.98 -14.23 1.07
N ASN A 195 1.38 -13.04 0.62
CA ASN A 195 0.85 -12.48 -0.62
C ASN A 195 -0.65 -12.26 -0.48
N TYR A 196 -1.11 -11.96 0.72
CA TYR A 196 -2.53 -11.72 0.97
C TYR A 196 -2.94 -10.33 0.52
N ASN A 197 -3.97 -10.28 -0.32
CA ASN A 197 -4.54 -9.00 -0.76
C ASN A 197 -3.52 -8.16 -1.52
N PHE A 198 -2.67 -8.82 -2.30
CA PHE A 198 -1.62 -8.11 -3.03
C PHE A 198 -2.20 -7.04 -3.94
N GLU A 199 -3.24 -7.43 -4.68
CA GLU A 199 -3.83 -6.57 -5.70
C GLU A 199 -4.67 -5.45 -5.10
N LYS A 200 -5.20 -5.66 -3.90
CA LYS A 200 -6.18 -4.74 -3.34
C LYS A 200 -5.73 -3.30 -3.31
N PRO A 201 -4.59 -2.98 -2.67
CA PRO A 201 -4.12 -1.60 -2.60
C PRO A 201 -3.92 -1.00 -3.99
N PHE A 202 -3.38 -1.79 -4.90
CA PHE A 202 -3.10 -1.31 -6.25
C PHE A 202 -4.39 -1.00 -6.98
N LEU A 203 -5.36 -1.90 -6.90
CA LEU A 203 -6.61 -1.74 -7.63
C LEU A 203 -7.35 -0.50 -7.15
N TRP A 204 -7.46 -0.35 -5.84
CA TRP A 204 -8.10 0.83 -5.27
C TRP A 204 -7.35 2.10 -5.63
N LEU A 205 -6.02 2.05 -5.57
CA LEU A 205 -5.21 3.20 -5.96
C LEU A 205 -5.51 3.59 -7.40
N ALA A 206 -5.56 2.60 -8.28
CA ALA A 206 -5.85 2.85 -9.69
C ALA A 206 -7.25 3.43 -9.84
N ARG A 207 -8.20 2.88 -9.09
CA ARG A 207 -9.57 3.37 -9.12
C ARG A 207 -9.62 4.84 -8.71
N LYS A 208 -8.84 5.19 -7.70
CA LYS A 208 -8.77 6.58 -7.25
C LYS A 208 -8.21 7.45 -8.37
N LEU A 209 -7.11 7.01 -8.96
CA LEU A 209 -6.39 7.80 -9.95
C LEU A 209 -7.28 8.05 -11.16
N ILE A 210 -7.89 7.00 -11.68
CA ILE A 210 -8.74 7.10 -12.86
C ILE A 210 -10.05 7.80 -12.48
N GLY A 211 -10.52 7.57 -11.25
CA GLY A 211 -11.84 8.04 -10.86
C GLY A 211 -12.91 7.03 -11.20
N ASP A 212 -12.49 5.81 -11.53
CA ASP A 212 -13.40 4.77 -12.00
C ASP A 212 -13.67 3.74 -10.90
N PRO A 213 -14.81 3.84 -10.21
CA PRO A 213 -15.16 2.91 -9.15
C PRO A 213 -15.33 1.48 -9.65
N ASN A 214 -15.68 1.35 -10.93
CA ASN A 214 -16.01 0.06 -11.50
C ASN A 214 -14.79 -0.60 -12.13
N LEU A 215 -13.62 -0.02 -11.92
CA LEU A 215 -12.39 -0.57 -12.51
C LEU A 215 -12.09 -1.95 -11.92
N GLU A 216 -11.70 -2.88 -12.78
CA GLU A 216 -11.33 -4.23 -12.34
C GLU A 216 -10.02 -4.68 -12.98
N PHE A 217 -9.23 -5.43 -12.24
CA PHE A 217 -8.03 -6.04 -12.80
C PHE A 217 -8.41 -7.25 -13.65
N VAL A 218 -8.44 -7.05 -14.96
CA VAL A 218 -8.87 -8.10 -15.88
C VAL A 218 -7.85 -9.24 -15.86
N ALA A 219 -6.57 -8.90 -15.83
CA ALA A 219 -5.53 -9.92 -15.85
C ALA A 219 -4.49 -9.67 -14.75
N MET A 220 -3.95 -10.74 -14.20
CA MET A 220 -3.03 -10.63 -13.08
C MET A 220 -1.59 -10.85 -13.52
N PRO A 221 -0.69 -9.91 -13.22
CA PRO A 221 0.72 -10.05 -13.58
C PRO A 221 1.38 -11.22 -12.84
N ALA A 222 2.42 -11.79 -13.41
CA ALA A 222 3.07 -12.94 -12.81
C ALA A 222 3.63 -12.59 -11.43
N LEU A 223 3.32 -13.41 -10.44
CA LEU A 223 3.73 -13.13 -9.06
C LEU A 223 4.58 -14.26 -8.51
N ALA A 224 5.65 -13.92 -7.78
CA ALA A 224 6.48 -14.91 -7.12
C ALA A 224 5.68 -15.64 -6.05
N PRO A 225 5.99 -16.92 -5.79
CA PRO A 225 5.27 -17.69 -4.80
C PRO A 225 5.35 -17.09 -3.39
N PRO A 226 4.25 -17.16 -2.64
CA PRO A 226 4.21 -16.62 -1.28
C PRO A 226 5.12 -17.39 -0.32
N GLU A 227 5.67 -16.71 0.67
CA GLU A 227 6.48 -17.38 1.68
C GLU A 227 5.62 -18.32 2.53
N VAL A 228 4.43 -17.85 2.89
CA VAL A 228 3.47 -18.69 3.60
C VAL A 228 2.10 -18.57 2.95
N VAL A 229 1.21 -19.52 3.25
CA VAL A 229 -0.16 -19.43 2.75
C VAL A 229 -1.07 -18.98 3.89
N MET A 230 -1.82 -17.91 3.65
CA MET A 230 -2.77 -17.42 4.64
C MET A 230 -3.87 -18.45 4.89
N ASP A 231 -4.18 -18.69 6.16
CA ASP A 231 -5.28 -19.57 6.51
C ASP A 231 -6.60 -18.91 6.11
N PRO A 232 -7.39 -19.56 5.24
CA PRO A 232 -8.66 -19.00 4.79
C PRO A 232 -9.57 -18.65 5.96
N ALA A 233 -9.62 -19.51 6.97
CA ALA A 233 -10.50 -19.26 8.11
C ALA A 233 -10.07 -17.99 8.83
N LEU A 234 -8.77 -17.84 9.06
CA LEU A 234 -8.27 -16.63 9.73
C LEU A 234 -8.59 -15.40 8.89
N ALA A 235 -8.34 -15.48 7.59
CA ALA A 235 -8.58 -14.36 6.71
C ALA A 235 -10.06 -13.97 6.75
N ALA A 236 -10.93 -14.98 6.70
CA ALA A 236 -12.36 -14.73 6.75
C ALA A 236 -12.74 -14.06 8.06
N GLN A 237 -12.15 -14.53 9.16
CA GLN A 237 -12.45 -13.95 10.47
C GLN A 237 -12.04 -12.49 10.48
N TYR A 238 -10.85 -12.21 9.96
CA TYR A 238 -10.32 -10.85 9.95
C TYR A 238 -11.26 -9.95 9.18
N GLU A 239 -11.66 -10.41 8.00
CA GLU A 239 -12.52 -9.62 7.12
C GLU A 239 -13.87 -9.38 7.77
N HIS A 240 -14.43 -10.42 8.39
CA HIS A 240 -15.72 -10.30 9.05
C HIS A 240 -15.64 -9.29 10.19
N ASP A 241 -14.55 -9.36 10.96
CA ASP A 241 -14.39 -8.46 12.10
C ASP A 241 -14.34 -7.02 11.61
N LEU A 242 -13.60 -6.79 10.54
CA LEU A 242 -13.50 -5.45 9.96
C LEU A 242 -14.87 -4.98 9.51
N GLU A 243 -15.63 -5.87 8.87
CA GLU A 243 -16.96 -5.52 8.38
C GLU A 243 -17.86 -5.13 9.55
N VAL A 244 -17.79 -5.90 10.63
CA VAL A 244 -18.62 -5.62 11.79
C VAL A 244 -18.24 -4.27 12.37
N ALA A 245 -16.93 -3.99 12.44
CA ALA A 245 -16.48 -2.71 12.98
C ALA A 245 -17.00 -1.57 12.13
N GLN A 246 -16.96 -1.75 10.81
CA GLN A 246 -17.46 -0.73 9.89
C GLN A 246 -18.97 -0.56 10.09
N THR A 247 -19.65 -1.67 10.35
CA THR A 247 -21.10 -1.65 10.51
C THR A 247 -21.49 -0.95 11.81
N THR A 248 -20.61 -1.00 12.81
CA THR A 248 -20.92 -0.48 14.13
C THR A 248 -21.32 0.99 14.06
N ALA A 249 -22.39 1.35 14.77
CA ALA A 249 -22.96 2.69 14.66
C ALA A 249 -22.24 3.71 15.54
N LEU A 250 -20.95 3.94 15.26
CA LEU A 250 -20.21 5.00 15.92
C LEU A 250 -19.61 5.94 14.89
N PRO A 251 -19.52 7.24 15.20
CA PRO A 251 -18.96 8.20 14.25
C PRO A 251 -17.57 7.80 13.78
N ASP A 252 -16.83 7.09 14.63
CA ASP A 252 -15.51 6.58 14.26
C ASP A 252 -15.35 5.14 14.76
N GLU A 253 -14.25 4.50 14.39
CA GLU A 253 -13.95 3.17 14.91
C GLU A 253 -13.89 3.20 16.43
N ASP A 254 -13.38 4.29 16.98
CA ASP A 254 -13.37 4.50 18.42
C ASP A 254 -13.75 5.95 18.75
N ASP A 255 -14.43 6.15 19.86
CA ASP A 255 -14.72 7.51 20.30
C ASP A 255 -13.51 8.09 21.03
N ASP A 256 -12.40 8.17 20.31
CA ASP A 256 -11.13 8.60 20.89
C ASP A 256 -11.20 10.07 21.30
N LEU A 257 -12.01 10.85 20.59
CA LEU A 257 -12.10 12.28 20.83
C LEU A 257 -13.51 12.69 21.24
N MET A 42 -5.17 1.59 -18.66
CA MET A 42 -5.20 2.99 -19.11
C MET A 42 -4.44 3.24 -20.36
N ALA A 43 -3.73 2.21 -20.87
CA ALA A 43 -2.92 2.36 -22.05
C ALA A 43 -3.70 2.08 -23.30
N ALA A 44 -4.94 1.54 -23.19
CA ALA A 44 -5.69 1.21 -24.37
C ALA A 44 -6.64 2.33 -24.70
N GLN A 45 -6.02 3.51 -24.95
CA GLN A 45 -6.73 4.72 -25.29
C GLN A 45 -6.01 5.46 -26.39
N GLY A 46 -5.01 4.83 -27.07
CA GLY A 46 -4.23 5.46 -28.13
C GLY A 46 -3.00 6.16 -27.58
N GLU A 47 -3.13 6.62 -26.34
CA GLU A 47 -2.15 7.27 -25.47
C GLU A 47 -1.07 6.27 -25.06
N PRO A 48 0.16 6.73 -24.82
CA PRO A 48 1.22 5.84 -24.38
C PRO A 48 0.87 5.21 -23.04
N GLN A 49 1.39 4.03 -22.74
CA GLN A 49 0.98 3.33 -21.53
C GLN A 49 1.10 4.26 -20.33
N VAL A 50 0.07 4.27 -19.48
CA VAL A 50 0.01 5.23 -18.38
C VAL A 50 0.87 4.74 -17.22
N GLN A 51 1.81 5.58 -16.80
CA GLN A 51 2.67 5.27 -15.67
C GLN A 51 2.36 6.20 -14.50
N PHE A 52 2.20 5.64 -13.31
CA PHE A 52 2.05 6.44 -12.10
C PHE A 52 3.24 6.22 -11.18
N LYS A 53 3.87 7.30 -10.74
CA LYS A 53 4.96 7.18 -9.78
C LYS A 53 4.40 6.86 -8.40
N LEU A 54 4.71 5.65 -7.92
CA LEU A 54 4.17 5.18 -6.65
C LEU A 54 5.23 5.27 -5.55
N VAL A 55 4.87 5.95 -4.46
CA VAL A 55 5.74 6.05 -3.31
C VAL A 55 5.22 5.15 -2.20
N LEU A 56 6.07 4.20 -1.77
CA LEU A 56 5.71 3.29 -0.69
C LEU A 56 6.44 3.70 0.59
N VAL A 57 5.69 3.91 1.66
CA VAL A 57 6.28 4.41 2.89
C VAL A 57 5.93 3.52 4.07
N GLY A 58 6.89 3.30 4.96
CA GLY A 58 6.68 2.45 6.11
C GLY A 58 7.92 2.36 6.99
N ASP A 59 7.90 1.50 7.99
CA ASP A 59 9.08 1.25 8.82
C ASP A 59 9.75 -0.06 8.42
N GLY A 60 10.98 -0.26 8.86
CA GLY A 60 11.63 -1.55 8.64
C GLY A 60 10.91 -2.65 9.39
N GLY A 61 10.75 -3.81 8.77
CA GLY A 61 9.98 -4.88 9.37
C GLY A 61 8.51 -4.86 9.02
N THR A 62 8.08 -3.91 8.17
CA THR A 62 6.72 -3.92 7.67
C THR A 62 6.54 -4.96 6.57
N GLY A 63 7.63 -5.32 5.89
CA GLY A 63 7.54 -6.22 4.75
C GLY A 63 7.23 -5.49 3.46
N LYS A 64 7.36 -4.16 3.49
CA LYS A 64 7.00 -3.33 2.33
C LYS A 64 7.80 -3.74 1.10
N THR A 65 9.10 -3.97 1.29
CA THR A 65 9.95 -4.42 0.19
C THR A 65 9.52 -5.80 -0.30
N THR A 66 9.14 -6.67 0.63
CA THR A 66 8.65 -7.99 0.26
C THR A 66 7.44 -7.86 -0.66
N PHE A 67 6.59 -6.88 -0.38
CA PHE A 67 5.40 -6.67 -1.19
C PHE A 67 5.84 -6.46 -2.64
N VAL A 68 6.85 -5.64 -2.82
CA VAL A 68 7.39 -5.36 -4.15
C VAL A 68 7.98 -6.63 -4.74
N LYS A 69 8.68 -7.40 -3.92
CA LYS A 69 9.37 -8.59 -4.38
C LYS A 69 8.38 -9.57 -5.02
N ARG A 70 7.14 -9.54 -4.56
CA ARG A 70 6.11 -10.42 -5.09
C ARG A 70 5.91 -10.22 -6.60
N HIS A 71 6.01 -8.98 -7.06
CA HIS A 71 5.71 -8.69 -8.45
C HIS A 71 6.90 -9.01 -9.35
N LEU A 72 6.78 -10.08 -10.14
CA LEU A 72 7.91 -10.58 -10.92
C LEU A 72 8.42 -9.52 -11.90
N THR A 73 7.51 -8.85 -12.59
CA THR A 73 7.91 -7.86 -13.59
C THR A 73 8.72 -6.76 -12.93
N GLY A 74 8.30 -6.33 -11.75
CA GLY A 74 9.04 -5.31 -11.02
C GLY A 74 10.46 -5.74 -10.70
N GLU A 75 10.64 -7.03 -10.40
CA GLU A 75 11.97 -7.58 -10.20
C GLU A 75 12.75 -7.58 -11.51
N PHE A 76 12.09 -8.04 -12.58
CA PHE A 76 12.75 -8.22 -13.87
C PHE A 76 13.21 -6.87 -14.42
N GLU A 77 12.37 -5.86 -14.29
CA GLU A 77 12.67 -4.54 -14.83
C GLU A 77 13.28 -3.63 -13.79
N LYS A 78 13.80 -4.20 -12.70
CA LYS A 78 14.33 -3.39 -11.61
C LYS A 78 15.35 -2.37 -12.12
N LYS A 79 15.16 -1.13 -11.70
CA LYS A 79 16.11 -0.06 -11.99
C LYS A 79 16.52 0.63 -10.68
N TYR A 80 17.65 1.32 -10.69
CA TYR A 80 18.08 2.05 -9.50
C TYR A 80 18.44 3.49 -9.83
N VAL A 81 18.05 4.41 -8.96
CA VAL A 81 18.45 5.81 -9.11
C VAL A 81 19.45 6.17 -8.02
N ALA A 82 20.70 6.44 -8.43
CA ALA A 82 21.76 6.76 -7.48
C ALA A 82 21.49 8.11 -6.81
N THR A 83 21.06 9.09 -7.59
CA THR A 83 20.89 10.45 -7.08
C THR A 83 19.95 10.44 -5.87
N LEU A 84 18.80 9.78 -6.01
CA LEU A 84 17.86 9.64 -4.91
C LEU A 84 18.30 8.56 -3.92
N GLY A 85 19.04 7.56 -4.40
CA GLY A 85 19.36 6.42 -3.56
C GLY A 85 18.17 5.47 -3.46
N VAL A 86 17.33 5.48 -4.49
CA VAL A 86 16.07 4.75 -4.45
C VAL A 86 15.97 3.74 -5.59
N GLU A 87 15.51 2.53 -5.28
CA GLU A 87 15.23 1.53 -6.29
C GLU A 87 13.94 1.86 -7.04
N VAL A 88 13.93 1.57 -8.34
CA VAL A 88 12.72 1.73 -9.15
C VAL A 88 12.22 0.36 -9.58
N HIS A 89 10.96 0.07 -9.26
CA HIS A 89 10.35 -1.19 -9.67
C HIS A 89 9.05 -0.95 -10.43
N PRO A 90 9.06 -1.06 -11.75
CA PRO A 90 7.84 -0.87 -12.53
C PRO A 90 6.87 -2.03 -12.27
N LEU A 91 5.67 -1.72 -11.75
CA LEU A 91 4.69 -2.76 -11.52
C LEU A 91 3.49 -2.57 -12.46
N VAL A 92 3.29 -3.53 -13.36
CA VAL A 92 2.24 -3.40 -14.36
C VAL A 92 1.03 -4.23 -13.93
N PHE A 93 -0.13 -3.61 -13.93
CA PHE A 93 -1.37 -4.32 -13.64
C PHE A 93 -2.37 -4.14 -14.79
N HIS A 94 -2.98 -5.25 -15.20
CA HIS A 94 -3.84 -5.23 -16.39
C HIS A 94 -5.29 -4.97 -15.97
N THR A 95 -5.80 -3.80 -16.33
CA THR A 95 -7.11 -3.37 -15.87
C THR A 95 -8.09 -3.35 -17.03
N ASN A 96 -9.37 -3.12 -16.72
CA ASN A 96 -10.38 -2.94 -17.76
C ASN A 96 -10.01 -1.81 -18.70
N ARG A 97 -9.46 -0.73 -18.16
CA ARG A 97 -8.99 0.39 -18.97
C ARG A 97 -7.79 -0.05 -19.81
N GLY A 98 -6.96 -0.93 -19.25
CA GLY A 98 -5.74 -1.36 -19.90
C GLY A 98 -4.60 -1.53 -18.91
N PRO A 99 -3.41 -1.89 -19.38
CA PRO A 99 -2.26 -2.06 -18.49
C PRO A 99 -1.87 -0.74 -17.85
N ILE A 100 -1.75 -0.72 -16.53
CA ILE A 100 -1.28 0.47 -15.83
C ILE A 100 0.04 0.15 -15.13
N LYS A 101 1.08 0.90 -15.47
CA LYS A 101 2.37 0.72 -14.84
C LYS A 101 2.51 1.61 -13.61
N PHE A 102 2.78 1.00 -12.46
CA PHE A 102 3.06 1.75 -11.24
C PHE A 102 4.56 1.75 -11.00
N ASN A 103 5.19 2.92 -11.18
CA ASN A 103 6.63 3.03 -11.00
C ASN A 103 6.94 3.13 -9.52
N VAL A 104 7.17 1.98 -8.90
CA VAL A 104 7.34 1.92 -7.44
C VAL A 104 8.73 2.40 -7.05
N TRP A 105 8.76 3.35 -6.11
CA TRP A 105 10.02 3.84 -5.55
C TRP A 105 10.27 3.19 -4.20
N ASP A 106 11.37 2.45 -4.08
CA ASP A 106 11.74 1.84 -2.81
C ASP A 106 13.07 2.39 -2.30
N THR A 107 13.03 3.10 -1.17
CA THR A 107 14.24 3.70 -0.61
C THR A 107 15.23 2.60 -0.23
N ALA A 108 16.50 2.82 -0.54
CA ALA A 108 17.52 1.81 -0.24
C ALA A 108 17.94 1.87 1.22
N GLY A 109 17.04 1.48 2.12
CA GLY A 109 17.35 1.39 3.54
C GLY A 109 17.22 2.72 4.27
N GLN A 110 16.84 3.76 3.55
CA GLN A 110 16.79 5.10 4.12
C GLN A 110 15.80 5.15 5.29
N GLU A 111 14.70 4.41 5.18
CA GLU A 111 13.71 4.37 6.24
C GLU A 111 14.33 3.87 7.53
N LYS A 112 15.18 2.85 7.43
CA LYS A 112 15.88 2.33 8.60
C LYS A 112 16.80 3.39 9.19
N PHE A 113 17.41 4.19 8.31
CA PHE A 113 18.24 5.30 8.76
C PHE A 113 17.41 6.33 9.51
N GLY A 114 16.20 6.58 9.04
CA GLY A 114 15.37 7.62 9.62
C GLY A 114 14.36 8.21 8.65
N GLY A 115 14.10 9.50 8.76
CA GLY A 115 13.19 10.16 7.85
C GLY A 115 13.70 10.16 6.42
N LEU A 116 12.79 10.38 5.46
CA LEU A 116 13.13 10.27 4.05
C LEU A 116 13.35 11.64 3.43
N ARG A 117 14.35 11.74 2.55
CA ARG A 117 14.62 12.99 1.85
C ARG A 117 13.46 13.37 0.93
N ASP A 118 13.20 14.67 0.80
CA ASP A 118 12.06 15.15 0.04
C ASP A 118 12.05 14.59 -1.37
N GLY A 119 13.24 14.40 -1.95
CA GLY A 119 13.32 13.93 -3.32
C GLY A 119 12.54 12.65 -3.55
N TYR A 120 12.60 11.73 -2.59
CA TYR A 120 11.88 10.47 -2.70
C TYR A 120 10.38 10.72 -2.80
N TYR A 121 9.87 11.65 -1.99
CA TYR A 121 8.45 11.97 -2.00
C TYR A 121 8.07 12.76 -3.24
N ILE A 122 9.02 13.53 -3.78
CA ILE A 122 8.72 14.44 -4.89
C ILE A 122 8.14 13.68 -6.07
N GLN A 123 7.10 14.24 -6.66
CA GLN A 123 6.40 13.61 -7.77
C GLN A 123 5.74 12.29 -7.36
N ALA A 124 5.25 12.22 -6.13
CA ALA A 124 4.50 11.06 -5.68
C ALA A 124 3.09 11.09 -6.28
N GLN A 125 2.95 10.67 -7.53
CA GLN A 125 1.64 10.59 -8.16
C GLN A 125 0.72 9.71 -7.34
N CYS A 126 1.30 8.68 -6.73
CA CYS A 126 0.54 7.77 -5.88
C CYS A 126 1.30 7.53 -4.57
N ALA A 127 0.57 7.25 -3.49
CA ALA A 127 1.22 6.95 -2.23
C ALA A 127 0.56 5.79 -1.50
N ILE A 128 1.37 4.88 -0.98
CA ILE A 128 0.87 3.81 -0.10
C ILE A 128 1.72 3.77 1.17
N ILE A 129 1.08 3.87 2.32
CA ILE A 129 1.79 3.80 3.59
C ILE A 129 1.36 2.54 4.34
N MET A 130 2.33 1.77 4.83
CA MET A 130 2.05 0.47 5.43
C MET A 130 2.52 0.43 6.88
N PHE A 131 1.75 -0.22 7.75
CA PHE A 131 2.17 -0.41 9.13
C PHE A 131 2.15 -1.88 9.52
N ASP A 132 3.10 -2.28 10.35
CA ASP A 132 3.11 -3.64 10.90
C ASP A 132 1.99 -3.79 11.91
N VAL A 133 1.07 -4.72 11.67
CA VAL A 133 -0.11 -4.86 12.52
C VAL A 133 0.30 -5.17 13.96
N THR A 134 1.36 -5.95 14.13
CA THR A 134 1.85 -6.27 15.46
C THR A 134 2.48 -5.05 16.11
N SER A 135 3.16 -4.22 15.33
CA SER A 135 3.92 -3.12 15.91
C SER A 135 3.08 -1.86 16.09
N ARG A 136 2.72 -1.58 17.34
CA ARG A 136 2.02 -0.35 17.67
C ARG A 136 2.88 0.86 17.36
N VAL A 137 4.18 0.72 17.59
CA VAL A 137 5.13 1.80 17.29
C VAL A 137 5.02 2.16 15.82
N THR A 138 4.94 1.16 14.96
CA THR A 138 4.86 1.42 13.52
C THR A 138 3.56 2.14 13.19
N TYR A 139 2.47 1.73 13.84
CA TYR A 139 1.19 2.41 13.66
C TYR A 139 1.32 3.88 14.07
N LYS A 140 2.02 4.13 15.16
CA LYS A 140 2.25 5.49 15.63
C LYS A 140 3.07 6.28 14.63
N ASN A 141 3.94 5.57 13.91
CA ASN A 141 4.81 6.19 12.93
C ASN A 141 4.05 6.60 11.66
N VAL A 142 2.92 5.93 11.39
CA VAL A 142 2.20 6.16 10.16
C VAL A 142 1.85 7.64 10.00
N PRO A 143 1.26 8.26 11.02
CA PRO A 143 0.92 9.68 10.95
C PRO A 143 2.13 10.53 10.58
N ASN A 144 3.29 10.15 11.10
CA ASN A 144 4.52 10.91 10.86
C ASN A 144 4.91 10.82 9.39
N TRP A 145 4.87 9.60 8.85
CA TRP A 145 5.20 9.39 7.44
C TRP A 145 4.19 10.14 6.58
N HIS A 146 2.92 10.06 6.95
CA HIS A 146 1.86 10.78 6.26
C HIS A 146 2.17 12.28 6.25
N ARG A 147 2.62 12.80 7.40
CA ARG A 147 2.89 14.23 7.51
C ARG A 147 3.98 14.64 6.53
N ASP A 148 5.05 13.87 6.47
CA ASP A 148 6.15 14.17 5.55
C ASP A 148 5.67 14.10 4.12
N LEU A 149 4.89 13.07 3.82
CA LEU A 149 4.38 12.87 2.46
C LEU A 149 3.53 14.07 2.05
N VAL A 150 2.62 14.47 2.92
CA VAL A 150 1.72 15.58 2.62
C VAL A 150 2.54 16.86 2.47
N ARG A 151 3.57 17.02 3.29
CA ARG A 151 4.38 18.23 3.24
C ARG A 151 4.98 18.39 1.85
N VAL A 152 5.48 17.29 1.29
CA VAL A 152 6.14 17.34 -0.01
C VAL A 152 5.11 17.40 -1.14
N CYS A 153 4.11 16.52 -1.10
CA CYS A 153 3.15 16.43 -2.19
C CYS A 153 1.71 16.51 -1.70
N GLU A 154 0.86 17.18 -2.45
CA GLU A 154 -0.52 17.42 -2.04
C GLU A 154 -1.50 17.06 -3.15
N ASN A 155 -2.75 16.78 -2.78
CA ASN A 155 -3.75 16.34 -3.74
C ASN A 155 -3.37 15.02 -4.39
N ILE A 156 -2.79 14.12 -3.59
CA ILE A 156 -2.33 12.83 -4.10
C ILE A 156 -3.03 11.70 -3.35
N PRO A 157 -3.56 10.70 -4.06
CA PRO A 157 -4.22 9.59 -3.37
C PRO A 157 -3.28 8.84 -2.44
N ILE A 158 -3.74 8.60 -1.22
CA ILE A 158 -2.93 7.91 -0.23
C ILE A 158 -3.64 6.62 0.20
N VAL A 159 -2.91 5.51 0.14
CA VAL A 159 -3.47 4.21 0.48
C VAL A 159 -2.82 3.72 1.76
N LEU A 160 -3.61 3.52 2.81
CA LEU A 160 -3.08 3.13 4.11
C LEU A 160 -3.35 1.66 4.37
N CYS A 161 -2.30 0.87 4.57
CA CYS A 161 -2.47 -0.58 4.70
C CYS A 161 -1.78 -1.14 5.94
N GLY A 162 -2.44 -2.11 6.57
CA GLY A 162 -1.82 -2.86 7.64
C GLY A 162 -1.21 -4.15 7.11
N ASN A 163 0.05 -4.39 7.40
CA ASN A 163 0.78 -5.51 6.80
C ASN A 163 1.14 -6.57 7.82
N LYS A 164 1.39 -7.79 7.35
CA LYS A 164 1.86 -8.87 8.20
C LYS A 164 0.76 -9.43 9.10
N VAL A 165 -0.48 -9.30 8.64
CA VAL A 165 -1.63 -9.86 9.36
C VAL A 165 -1.45 -11.37 9.51
N ASP A 166 -0.55 -11.94 8.71
CA ASP A 166 -0.22 -13.35 8.82
C ASP A 166 0.05 -13.74 10.27
N ILE A 167 0.61 -12.80 11.05
CA ILE A 167 0.86 -13.07 12.46
C ILE A 167 -0.45 -12.97 13.24
N LYS A 168 -0.80 -14.03 13.96
CA LYS A 168 -2.06 -14.10 14.69
C LYS A 168 -2.15 -12.99 15.74
N ASP A 169 -1.00 -12.65 16.34
CA ASP A 169 -0.98 -11.61 17.36
C ASP A 169 -1.04 -10.23 16.74
N ARG A 170 -2.21 -9.87 16.22
CA ARG A 170 -2.42 -8.54 15.65
C ARG A 170 -2.73 -7.54 16.74
N LYS A 171 -1.71 -6.83 17.21
CA LYS A 171 -1.87 -5.89 18.32
C LYS A 171 -2.68 -4.67 17.90
N VAL A 172 -2.48 -4.20 16.67
CA VAL A 172 -3.25 -3.08 16.16
C VAL A 172 -4.52 -3.60 15.49
N LYS A 173 -5.67 -3.25 16.04
CA LYS A 173 -6.95 -3.79 15.59
C LYS A 173 -7.86 -2.67 15.09
N ALA A 174 -8.98 -3.05 14.47
CA ALA A 174 -9.86 -2.07 13.85
C ALA A 174 -10.20 -0.94 14.82
N LYS A 175 -10.45 -1.30 16.08
CA LYS A 175 -10.81 -0.31 17.09
C LYS A 175 -9.69 0.70 17.29
N SER A 176 -8.45 0.22 17.32
CA SER A 176 -7.30 1.10 17.45
C SER A 176 -7.01 1.86 16.16
N ILE A 177 -7.52 1.34 15.05
CA ILE A 177 -7.30 1.99 13.76
C ILE A 177 -8.27 3.17 13.63
N VAL A 178 -7.76 4.37 13.89
CA VAL A 178 -8.59 5.57 13.88
C VAL A 178 -7.99 6.62 12.95
N PHE A 179 -6.66 6.63 12.83
CA PHE A 179 -5.98 7.63 12.03
C PHE A 179 -6.57 7.66 10.63
N HIS A 180 -6.86 6.48 10.11
CA HIS A 180 -7.37 6.33 8.75
C HIS A 180 -8.67 7.11 8.59
N ARG A 181 -9.59 6.93 9.54
CA ARG A 181 -10.85 7.65 9.51
C ARG A 181 -10.59 9.15 9.64
N LYS A 182 -9.67 9.51 10.52
CA LYS A 182 -9.42 10.91 10.82
C LYS A 182 -8.92 11.64 9.57
N LYS A 183 -8.13 10.95 8.76
CA LYS A 183 -7.62 11.53 7.53
C LYS A 183 -8.53 11.23 6.34
N ASN A 184 -9.59 10.47 6.58
CA ASN A 184 -10.49 10.06 5.51
C ASN A 184 -9.76 9.24 4.46
N LEU A 185 -8.79 8.45 4.91
CA LEU A 185 -8.05 7.55 4.02
C LEU A 185 -8.43 6.11 4.28
N GLN A 186 -8.67 5.36 3.21
CA GLN A 186 -9.16 3.98 3.33
C GLN A 186 -8.11 3.07 3.94
N TYR A 187 -8.56 2.14 4.78
CA TYR A 187 -7.68 1.12 5.33
C TYR A 187 -7.71 -0.14 4.48
N TYR A 188 -6.54 -0.77 4.31
CA TYR A 188 -6.46 -2.02 3.57
C TYR A 188 -5.67 -3.06 4.37
N ASP A 189 -6.15 -4.29 4.40
CA ASP A 189 -5.47 -5.36 5.13
C ASP A 189 -4.69 -6.26 4.19
N ILE A 190 -3.36 -6.21 4.28
CA ILE A 190 -2.51 -6.95 3.36
C ILE A 190 -1.47 -7.74 4.13
N SER A 191 -1.06 -8.89 3.62
CA SER A 191 0.04 -9.63 4.23
C SER A 191 1.04 -10.08 3.17
N ALA A 192 2.14 -9.35 3.03
CA ALA A 192 3.11 -9.59 1.96
C ALA A 192 3.69 -11.01 2.05
N LYS A 193 3.99 -11.45 3.28
CA LYS A 193 4.61 -12.75 3.47
C LYS A 193 3.72 -13.86 2.88
N SER A 194 2.41 -13.68 2.99
CA SER A 194 1.47 -14.66 2.44
C SER A 194 0.98 -14.23 1.07
N ASN A 195 1.38 -13.04 0.62
CA ASN A 195 0.85 -12.48 -0.62
C ASN A 195 -0.65 -12.26 -0.48
N TYR A 196 -1.11 -11.96 0.72
CA TYR A 196 -2.53 -11.72 0.97
C TYR A 196 -2.94 -10.33 0.52
N ASN A 197 -3.97 -10.28 -0.32
CA ASN A 197 -4.54 -9.00 -0.76
C ASN A 197 -3.52 -8.16 -1.52
N PHE A 198 -2.67 -8.82 -2.30
CA PHE A 198 -1.62 -8.11 -3.03
C PHE A 198 -2.20 -7.04 -3.94
N GLU A 199 -3.24 -7.43 -4.68
CA GLU A 199 -3.83 -6.57 -5.70
C GLU A 199 -4.67 -5.45 -5.10
N LYS A 200 -5.20 -5.66 -3.90
CA LYS A 200 -6.18 -4.74 -3.34
C LYS A 200 -5.73 -3.30 -3.31
N PRO A 201 -4.59 -2.98 -2.67
CA PRO A 201 -4.12 -1.60 -2.60
C PRO A 201 -3.92 -1.00 -3.99
N PHE A 202 -3.38 -1.79 -4.90
CA PHE A 202 -3.10 -1.31 -6.25
C PHE A 202 -4.39 -1.00 -6.98
N LEU A 203 -5.36 -1.90 -6.90
CA LEU A 203 -6.61 -1.74 -7.63
C LEU A 203 -7.35 -0.50 -7.15
N TRP A 204 -7.46 -0.35 -5.84
CA TRP A 204 -8.10 0.83 -5.27
C TRP A 204 -7.35 2.10 -5.63
N LEU A 205 -6.02 2.05 -5.57
CA LEU A 205 -5.21 3.20 -5.96
C LEU A 205 -5.51 3.59 -7.40
N ALA A 206 -5.56 2.60 -8.28
CA ALA A 206 -5.85 2.85 -9.69
C ALA A 206 -7.25 3.43 -9.84
N ARG A 207 -8.20 2.88 -9.09
CA ARG A 207 -9.57 3.37 -9.12
C ARG A 207 -9.62 4.84 -8.71
N LYS A 208 -8.84 5.19 -7.70
CA LYS A 208 -8.77 6.58 -7.25
C LYS A 208 -8.21 7.45 -8.37
N LEU A 209 -7.11 7.01 -8.96
CA LEU A 209 -6.39 7.80 -9.95
C LEU A 209 -7.28 8.05 -11.16
N ILE A 210 -7.89 7.00 -11.68
CA ILE A 210 -8.74 7.10 -12.86
C ILE A 210 -10.05 7.80 -12.48
N GLY A 211 -10.52 7.57 -11.25
CA GLY A 211 -11.84 8.04 -10.86
C GLY A 211 -12.91 7.03 -11.20
N ASP A 212 -12.49 5.81 -11.53
CA ASP A 212 -13.40 4.77 -12.00
C ASP A 212 -13.67 3.74 -10.90
N PRO A 213 -14.81 3.84 -10.21
CA PRO A 213 -15.16 2.91 -9.15
C PRO A 213 -15.33 1.48 -9.65
N ASN A 214 -15.68 1.35 -10.93
CA ASN A 214 -16.01 0.06 -11.50
C ASN A 214 -14.79 -0.60 -12.13
N LEU A 215 -13.62 -0.02 -11.92
CA LEU A 215 -12.39 -0.57 -12.51
C LEU A 215 -12.09 -1.95 -11.92
N GLU A 216 -11.70 -2.88 -12.78
CA GLU A 216 -11.33 -4.23 -12.34
C GLU A 216 -10.02 -4.68 -12.98
N PHE A 217 -9.23 -5.43 -12.24
CA PHE A 217 -8.03 -6.04 -12.80
C PHE A 217 -8.41 -7.25 -13.65
N VAL A 218 -8.44 -7.05 -14.96
CA VAL A 218 -8.87 -8.10 -15.88
C VAL A 218 -7.85 -9.24 -15.86
N ALA A 219 -6.57 -8.90 -15.83
CA ALA A 219 -5.53 -9.92 -15.85
C ALA A 219 -4.49 -9.67 -14.75
N MET A 220 -3.95 -10.74 -14.20
CA MET A 220 -3.03 -10.63 -13.08
C MET A 220 -1.59 -10.85 -13.52
N PRO A 221 -0.69 -9.91 -13.22
CA PRO A 221 0.72 -10.05 -13.58
C PRO A 221 1.38 -11.22 -12.84
N ALA A 222 2.42 -11.79 -13.41
CA ALA A 222 3.07 -12.94 -12.81
C ALA A 222 3.63 -12.59 -11.43
N LEU A 223 3.32 -13.41 -10.44
CA LEU A 223 3.73 -13.13 -9.06
C LEU A 223 4.58 -14.26 -8.51
N ALA A 224 5.65 -13.92 -7.78
CA ALA A 224 6.48 -14.91 -7.12
C ALA A 224 5.68 -15.64 -6.05
N PRO A 225 5.99 -16.92 -5.79
CA PRO A 225 5.27 -17.69 -4.80
C PRO A 225 5.35 -17.09 -3.39
N PRO A 226 4.25 -17.16 -2.64
CA PRO A 226 4.21 -16.62 -1.28
C PRO A 226 5.12 -17.39 -0.32
N GLU A 227 5.67 -16.71 0.67
CA GLU A 227 6.48 -17.38 1.68
C GLU A 227 5.62 -18.32 2.53
N VAL A 228 4.43 -17.85 2.89
CA VAL A 228 3.47 -18.69 3.60
C VAL A 228 2.10 -18.57 2.95
N VAL A 229 1.21 -19.52 3.25
CA VAL A 229 -0.16 -19.43 2.75
C VAL A 229 -1.07 -18.98 3.89
N MET A 230 -1.82 -17.91 3.65
CA MET A 230 -2.77 -17.42 4.64
C MET A 230 -3.87 -18.45 4.89
N ASP A 231 -4.18 -18.69 6.16
CA ASP A 231 -5.28 -19.57 6.51
C ASP A 231 -6.60 -18.91 6.11
N PRO A 232 -7.39 -19.56 5.24
CA PRO A 232 -8.66 -19.00 4.79
C PRO A 232 -9.57 -18.65 5.96
N ALA A 233 -9.62 -19.51 6.97
CA ALA A 233 -10.50 -19.26 8.11
C ALA A 233 -10.07 -17.99 8.83
N LEU A 234 -8.77 -17.84 9.06
CA LEU A 234 -8.27 -16.63 9.73
C LEU A 234 -8.59 -15.40 8.89
N ALA A 235 -8.34 -15.48 7.59
CA ALA A 235 -8.58 -14.36 6.71
C ALA A 235 -10.06 -13.97 6.75
N ALA A 236 -10.93 -14.98 6.70
CA ALA A 236 -12.36 -14.73 6.75
C ALA A 236 -12.74 -14.06 8.06
N GLN A 237 -12.15 -14.53 9.16
CA GLN A 237 -12.45 -13.95 10.47
C GLN A 237 -12.04 -12.49 10.48
N TYR A 238 -10.85 -12.21 9.96
CA TYR A 238 -10.32 -10.85 9.95
C TYR A 238 -11.26 -9.95 9.18
N GLU A 239 -11.66 -10.41 8.00
CA GLU A 239 -12.52 -9.62 7.12
C GLU A 239 -13.87 -9.38 7.77
N HIS A 240 -14.43 -10.42 8.39
CA HIS A 240 -15.72 -10.30 9.05
C HIS A 240 -15.64 -9.29 10.19
N ASP A 241 -14.55 -9.36 10.96
CA ASP A 241 -14.39 -8.46 12.10
C ASP A 241 -14.34 -7.02 11.61
N LEU A 242 -13.60 -6.79 10.54
CA LEU A 242 -13.50 -5.45 9.96
C LEU A 242 -14.87 -4.98 9.51
N GLU A 243 -15.63 -5.87 8.87
CA GLU A 243 -16.96 -5.52 8.38
C GLU A 243 -17.86 -5.13 9.55
N VAL A 244 -17.79 -5.90 10.63
CA VAL A 244 -18.62 -5.62 11.79
C VAL A 244 -18.24 -4.27 12.37
N ALA A 245 -16.93 -3.99 12.44
CA ALA A 245 -16.48 -2.71 12.98
C ALA A 245 -17.00 -1.57 12.13
N GLN A 246 -16.96 -1.75 10.81
CA GLN A 246 -17.46 -0.73 9.89
C GLN A 246 -18.97 -0.56 10.09
N THR A 247 -19.65 -1.67 10.35
CA THR A 247 -21.10 -1.65 10.51
C THR A 247 -21.49 -0.95 11.81
N THR A 248 -20.61 -1.00 12.81
CA THR A 248 -20.92 -0.48 14.13
C THR A 248 -21.32 0.99 14.06
N ALA A 249 -22.39 1.35 14.77
CA ALA A 249 -22.96 2.69 14.66
C ALA A 249 -22.24 3.71 15.54
N LEU A 250 -20.95 3.94 15.26
CA LEU A 250 -20.21 5.00 15.92
C LEU A 250 -19.61 5.94 14.89
N PRO A 251 -19.52 7.24 15.20
CA PRO A 251 -18.96 8.20 14.25
C PRO A 251 -17.57 7.80 13.78
N ASP A 252 -16.83 7.09 14.63
CA ASP A 252 -15.51 6.58 14.26
C ASP A 252 -15.35 5.14 14.76
N GLU A 253 -14.25 4.50 14.39
CA GLU A 253 -13.95 3.17 14.91
C GLU A 253 -13.89 3.20 16.43
N ASP A 254 -13.38 4.29 16.98
CA ASP A 254 -13.37 4.50 18.42
C ASP A 254 -13.75 5.95 18.75
N ASP A 255 -14.43 6.15 19.86
CA ASP A 255 -14.72 7.51 20.30
C ASP A 255 -13.51 8.09 21.03
N ASP A 256 -12.40 8.17 20.31
CA ASP A 256 -11.13 8.60 20.89
C ASP A 256 -11.20 10.07 21.30
N LEU A 257 -12.01 10.85 20.59
CA LEU A 257 -12.10 12.28 20.83
C LEU A 257 -13.51 12.69 21.24
N MET A 42 -5.91 3.84 -17.96
CA MET A 42 -6.70 5.03 -18.37
C MET A 42 -7.20 4.80 -19.78
N ALA A 43 -6.76 5.59 -20.78
CA ALA A 43 -7.18 5.39 -22.13
C ALA A 43 -5.84 5.15 -22.75
N ALA A 44 -5.36 3.90 -22.59
CA ALA A 44 -4.06 3.50 -23.04
C ALA A 44 -4.07 3.07 -24.48
N GLN A 45 -5.27 2.97 -25.11
CA GLN A 45 -5.41 2.58 -26.48
C GLN A 45 -5.37 3.85 -27.29
N GLY A 46 -4.14 4.30 -27.61
CA GLY A 46 -3.93 5.51 -28.34
C GLY A 46 -2.84 6.22 -27.60
N GLU A 47 -3.13 6.62 -26.34
CA GLU A 47 -2.15 7.27 -25.47
C GLU A 47 -1.07 6.27 -25.06
N PRO A 48 0.16 6.73 -24.82
CA PRO A 48 1.22 5.84 -24.38
C PRO A 48 0.87 5.21 -23.04
N GLN A 49 1.39 4.03 -22.74
CA GLN A 49 0.98 3.33 -21.53
C GLN A 49 1.10 4.26 -20.33
N VAL A 50 0.07 4.27 -19.48
CA VAL A 50 0.01 5.23 -18.38
C VAL A 50 0.87 4.74 -17.22
N GLN A 51 1.81 5.58 -16.80
CA GLN A 51 2.67 5.27 -15.67
C GLN A 51 2.36 6.20 -14.50
N PHE A 52 2.20 5.64 -13.31
CA PHE A 52 2.05 6.44 -12.10
C PHE A 52 3.24 6.22 -11.18
N LYS A 53 3.87 7.30 -10.74
CA LYS A 53 4.96 7.18 -9.78
C LYS A 53 4.40 6.86 -8.40
N LEU A 54 4.71 5.65 -7.92
CA LEU A 54 4.17 5.18 -6.65
C LEU A 54 5.23 5.27 -5.55
N VAL A 55 4.87 5.95 -4.46
CA VAL A 55 5.74 6.05 -3.31
C VAL A 55 5.22 5.15 -2.20
N LEU A 56 6.07 4.20 -1.77
CA LEU A 56 5.71 3.29 -0.69
C LEU A 56 6.44 3.70 0.59
N VAL A 57 5.69 3.91 1.66
CA VAL A 57 6.28 4.41 2.89
C VAL A 57 5.93 3.52 4.07
N GLY A 58 6.89 3.30 4.96
CA GLY A 58 6.68 2.45 6.11
C GLY A 58 7.92 2.36 6.99
N ASP A 59 7.90 1.50 7.99
CA ASP A 59 9.08 1.25 8.82
C ASP A 59 9.75 -0.06 8.42
N GLY A 60 10.98 -0.26 8.86
CA GLY A 60 11.63 -1.55 8.64
C GLY A 60 10.91 -2.65 9.39
N GLY A 61 10.75 -3.81 8.77
CA GLY A 61 9.98 -4.88 9.37
C GLY A 61 8.51 -4.86 9.02
N THR A 62 8.08 -3.91 8.17
CA THR A 62 6.72 -3.92 7.67
C THR A 62 6.54 -4.96 6.57
N GLY A 63 7.63 -5.32 5.89
CA GLY A 63 7.54 -6.22 4.75
C GLY A 63 7.23 -5.49 3.46
N LYS A 64 7.36 -4.16 3.49
CA LYS A 64 7.00 -3.33 2.33
C LYS A 64 7.80 -3.74 1.10
N THR A 65 9.10 -3.97 1.29
CA THR A 65 9.95 -4.42 0.19
C THR A 65 9.52 -5.80 -0.30
N THR A 66 9.14 -6.67 0.63
CA THR A 66 8.65 -7.99 0.26
C THR A 66 7.44 -7.86 -0.66
N PHE A 67 6.59 -6.88 -0.38
CA PHE A 67 5.40 -6.67 -1.19
C PHE A 67 5.84 -6.46 -2.64
N VAL A 68 6.85 -5.64 -2.82
CA VAL A 68 7.39 -5.36 -4.15
C VAL A 68 7.98 -6.63 -4.74
N LYS A 69 8.68 -7.40 -3.92
CA LYS A 69 9.37 -8.59 -4.38
C LYS A 69 8.38 -9.57 -5.02
N ARG A 70 7.14 -9.54 -4.56
CA ARG A 70 6.11 -10.42 -5.09
C ARG A 70 5.91 -10.22 -6.60
N HIS A 71 6.01 -8.98 -7.06
CA HIS A 71 5.71 -8.69 -8.45
C HIS A 71 6.90 -9.01 -9.35
N LEU A 72 6.78 -10.08 -10.14
CA LEU A 72 7.91 -10.58 -10.92
C LEU A 72 8.42 -9.52 -11.90
N THR A 73 7.51 -8.85 -12.59
CA THR A 73 7.91 -7.86 -13.59
C THR A 73 8.72 -6.76 -12.93
N GLY A 74 8.30 -6.33 -11.75
CA GLY A 74 9.04 -5.31 -11.02
C GLY A 74 10.46 -5.74 -10.70
N GLU A 75 10.64 -7.03 -10.40
CA GLU A 75 11.97 -7.58 -10.20
C GLU A 75 12.75 -7.58 -11.51
N PHE A 76 12.09 -8.04 -12.58
CA PHE A 76 12.75 -8.22 -13.87
C PHE A 76 13.21 -6.87 -14.42
N GLU A 77 12.37 -5.86 -14.29
CA GLU A 77 12.67 -4.54 -14.83
C GLU A 77 13.28 -3.63 -13.79
N LYS A 78 13.80 -4.20 -12.70
CA LYS A 78 14.33 -3.39 -11.61
C LYS A 78 15.35 -2.37 -12.12
N LYS A 79 15.16 -1.13 -11.70
CA LYS A 79 16.11 -0.06 -11.99
C LYS A 79 16.52 0.63 -10.68
N TYR A 80 17.65 1.32 -10.69
CA TYR A 80 18.08 2.05 -9.50
C TYR A 80 18.44 3.49 -9.83
N VAL A 81 18.05 4.41 -8.96
CA VAL A 81 18.45 5.81 -9.11
C VAL A 81 19.45 6.17 -8.02
N ALA A 82 20.70 6.44 -8.43
CA ALA A 82 21.76 6.76 -7.48
C ALA A 82 21.49 8.11 -6.81
N THR A 83 21.06 9.09 -7.59
CA THR A 83 20.89 10.45 -7.08
C THR A 83 19.95 10.44 -5.87
N LEU A 84 18.80 9.78 -6.01
CA LEU A 84 17.86 9.64 -4.91
C LEU A 84 18.30 8.56 -3.92
N GLY A 85 19.04 7.56 -4.40
CA GLY A 85 19.36 6.42 -3.56
C GLY A 85 18.17 5.47 -3.46
N VAL A 86 17.33 5.48 -4.49
CA VAL A 86 16.07 4.75 -4.45
C VAL A 86 15.97 3.74 -5.59
N GLU A 87 15.51 2.53 -5.28
CA GLU A 87 15.23 1.53 -6.29
C GLU A 87 13.94 1.86 -7.04
N VAL A 88 13.93 1.57 -8.34
CA VAL A 88 12.72 1.73 -9.15
C VAL A 88 12.22 0.36 -9.58
N HIS A 89 10.96 0.07 -9.26
CA HIS A 89 10.35 -1.19 -9.67
C HIS A 89 9.05 -0.95 -10.43
N PRO A 90 9.06 -1.06 -11.75
CA PRO A 90 7.84 -0.87 -12.53
C PRO A 90 6.87 -2.03 -12.27
N LEU A 91 5.67 -1.72 -11.75
CA LEU A 91 4.69 -2.76 -11.52
C LEU A 91 3.49 -2.57 -12.46
N VAL A 92 3.29 -3.53 -13.36
CA VAL A 92 2.24 -3.40 -14.36
C VAL A 92 1.03 -4.23 -13.93
N PHE A 93 -0.13 -3.61 -13.93
CA PHE A 93 -1.37 -4.32 -13.64
C PHE A 93 -2.37 -4.14 -14.79
N HIS A 94 -2.98 -5.25 -15.20
CA HIS A 94 -3.84 -5.23 -16.39
C HIS A 94 -5.29 -4.97 -15.97
N THR A 95 -5.80 -3.80 -16.33
CA THR A 95 -7.11 -3.37 -15.87
C THR A 95 -8.09 -3.35 -17.03
N ASN A 96 -9.37 -3.12 -16.72
CA ASN A 96 -10.38 -2.94 -17.76
C ASN A 96 -10.01 -1.81 -18.70
N ARG A 97 -9.46 -0.73 -18.16
CA ARG A 97 -8.99 0.39 -18.97
C ARG A 97 -7.79 -0.05 -19.81
N GLY A 98 -6.96 -0.93 -19.25
CA GLY A 98 -5.74 -1.36 -19.90
C GLY A 98 -4.60 -1.53 -18.91
N PRO A 99 -3.41 -1.89 -19.38
CA PRO A 99 -2.26 -2.06 -18.49
C PRO A 99 -1.87 -0.74 -17.85
N ILE A 100 -1.75 -0.72 -16.53
CA ILE A 100 -1.28 0.47 -15.83
C ILE A 100 0.04 0.15 -15.13
N LYS A 101 1.08 0.90 -15.47
CA LYS A 101 2.37 0.72 -14.84
C LYS A 101 2.51 1.61 -13.61
N PHE A 102 2.78 1.00 -12.46
CA PHE A 102 3.06 1.75 -11.24
C PHE A 102 4.56 1.75 -11.00
N ASN A 103 5.19 2.92 -11.18
CA ASN A 103 6.63 3.03 -11.00
C ASN A 103 6.94 3.13 -9.52
N VAL A 104 7.17 1.98 -8.90
CA VAL A 104 7.34 1.92 -7.44
C VAL A 104 8.73 2.40 -7.05
N TRP A 105 8.76 3.35 -6.11
CA TRP A 105 10.02 3.84 -5.55
C TRP A 105 10.27 3.19 -4.20
N ASP A 106 11.37 2.45 -4.08
CA ASP A 106 11.74 1.84 -2.81
C ASP A 106 13.07 2.39 -2.30
N THR A 107 13.03 3.10 -1.17
CA THR A 107 14.24 3.70 -0.61
C THR A 107 15.23 2.60 -0.23
N ALA A 108 16.50 2.82 -0.54
CA ALA A 108 17.52 1.81 -0.24
C ALA A 108 17.94 1.87 1.22
N GLY A 109 17.04 1.48 2.12
CA GLY A 109 17.35 1.39 3.54
C GLY A 109 17.22 2.72 4.27
N GLN A 110 16.84 3.76 3.55
CA GLN A 110 16.79 5.10 4.12
C GLN A 110 15.80 5.15 5.29
N GLU A 111 14.70 4.41 5.18
CA GLU A 111 13.71 4.37 6.24
C GLU A 111 14.33 3.87 7.53
N LYS A 112 15.18 2.85 7.43
CA LYS A 112 15.88 2.33 8.60
C LYS A 112 16.80 3.39 9.19
N PHE A 113 17.41 4.19 8.31
CA PHE A 113 18.24 5.30 8.76
C PHE A 113 17.41 6.33 9.51
N GLY A 114 16.20 6.58 9.04
CA GLY A 114 15.37 7.62 9.62
C GLY A 114 14.36 8.21 8.65
N GLY A 115 14.10 9.50 8.76
CA GLY A 115 13.19 10.16 7.85
C GLY A 115 13.70 10.16 6.42
N LEU A 116 12.79 10.38 5.46
CA LEU A 116 13.13 10.27 4.05
C LEU A 116 13.35 11.64 3.43
N ARG A 117 14.35 11.74 2.55
CA ARG A 117 14.62 12.99 1.85
C ARG A 117 13.46 13.37 0.93
N ASP A 118 13.20 14.67 0.80
CA ASP A 118 12.06 15.15 0.04
C ASP A 118 12.05 14.59 -1.37
N GLY A 119 13.24 14.40 -1.95
CA GLY A 119 13.32 13.93 -3.32
C GLY A 119 12.54 12.65 -3.55
N TYR A 120 12.60 11.73 -2.59
CA TYR A 120 11.88 10.47 -2.70
C TYR A 120 10.38 10.72 -2.80
N TYR A 121 9.87 11.65 -1.99
CA TYR A 121 8.45 11.97 -2.00
C TYR A 121 8.07 12.76 -3.24
N ILE A 122 9.02 13.53 -3.78
CA ILE A 122 8.72 14.44 -4.89
C ILE A 122 8.14 13.68 -6.07
N GLN A 123 7.10 14.24 -6.66
CA GLN A 123 6.40 13.61 -7.77
C GLN A 123 5.74 12.29 -7.36
N ALA A 124 5.25 12.22 -6.13
CA ALA A 124 4.50 11.06 -5.68
C ALA A 124 3.09 11.09 -6.28
N GLN A 125 2.95 10.67 -7.53
CA GLN A 125 1.64 10.59 -8.16
C GLN A 125 0.72 9.71 -7.34
N CYS A 126 1.30 8.68 -6.73
CA CYS A 126 0.54 7.77 -5.88
C CYS A 126 1.30 7.53 -4.57
N ALA A 127 0.57 7.25 -3.49
CA ALA A 127 1.22 6.95 -2.23
C ALA A 127 0.56 5.79 -1.50
N ILE A 128 1.37 4.88 -0.98
CA ILE A 128 0.87 3.81 -0.10
C ILE A 128 1.72 3.77 1.17
N ILE A 129 1.08 3.87 2.32
CA ILE A 129 1.79 3.80 3.59
C ILE A 129 1.36 2.54 4.34
N MET A 130 2.33 1.77 4.83
CA MET A 130 2.05 0.47 5.43
C MET A 130 2.52 0.43 6.88
N PHE A 131 1.75 -0.22 7.75
CA PHE A 131 2.17 -0.41 9.13
C PHE A 131 2.15 -1.88 9.52
N ASP A 132 3.10 -2.28 10.35
CA ASP A 132 3.11 -3.64 10.90
C ASP A 132 1.99 -3.79 11.91
N VAL A 133 1.07 -4.72 11.67
CA VAL A 133 -0.11 -4.86 12.52
C VAL A 133 0.30 -5.17 13.96
N THR A 134 1.36 -5.95 14.13
CA THR A 134 1.85 -6.27 15.46
C THR A 134 2.48 -5.05 16.11
N SER A 135 3.16 -4.22 15.33
CA SER A 135 3.92 -3.12 15.91
C SER A 135 3.08 -1.86 16.09
N ARG A 136 2.72 -1.58 17.34
CA ARG A 136 2.02 -0.35 17.67
C ARG A 136 2.88 0.86 17.36
N VAL A 137 4.18 0.72 17.59
CA VAL A 137 5.13 1.80 17.29
C VAL A 137 5.02 2.16 15.82
N THR A 138 4.94 1.16 14.96
CA THR A 138 4.86 1.42 13.52
C THR A 138 3.56 2.14 13.19
N TYR A 139 2.47 1.73 13.84
CA TYR A 139 1.19 2.41 13.66
C TYR A 139 1.32 3.88 14.07
N LYS A 140 2.02 4.13 15.16
CA LYS A 140 2.25 5.49 15.63
C LYS A 140 3.07 6.28 14.63
N ASN A 141 3.94 5.57 13.91
CA ASN A 141 4.81 6.19 12.93
C ASN A 141 4.05 6.60 11.66
N VAL A 142 2.92 5.93 11.39
CA VAL A 142 2.20 6.16 10.16
C VAL A 142 1.85 7.64 10.00
N PRO A 143 1.26 8.26 11.02
CA PRO A 143 0.92 9.68 10.95
C PRO A 143 2.13 10.53 10.58
N ASN A 144 3.29 10.15 11.10
CA ASN A 144 4.52 10.91 10.86
C ASN A 144 4.91 10.82 9.39
N TRP A 145 4.87 9.60 8.85
CA TRP A 145 5.20 9.39 7.44
C TRP A 145 4.19 10.14 6.58
N HIS A 146 2.92 10.06 6.95
CA HIS A 146 1.86 10.78 6.26
C HIS A 146 2.17 12.28 6.25
N ARG A 147 2.62 12.80 7.40
CA ARG A 147 2.89 14.23 7.51
C ARG A 147 3.98 14.64 6.53
N ASP A 148 5.05 13.87 6.47
CA ASP A 148 6.15 14.17 5.55
C ASP A 148 5.67 14.10 4.12
N LEU A 149 4.89 13.07 3.82
CA LEU A 149 4.38 12.87 2.46
C LEU A 149 3.53 14.07 2.05
N VAL A 150 2.62 14.47 2.92
CA VAL A 150 1.72 15.58 2.62
C VAL A 150 2.54 16.86 2.47
N ARG A 151 3.57 17.02 3.29
CA ARG A 151 4.38 18.23 3.24
C ARG A 151 4.98 18.39 1.85
N VAL A 152 5.48 17.29 1.29
CA VAL A 152 6.14 17.34 -0.01
C VAL A 152 5.11 17.40 -1.14
N CYS A 153 4.11 16.52 -1.10
CA CYS A 153 3.15 16.43 -2.19
C CYS A 153 1.71 16.51 -1.70
N GLU A 154 0.86 17.18 -2.45
CA GLU A 154 -0.52 17.42 -2.04
C GLU A 154 -1.50 17.06 -3.15
N ASN A 155 -2.75 16.78 -2.78
CA ASN A 155 -3.75 16.34 -3.74
C ASN A 155 -3.37 15.02 -4.39
N ILE A 156 -2.79 14.12 -3.59
CA ILE A 156 -2.33 12.83 -4.10
C ILE A 156 -3.03 11.70 -3.35
N PRO A 157 -3.56 10.70 -4.06
CA PRO A 157 -4.22 9.59 -3.37
C PRO A 157 -3.28 8.84 -2.44
N ILE A 158 -3.74 8.60 -1.22
CA ILE A 158 -2.93 7.91 -0.23
C ILE A 158 -3.64 6.62 0.20
N VAL A 159 -2.91 5.51 0.14
CA VAL A 159 -3.47 4.21 0.48
C VAL A 159 -2.82 3.72 1.76
N LEU A 160 -3.61 3.52 2.81
CA LEU A 160 -3.08 3.13 4.11
C LEU A 160 -3.35 1.66 4.37
N CYS A 161 -2.30 0.87 4.57
CA CYS A 161 -2.47 -0.58 4.70
C CYS A 161 -1.78 -1.14 5.94
N GLY A 162 -2.44 -2.11 6.57
CA GLY A 162 -1.82 -2.86 7.64
C GLY A 162 -1.21 -4.15 7.11
N ASN A 163 0.05 -4.39 7.40
CA ASN A 163 0.78 -5.51 6.80
C ASN A 163 1.14 -6.57 7.82
N LYS A 164 1.39 -7.79 7.35
CA LYS A 164 1.86 -8.87 8.20
C LYS A 164 0.76 -9.43 9.10
N VAL A 165 -0.48 -9.30 8.64
CA VAL A 165 -1.63 -9.86 9.36
C VAL A 165 -1.45 -11.37 9.51
N ASP A 166 -0.55 -11.94 8.71
CA ASP A 166 -0.22 -13.35 8.82
C ASP A 166 0.05 -13.74 10.27
N ILE A 167 0.61 -12.80 11.05
CA ILE A 167 0.86 -13.07 12.46
C ILE A 167 -0.45 -12.97 13.24
N LYS A 168 -0.80 -14.03 13.96
CA LYS A 168 -2.06 -14.10 14.69
C LYS A 168 -2.15 -12.99 15.74
N ASP A 169 -1.00 -12.65 16.34
CA ASP A 169 -0.98 -11.61 17.36
C ASP A 169 -1.04 -10.23 16.74
N ARG A 170 -2.21 -9.87 16.22
CA ARG A 170 -2.42 -8.54 15.65
C ARG A 170 -2.73 -7.54 16.74
N LYS A 171 -1.71 -6.83 17.21
CA LYS A 171 -1.87 -5.89 18.32
C LYS A 171 -2.68 -4.67 17.90
N VAL A 172 -2.48 -4.20 16.67
CA VAL A 172 -3.25 -3.08 16.16
C VAL A 172 -4.52 -3.60 15.49
N LYS A 173 -5.67 -3.25 16.04
CA LYS A 173 -6.95 -3.79 15.59
C LYS A 173 -7.86 -2.67 15.09
N ALA A 174 -8.98 -3.05 14.47
CA ALA A 174 -9.86 -2.07 13.85
C ALA A 174 -10.20 -0.94 14.82
N LYS A 175 -10.45 -1.30 16.08
CA LYS A 175 -10.81 -0.31 17.09
C LYS A 175 -9.69 0.70 17.29
N SER A 176 -8.45 0.22 17.32
CA SER A 176 -7.30 1.10 17.45
C SER A 176 -7.01 1.86 16.16
N ILE A 177 -7.52 1.34 15.05
CA ILE A 177 -7.30 1.99 13.76
C ILE A 177 -8.27 3.17 13.63
N VAL A 178 -7.76 4.37 13.89
CA VAL A 178 -8.59 5.57 13.88
C VAL A 178 -7.99 6.62 12.95
N PHE A 179 -6.66 6.63 12.83
CA PHE A 179 -5.98 7.63 12.03
C PHE A 179 -6.57 7.66 10.63
N HIS A 180 -6.86 6.48 10.11
CA HIS A 180 -7.37 6.33 8.75
C HIS A 180 -8.67 7.11 8.59
N ARG A 181 -9.59 6.93 9.54
CA ARG A 181 -10.85 7.65 9.51
C ARG A 181 -10.59 9.15 9.64
N LYS A 182 -9.67 9.51 10.52
CA LYS A 182 -9.42 10.91 10.82
C LYS A 182 -8.92 11.64 9.57
N LYS A 183 -8.13 10.95 8.76
CA LYS A 183 -7.62 11.53 7.53
C LYS A 183 -8.53 11.23 6.34
N ASN A 184 -9.59 10.47 6.58
CA ASN A 184 -10.49 10.06 5.51
C ASN A 184 -9.76 9.24 4.46
N LEU A 185 -8.79 8.45 4.91
CA LEU A 185 -8.05 7.55 4.02
C LEU A 185 -8.43 6.11 4.28
N GLN A 186 -8.67 5.36 3.21
CA GLN A 186 -9.16 3.98 3.33
C GLN A 186 -8.11 3.07 3.94
N TYR A 187 -8.56 2.14 4.78
CA TYR A 187 -7.68 1.12 5.33
C TYR A 187 -7.71 -0.14 4.48
N TYR A 188 -6.54 -0.77 4.31
CA TYR A 188 -6.46 -2.02 3.57
C TYR A 188 -5.67 -3.06 4.37
N ASP A 189 -6.15 -4.29 4.40
CA ASP A 189 -5.47 -5.36 5.13
C ASP A 189 -4.69 -6.26 4.19
N ILE A 190 -3.36 -6.21 4.28
CA ILE A 190 -2.51 -6.95 3.36
C ILE A 190 -1.47 -7.74 4.13
N SER A 191 -1.06 -8.89 3.62
CA SER A 191 0.04 -9.63 4.23
C SER A 191 1.04 -10.08 3.17
N ALA A 192 2.14 -9.35 3.03
CA ALA A 192 3.11 -9.59 1.96
C ALA A 192 3.69 -11.01 2.05
N LYS A 193 3.99 -11.45 3.28
CA LYS A 193 4.61 -12.75 3.47
C LYS A 193 3.72 -13.86 2.88
N SER A 194 2.41 -13.68 2.99
CA SER A 194 1.47 -14.66 2.44
C SER A 194 0.98 -14.23 1.07
N ASN A 195 1.38 -13.04 0.62
CA ASN A 195 0.85 -12.48 -0.62
C ASN A 195 -0.65 -12.26 -0.48
N TYR A 196 -1.11 -11.96 0.72
CA TYR A 196 -2.53 -11.72 0.97
C TYR A 196 -2.94 -10.33 0.52
N ASN A 197 -3.97 -10.28 -0.32
CA ASN A 197 -4.54 -9.00 -0.76
C ASN A 197 -3.52 -8.16 -1.52
N PHE A 198 -2.67 -8.82 -2.30
CA PHE A 198 -1.62 -8.11 -3.03
C PHE A 198 -2.20 -7.04 -3.94
N GLU A 199 -3.24 -7.43 -4.68
CA GLU A 199 -3.83 -6.57 -5.70
C GLU A 199 -4.67 -5.45 -5.10
N LYS A 200 -5.20 -5.66 -3.90
CA LYS A 200 -6.18 -4.74 -3.34
C LYS A 200 -5.73 -3.30 -3.31
N PRO A 201 -4.59 -2.98 -2.67
CA PRO A 201 -4.12 -1.60 -2.60
C PRO A 201 -3.92 -1.00 -3.99
N PHE A 202 -3.38 -1.79 -4.90
CA PHE A 202 -3.10 -1.31 -6.25
C PHE A 202 -4.39 -1.00 -6.98
N LEU A 203 -5.36 -1.90 -6.90
CA LEU A 203 -6.61 -1.74 -7.63
C LEU A 203 -7.35 -0.50 -7.15
N TRP A 204 -7.46 -0.35 -5.84
CA TRP A 204 -8.10 0.83 -5.27
C TRP A 204 -7.35 2.10 -5.63
N LEU A 205 -6.02 2.05 -5.57
CA LEU A 205 -5.21 3.20 -5.96
C LEU A 205 -5.51 3.59 -7.40
N ALA A 206 -5.56 2.60 -8.28
CA ALA A 206 -5.85 2.85 -9.69
C ALA A 206 -7.25 3.43 -9.84
N ARG A 207 -8.20 2.88 -9.09
CA ARG A 207 -9.57 3.37 -9.12
C ARG A 207 -9.62 4.84 -8.71
N LYS A 208 -8.84 5.19 -7.70
CA LYS A 208 -8.77 6.58 -7.25
C LYS A 208 -8.21 7.45 -8.37
N LEU A 209 -7.11 7.01 -8.96
CA LEU A 209 -6.39 7.80 -9.95
C LEU A 209 -7.28 8.05 -11.16
N ILE A 210 -7.89 7.00 -11.68
CA ILE A 210 -8.74 7.10 -12.86
C ILE A 210 -10.05 7.80 -12.48
N GLY A 211 -10.52 7.57 -11.25
CA GLY A 211 -11.84 8.04 -10.86
C GLY A 211 -12.91 7.03 -11.20
N ASP A 212 -12.49 5.81 -11.53
CA ASP A 212 -13.40 4.77 -12.00
C ASP A 212 -13.67 3.74 -10.90
N PRO A 213 -14.81 3.84 -10.21
CA PRO A 213 -15.16 2.91 -9.15
C PRO A 213 -15.33 1.48 -9.65
N ASN A 214 -15.68 1.35 -10.93
CA ASN A 214 -16.01 0.06 -11.50
C ASN A 214 -14.79 -0.60 -12.13
N LEU A 215 -13.62 -0.02 -11.92
CA LEU A 215 -12.39 -0.57 -12.51
C LEU A 215 -12.09 -1.95 -11.92
N GLU A 216 -11.70 -2.88 -12.78
CA GLU A 216 -11.33 -4.23 -12.34
C GLU A 216 -10.02 -4.68 -12.98
N PHE A 217 -9.23 -5.43 -12.24
CA PHE A 217 -8.03 -6.04 -12.80
C PHE A 217 -8.41 -7.25 -13.65
N VAL A 218 -8.44 -7.05 -14.96
CA VAL A 218 -8.87 -8.10 -15.88
C VAL A 218 -7.85 -9.24 -15.86
N ALA A 219 -6.57 -8.90 -15.83
CA ALA A 219 -5.53 -9.92 -15.85
C ALA A 219 -4.49 -9.67 -14.75
N MET A 220 -3.95 -10.74 -14.20
CA MET A 220 -3.03 -10.63 -13.08
C MET A 220 -1.59 -10.85 -13.52
N PRO A 221 -0.69 -9.91 -13.22
CA PRO A 221 0.72 -10.05 -13.58
C PRO A 221 1.38 -11.22 -12.84
N ALA A 222 2.42 -11.79 -13.41
CA ALA A 222 3.07 -12.94 -12.81
C ALA A 222 3.63 -12.59 -11.43
N LEU A 223 3.32 -13.41 -10.44
CA LEU A 223 3.73 -13.13 -9.06
C LEU A 223 4.58 -14.26 -8.51
N ALA A 224 5.65 -13.92 -7.78
CA ALA A 224 6.48 -14.91 -7.12
C ALA A 224 5.68 -15.64 -6.05
N PRO A 225 5.99 -16.92 -5.79
CA PRO A 225 5.27 -17.69 -4.80
C PRO A 225 5.35 -17.09 -3.39
N PRO A 226 4.25 -17.16 -2.64
CA PRO A 226 4.21 -16.62 -1.28
C PRO A 226 5.12 -17.39 -0.32
N GLU A 227 5.67 -16.71 0.67
CA GLU A 227 6.48 -17.38 1.68
C GLU A 227 5.62 -18.32 2.53
N VAL A 228 4.43 -17.85 2.89
CA VAL A 228 3.47 -18.69 3.60
C VAL A 228 2.10 -18.57 2.95
N VAL A 229 1.21 -19.52 3.25
CA VAL A 229 -0.16 -19.43 2.75
C VAL A 229 -1.07 -18.98 3.89
N MET A 230 -1.82 -17.91 3.65
CA MET A 230 -2.77 -17.42 4.64
C MET A 230 -3.87 -18.45 4.89
N ASP A 231 -4.18 -18.69 6.16
CA ASP A 231 -5.28 -19.57 6.51
C ASP A 231 -6.60 -18.91 6.11
N PRO A 232 -7.39 -19.56 5.24
CA PRO A 232 -8.66 -19.00 4.79
C PRO A 232 -9.57 -18.65 5.96
N ALA A 233 -9.62 -19.51 6.97
CA ALA A 233 -10.50 -19.26 8.11
C ALA A 233 -10.07 -17.99 8.83
N LEU A 234 -8.77 -17.84 9.06
CA LEU A 234 -8.27 -16.63 9.73
C LEU A 234 -8.59 -15.40 8.89
N ALA A 235 -8.34 -15.48 7.59
CA ALA A 235 -8.58 -14.36 6.71
C ALA A 235 -10.06 -13.97 6.75
N ALA A 236 -10.93 -14.98 6.70
CA ALA A 236 -12.36 -14.73 6.75
C ALA A 236 -12.74 -14.06 8.06
N GLN A 237 -12.15 -14.53 9.16
CA GLN A 237 -12.45 -13.95 10.47
C GLN A 237 -12.04 -12.49 10.48
N TYR A 238 -10.85 -12.21 9.96
CA TYR A 238 -10.32 -10.85 9.95
C TYR A 238 -11.26 -9.95 9.18
N GLU A 239 -11.66 -10.41 8.00
CA GLU A 239 -12.52 -9.62 7.12
C GLU A 239 -13.87 -9.38 7.77
N HIS A 240 -14.43 -10.42 8.39
CA HIS A 240 -15.72 -10.30 9.05
C HIS A 240 -15.64 -9.29 10.19
N ASP A 241 -14.55 -9.36 10.96
CA ASP A 241 -14.39 -8.46 12.10
C ASP A 241 -14.34 -7.02 11.61
N LEU A 242 -13.60 -6.79 10.54
CA LEU A 242 -13.50 -5.45 9.96
C LEU A 242 -14.87 -4.98 9.51
N GLU A 243 -15.63 -5.87 8.87
CA GLU A 243 -16.96 -5.52 8.38
C GLU A 243 -17.86 -5.13 9.55
N VAL A 244 -17.79 -5.90 10.63
CA VAL A 244 -18.62 -5.62 11.79
C VAL A 244 -18.24 -4.27 12.37
N ALA A 245 -16.93 -3.99 12.44
CA ALA A 245 -16.48 -2.71 12.98
C ALA A 245 -17.00 -1.57 12.13
N GLN A 246 -16.96 -1.75 10.81
CA GLN A 246 -17.46 -0.73 9.89
C GLN A 246 -18.97 -0.56 10.09
N THR A 247 -19.65 -1.67 10.35
CA THR A 247 -21.10 -1.65 10.51
C THR A 247 -21.49 -0.95 11.81
N THR A 248 -20.61 -1.00 12.81
CA THR A 248 -20.92 -0.48 14.13
C THR A 248 -21.32 0.99 14.06
N ALA A 249 -22.39 1.35 14.77
CA ALA A 249 -22.96 2.69 14.66
C ALA A 249 -22.24 3.71 15.54
N LEU A 250 -20.95 3.94 15.26
CA LEU A 250 -20.21 5.00 15.92
C LEU A 250 -19.61 5.94 14.89
N PRO A 251 -19.52 7.24 15.20
CA PRO A 251 -18.96 8.20 14.25
C PRO A 251 -17.57 7.80 13.78
N ASP A 252 -16.83 7.09 14.63
CA ASP A 252 -15.51 6.58 14.26
C ASP A 252 -15.35 5.14 14.76
N GLU A 253 -14.25 4.50 14.39
CA GLU A 253 -13.95 3.17 14.91
C GLU A 253 -13.89 3.20 16.43
N ASP A 254 -13.38 4.29 16.98
CA ASP A 254 -13.37 4.50 18.42
C ASP A 254 -13.75 5.95 18.75
N ASP A 255 -14.43 6.15 19.86
CA ASP A 255 -14.72 7.51 20.30
C ASP A 255 -13.51 8.09 21.03
N ASP A 256 -12.40 8.17 20.31
CA ASP A 256 -11.13 8.60 20.89
C ASP A 256 -11.20 10.07 21.30
N LEU A 257 -12.01 10.85 20.59
CA LEU A 257 -12.10 12.28 20.83
C LEU A 257 -13.51 12.69 21.24
N MET A 42 -3.26 2.74 -18.66
CA MET A 42 -4.64 2.67 -19.19
C MET A 42 -4.74 3.31 -20.54
N ALA A 43 -5.65 2.78 -21.40
CA ALA A 43 -5.87 3.25 -22.76
C ALA A 43 -4.57 3.35 -23.52
N ALA A 44 -3.89 2.19 -23.61
CA ALA A 44 -2.61 2.08 -24.27
C ALA A 44 -2.77 2.10 -25.76
N GLN A 45 -4.00 1.89 -26.29
CA GLN A 45 -4.31 1.92 -27.69
C GLN A 45 -4.68 3.37 -27.93
N GLY A 46 -3.66 4.21 -28.20
CA GLY A 46 -3.89 5.62 -28.43
C GLY A 46 -2.84 6.33 -27.63
N GLU A 47 -3.13 6.62 -26.34
CA GLU A 47 -2.15 7.27 -25.47
C GLU A 47 -1.07 6.27 -25.06
N PRO A 48 0.16 6.73 -24.82
CA PRO A 48 1.22 5.84 -24.38
C PRO A 48 0.87 5.21 -23.04
N GLN A 49 1.39 4.03 -22.74
CA GLN A 49 0.98 3.33 -21.53
C GLN A 49 1.10 4.26 -20.33
N VAL A 50 0.07 4.27 -19.48
CA VAL A 50 0.01 5.23 -18.38
C VAL A 50 0.87 4.74 -17.22
N GLN A 51 1.81 5.58 -16.80
CA GLN A 51 2.67 5.27 -15.67
C GLN A 51 2.36 6.20 -14.50
N PHE A 52 2.20 5.64 -13.31
CA PHE A 52 2.05 6.44 -12.10
C PHE A 52 3.24 6.22 -11.18
N LYS A 53 3.87 7.30 -10.74
CA LYS A 53 4.96 7.18 -9.78
C LYS A 53 4.40 6.86 -8.40
N LEU A 54 4.71 5.65 -7.92
CA LEU A 54 4.17 5.18 -6.65
C LEU A 54 5.23 5.27 -5.55
N VAL A 55 4.87 5.95 -4.46
CA VAL A 55 5.74 6.05 -3.31
C VAL A 55 5.22 5.15 -2.20
N LEU A 56 6.07 4.20 -1.77
CA LEU A 56 5.71 3.29 -0.69
C LEU A 56 6.44 3.70 0.59
N VAL A 57 5.69 3.91 1.66
CA VAL A 57 6.28 4.41 2.89
C VAL A 57 5.93 3.52 4.07
N GLY A 58 6.89 3.30 4.96
CA GLY A 58 6.68 2.45 6.11
C GLY A 58 7.92 2.36 6.99
N ASP A 59 7.90 1.50 7.99
CA ASP A 59 9.08 1.25 8.82
C ASP A 59 9.75 -0.06 8.42
N GLY A 60 10.98 -0.26 8.86
CA GLY A 60 11.63 -1.55 8.64
C GLY A 60 10.91 -2.65 9.39
N GLY A 61 10.75 -3.81 8.77
CA GLY A 61 9.98 -4.88 9.37
C GLY A 61 8.51 -4.86 9.02
N THR A 62 8.08 -3.91 8.17
CA THR A 62 6.72 -3.92 7.67
C THR A 62 6.54 -4.96 6.57
N GLY A 63 7.63 -5.32 5.89
CA GLY A 63 7.54 -6.22 4.75
C GLY A 63 7.23 -5.49 3.46
N LYS A 64 7.36 -4.16 3.49
CA LYS A 64 7.00 -3.33 2.33
C LYS A 64 7.80 -3.74 1.10
N THR A 65 9.10 -3.97 1.29
CA THR A 65 9.95 -4.42 0.19
C THR A 65 9.52 -5.80 -0.30
N THR A 66 9.14 -6.67 0.63
CA THR A 66 8.65 -7.99 0.26
C THR A 66 7.44 -7.86 -0.66
N PHE A 67 6.59 -6.88 -0.38
CA PHE A 67 5.40 -6.67 -1.19
C PHE A 67 5.84 -6.46 -2.64
N VAL A 68 6.85 -5.64 -2.82
CA VAL A 68 7.39 -5.36 -4.15
C VAL A 68 7.98 -6.63 -4.74
N LYS A 69 8.68 -7.40 -3.92
CA LYS A 69 9.37 -8.59 -4.38
C LYS A 69 8.38 -9.57 -5.02
N ARG A 70 7.14 -9.54 -4.56
CA ARG A 70 6.11 -10.42 -5.09
C ARG A 70 5.91 -10.22 -6.60
N HIS A 71 6.01 -8.98 -7.06
CA HIS A 71 5.71 -8.69 -8.45
C HIS A 71 6.90 -9.01 -9.35
N LEU A 72 6.78 -10.08 -10.14
CA LEU A 72 7.91 -10.58 -10.92
C LEU A 72 8.42 -9.52 -11.90
N THR A 73 7.51 -8.85 -12.59
CA THR A 73 7.91 -7.86 -13.59
C THR A 73 8.72 -6.76 -12.93
N GLY A 74 8.30 -6.33 -11.75
CA GLY A 74 9.04 -5.31 -11.02
C GLY A 74 10.46 -5.74 -10.70
N GLU A 75 10.64 -7.03 -10.40
CA GLU A 75 11.97 -7.58 -10.20
C GLU A 75 12.75 -7.58 -11.51
N PHE A 76 12.09 -8.04 -12.58
CA PHE A 76 12.75 -8.22 -13.87
C PHE A 76 13.21 -6.87 -14.42
N GLU A 77 12.37 -5.86 -14.29
CA GLU A 77 12.67 -4.54 -14.83
C GLU A 77 13.28 -3.63 -13.79
N LYS A 78 13.80 -4.20 -12.70
CA LYS A 78 14.33 -3.39 -11.61
C LYS A 78 15.35 -2.37 -12.12
N LYS A 79 15.16 -1.13 -11.70
CA LYS A 79 16.11 -0.06 -11.99
C LYS A 79 16.52 0.63 -10.68
N TYR A 80 17.65 1.32 -10.69
CA TYR A 80 18.08 2.05 -9.50
C TYR A 80 18.44 3.49 -9.83
N VAL A 81 18.05 4.41 -8.96
CA VAL A 81 18.45 5.81 -9.11
C VAL A 81 19.45 6.17 -8.02
N ALA A 82 20.70 6.44 -8.43
CA ALA A 82 21.76 6.76 -7.48
C ALA A 82 21.49 8.11 -6.81
N THR A 83 21.06 9.09 -7.59
CA THR A 83 20.89 10.45 -7.08
C THR A 83 19.95 10.44 -5.87
N LEU A 84 18.80 9.78 -6.01
CA LEU A 84 17.86 9.64 -4.91
C LEU A 84 18.30 8.56 -3.92
N GLY A 85 19.04 7.56 -4.40
CA GLY A 85 19.36 6.42 -3.56
C GLY A 85 18.17 5.47 -3.46
N VAL A 86 17.33 5.48 -4.49
CA VAL A 86 16.07 4.75 -4.45
C VAL A 86 15.97 3.74 -5.59
N GLU A 87 15.51 2.53 -5.28
CA GLU A 87 15.23 1.53 -6.29
C GLU A 87 13.94 1.86 -7.04
N VAL A 88 13.93 1.57 -8.34
CA VAL A 88 12.72 1.73 -9.15
C VAL A 88 12.22 0.36 -9.58
N HIS A 89 10.96 0.07 -9.26
CA HIS A 89 10.35 -1.19 -9.67
C HIS A 89 9.05 -0.95 -10.43
N PRO A 90 9.06 -1.06 -11.75
CA PRO A 90 7.84 -0.87 -12.53
C PRO A 90 6.87 -2.03 -12.27
N LEU A 91 5.67 -1.72 -11.75
CA LEU A 91 4.69 -2.76 -11.52
C LEU A 91 3.49 -2.57 -12.46
N VAL A 92 3.29 -3.53 -13.36
CA VAL A 92 2.24 -3.40 -14.36
C VAL A 92 1.03 -4.23 -13.93
N PHE A 93 -0.13 -3.61 -13.93
CA PHE A 93 -1.37 -4.32 -13.64
C PHE A 93 -2.37 -4.14 -14.79
N HIS A 94 -2.98 -5.25 -15.20
CA HIS A 94 -3.84 -5.23 -16.39
C HIS A 94 -5.29 -4.97 -15.97
N THR A 95 -5.80 -3.80 -16.33
CA THR A 95 -7.11 -3.37 -15.87
C THR A 95 -8.09 -3.35 -17.03
N ASN A 96 -9.37 -3.12 -16.72
CA ASN A 96 -10.38 -2.94 -17.76
C ASN A 96 -10.01 -1.81 -18.70
N ARG A 97 -9.46 -0.73 -18.16
CA ARG A 97 -8.99 0.39 -18.97
C ARG A 97 -7.79 -0.05 -19.81
N GLY A 98 -6.96 -0.93 -19.25
CA GLY A 98 -5.74 -1.36 -19.90
C GLY A 98 -4.60 -1.53 -18.91
N PRO A 99 -3.41 -1.89 -19.38
CA PRO A 99 -2.26 -2.06 -18.49
C PRO A 99 -1.87 -0.74 -17.85
N ILE A 100 -1.75 -0.72 -16.53
CA ILE A 100 -1.28 0.47 -15.83
C ILE A 100 0.04 0.15 -15.13
N LYS A 101 1.08 0.90 -15.47
CA LYS A 101 2.37 0.72 -14.84
C LYS A 101 2.51 1.61 -13.61
N PHE A 102 2.78 1.00 -12.46
CA PHE A 102 3.06 1.75 -11.24
C PHE A 102 4.56 1.75 -11.00
N ASN A 103 5.19 2.92 -11.18
CA ASN A 103 6.63 3.03 -11.00
C ASN A 103 6.94 3.13 -9.52
N VAL A 104 7.17 1.98 -8.90
CA VAL A 104 7.34 1.92 -7.44
C VAL A 104 8.73 2.40 -7.05
N TRP A 105 8.76 3.35 -6.11
CA TRP A 105 10.02 3.84 -5.55
C TRP A 105 10.27 3.19 -4.20
N ASP A 106 11.37 2.45 -4.08
CA ASP A 106 11.74 1.84 -2.81
C ASP A 106 13.07 2.39 -2.30
N THR A 107 13.03 3.10 -1.17
CA THR A 107 14.24 3.70 -0.61
C THR A 107 15.23 2.60 -0.23
N ALA A 108 16.50 2.82 -0.54
CA ALA A 108 17.52 1.81 -0.24
C ALA A 108 17.94 1.87 1.22
N GLY A 109 17.04 1.48 2.12
CA GLY A 109 17.35 1.39 3.54
C GLY A 109 17.22 2.72 4.27
N GLN A 110 16.84 3.76 3.55
CA GLN A 110 16.79 5.10 4.12
C GLN A 110 15.80 5.15 5.29
N GLU A 111 14.70 4.41 5.18
CA GLU A 111 13.71 4.37 6.24
C GLU A 111 14.33 3.87 7.53
N LYS A 112 15.18 2.85 7.43
CA LYS A 112 15.88 2.33 8.60
C LYS A 112 16.80 3.39 9.19
N PHE A 113 17.41 4.19 8.31
CA PHE A 113 18.24 5.30 8.76
C PHE A 113 17.41 6.33 9.51
N GLY A 114 16.20 6.58 9.04
CA GLY A 114 15.37 7.62 9.62
C GLY A 114 14.36 8.21 8.65
N GLY A 115 14.10 9.50 8.76
CA GLY A 115 13.19 10.16 7.85
C GLY A 115 13.70 10.16 6.42
N LEU A 116 12.79 10.38 5.46
CA LEU A 116 13.13 10.27 4.05
C LEU A 116 13.35 11.64 3.43
N ARG A 117 14.35 11.74 2.55
CA ARG A 117 14.62 12.99 1.85
C ARG A 117 13.46 13.37 0.93
N ASP A 118 13.20 14.67 0.80
CA ASP A 118 12.06 15.15 0.04
C ASP A 118 12.05 14.59 -1.37
N GLY A 119 13.24 14.40 -1.95
CA GLY A 119 13.32 13.93 -3.32
C GLY A 119 12.54 12.65 -3.55
N TYR A 120 12.60 11.73 -2.59
CA TYR A 120 11.88 10.47 -2.70
C TYR A 120 10.38 10.72 -2.80
N TYR A 121 9.87 11.65 -1.99
CA TYR A 121 8.45 11.97 -2.00
C TYR A 121 8.07 12.76 -3.24
N ILE A 122 9.02 13.53 -3.78
CA ILE A 122 8.72 14.44 -4.89
C ILE A 122 8.14 13.68 -6.07
N GLN A 123 7.10 14.24 -6.66
CA GLN A 123 6.40 13.61 -7.77
C GLN A 123 5.74 12.29 -7.36
N ALA A 124 5.25 12.22 -6.13
CA ALA A 124 4.50 11.06 -5.68
C ALA A 124 3.09 11.09 -6.28
N GLN A 125 2.95 10.67 -7.53
CA GLN A 125 1.64 10.59 -8.16
C GLN A 125 0.72 9.71 -7.34
N CYS A 126 1.30 8.68 -6.73
CA CYS A 126 0.54 7.77 -5.88
C CYS A 126 1.30 7.53 -4.57
N ALA A 127 0.57 7.25 -3.49
CA ALA A 127 1.22 6.95 -2.23
C ALA A 127 0.56 5.79 -1.50
N ILE A 128 1.37 4.88 -0.98
CA ILE A 128 0.87 3.81 -0.10
C ILE A 128 1.72 3.77 1.17
N ILE A 129 1.08 3.87 2.32
CA ILE A 129 1.79 3.80 3.59
C ILE A 129 1.36 2.54 4.34
N MET A 130 2.33 1.77 4.83
CA MET A 130 2.05 0.47 5.43
C MET A 130 2.52 0.43 6.88
N PHE A 131 1.75 -0.22 7.75
CA PHE A 131 2.17 -0.41 9.13
C PHE A 131 2.15 -1.88 9.52
N ASP A 132 3.10 -2.28 10.35
CA ASP A 132 3.11 -3.64 10.90
C ASP A 132 1.99 -3.79 11.91
N VAL A 133 1.07 -4.72 11.67
CA VAL A 133 -0.11 -4.86 12.52
C VAL A 133 0.30 -5.17 13.96
N THR A 134 1.36 -5.95 14.13
CA THR A 134 1.85 -6.27 15.46
C THR A 134 2.48 -5.05 16.11
N SER A 135 3.16 -4.22 15.33
CA SER A 135 3.92 -3.12 15.91
C SER A 135 3.08 -1.86 16.09
N ARG A 136 2.72 -1.58 17.34
CA ARG A 136 2.02 -0.35 17.67
C ARG A 136 2.88 0.86 17.36
N VAL A 137 4.18 0.72 17.59
CA VAL A 137 5.13 1.80 17.29
C VAL A 137 5.02 2.16 15.82
N THR A 138 4.94 1.16 14.96
CA THR A 138 4.86 1.42 13.52
C THR A 138 3.56 2.14 13.19
N TYR A 139 2.47 1.73 13.84
CA TYR A 139 1.19 2.41 13.66
C TYR A 139 1.32 3.88 14.07
N LYS A 140 2.02 4.13 15.16
CA LYS A 140 2.25 5.49 15.63
C LYS A 140 3.07 6.28 14.63
N ASN A 141 3.94 5.57 13.91
CA ASN A 141 4.81 6.19 12.93
C ASN A 141 4.05 6.60 11.66
N VAL A 142 2.92 5.93 11.39
CA VAL A 142 2.20 6.16 10.16
C VAL A 142 1.85 7.64 10.00
N PRO A 143 1.26 8.26 11.02
CA PRO A 143 0.92 9.68 10.95
C PRO A 143 2.13 10.53 10.58
N ASN A 144 3.29 10.15 11.10
CA ASN A 144 4.52 10.91 10.86
C ASN A 144 4.91 10.82 9.39
N TRP A 145 4.87 9.60 8.85
CA TRP A 145 5.20 9.39 7.44
C TRP A 145 4.19 10.14 6.58
N HIS A 146 2.92 10.06 6.95
CA HIS A 146 1.86 10.78 6.26
C HIS A 146 2.17 12.28 6.25
N ARG A 147 2.62 12.80 7.40
CA ARG A 147 2.89 14.23 7.51
C ARG A 147 3.98 14.64 6.53
N ASP A 148 5.05 13.87 6.47
CA ASP A 148 6.15 14.17 5.55
C ASP A 148 5.67 14.10 4.12
N LEU A 149 4.89 13.07 3.82
CA LEU A 149 4.38 12.87 2.46
C LEU A 149 3.53 14.07 2.05
N VAL A 150 2.62 14.47 2.92
CA VAL A 150 1.72 15.58 2.62
C VAL A 150 2.54 16.86 2.47
N ARG A 151 3.57 17.02 3.29
CA ARG A 151 4.38 18.23 3.24
C ARG A 151 4.98 18.39 1.85
N VAL A 152 5.48 17.29 1.29
CA VAL A 152 6.14 17.34 -0.01
C VAL A 152 5.11 17.40 -1.14
N CYS A 153 4.11 16.52 -1.10
CA CYS A 153 3.15 16.43 -2.19
C CYS A 153 1.71 16.51 -1.70
N GLU A 154 0.86 17.18 -2.45
CA GLU A 154 -0.52 17.42 -2.04
C GLU A 154 -1.50 17.06 -3.15
N ASN A 155 -2.75 16.78 -2.78
CA ASN A 155 -3.75 16.34 -3.74
C ASN A 155 -3.37 15.02 -4.39
N ILE A 156 -2.79 14.12 -3.59
CA ILE A 156 -2.33 12.83 -4.10
C ILE A 156 -3.03 11.70 -3.35
N PRO A 157 -3.56 10.70 -4.06
CA PRO A 157 -4.22 9.59 -3.37
C PRO A 157 -3.28 8.84 -2.44
N ILE A 158 -3.74 8.60 -1.22
CA ILE A 158 -2.93 7.91 -0.23
C ILE A 158 -3.64 6.62 0.20
N VAL A 159 -2.91 5.51 0.14
CA VAL A 159 -3.47 4.21 0.48
C VAL A 159 -2.82 3.72 1.76
N LEU A 160 -3.61 3.52 2.81
CA LEU A 160 -3.08 3.13 4.11
C LEU A 160 -3.35 1.66 4.37
N CYS A 161 -2.30 0.87 4.57
CA CYS A 161 -2.47 -0.58 4.70
C CYS A 161 -1.78 -1.14 5.94
N GLY A 162 -2.44 -2.11 6.57
CA GLY A 162 -1.82 -2.86 7.64
C GLY A 162 -1.21 -4.15 7.11
N ASN A 163 0.05 -4.39 7.40
CA ASN A 163 0.78 -5.51 6.80
C ASN A 163 1.14 -6.57 7.82
N LYS A 164 1.39 -7.79 7.35
CA LYS A 164 1.86 -8.87 8.20
C LYS A 164 0.76 -9.43 9.10
N VAL A 165 -0.48 -9.30 8.64
CA VAL A 165 -1.63 -9.86 9.36
C VAL A 165 -1.45 -11.37 9.51
N ASP A 166 -0.55 -11.94 8.71
CA ASP A 166 -0.22 -13.35 8.82
C ASP A 166 0.05 -13.74 10.27
N ILE A 167 0.61 -12.80 11.05
CA ILE A 167 0.86 -13.07 12.46
C ILE A 167 -0.45 -12.97 13.24
N LYS A 168 -0.80 -14.03 13.96
CA LYS A 168 -2.06 -14.10 14.69
C LYS A 168 -2.15 -12.99 15.74
N ASP A 169 -1.00 -12.65 16.34
CA ASP A 169 -0.98 -11.61 17.36
C ASP A 169 -1.04 -10.23 16.74
N ARG A 170 -2.21 -9.87 16.22
CA ARG A 170 -2.42 -8.54 15.65
C ARG A 170 -2.73 -7.54 16.74
N LYS A 171 -1.71 -6.83 17.21
CA LYS A 171 -1.87 -5.89 18.32
C LYS A 171 -2.68 -4.67 17.90
N VAL A 172 -2.48 -4.20 16.67
CA VAL A 172 -3.25 -3.08 16.16
C VAL A 172 -4.52 -3.60 15.49
N LYS A 173 -5.67 -3.25 16.04
CA LYS A 173 -6.95 -3.79 15.59
C LYS A 173 -7.86 -2.67 15.09
N ALA A 174 -8.98 -3.05 14.47
CA ALA A 174 -9.86 -2.07 13.85
C ALA A 174 -10.20 -0.94 14.82
N LYS A 175 -10.45 -1.30 16.08
CA LYS A 175 -10.81 -0.31 17.09
C LYS A 175 -9.69 0.70 17.29
N SER A 176 -8.45 0.22 17.32
CA SER A 176 -7.30 1.10 17.45
C SER A 176 -7.01 1.86 16.16
N ILE A 177 -7.52 1.34 15.05
CA ILE A 177 -7.30 1.99 13.76
C ILE A 177 -8.27 3.17 13.63
N VAL A 178 -7.76 4.37 13.89
CA VAL A 178 -8.59 5.57 13.88
C VAL A 178 -7.99 6.62 12.95
N PHE A 179 -6.66 6.63 12.83
CA PHE A 179 -5.98 7.63 12.03
C PHE A 179 -6.57 7.66 10.63
N HIS A 180 -6.86 6.48 10.11
CA HIS A 180 -7.37 6.33 8.75
C HIS A 180 -8.67 7.11 8.59
N ARG A 181 -9.59 6.93 9.54
CA ARG A 181 -10.85 7.65 9.51
C ARG A 181 -10.59 9.15 9.64
N LYS A 182 -9.67 9.51 10.52
CA LYS A 182 -9.42 10.91 10.82
C LYS A 182 -8.92 11.64 9.57
N LYS A 183 -8.13 10.95 8.76
CA LYS A 183 -7.62 11.53 7.53
C LYS A 183 -8.53 11.23 6.34
N ASN A 184 -9.59 10.47 6.58
CA ASN A 184 -10.49 10.06 5.51
C ASN A 184 -9.76 9.24 4.46
N LEU A 185 -8.79 8.45 4.91
CA LEU A 185 -8.05 7.55 4.02
C LEU A 185 -8.43 6.11 4.28
N GLN A 186 -8.67 5.36 3.21
CA GLN A 186 -9.16 3.98 3.33
C GLN A 186 -8.11 3.07 3.94
N TYR A 187 -8.56 2.14 4.78
CA TYR A 187 -7.68 1.12 5.33
C TYR A 187 -7.71 -0.14 4.48
N TYR A 188 -6.54 -0.77 4.31
CA TYR A 188 -6.46 -2.02 3.57
C TYR A 188 -5.67 -3.06 4.37
N ASP A 189 -6.15 -4.29 4.40
CA ASP A 189 -5.47 -5.36 5.13
C ASP A 189 -4.69 -6.26 4.19
N ILE A 190 -3.36 -6.21 4.28
CA ILE A 190 -2.51 -6.95 3.36
C ILE A 190 -1.47 -7.74 4.13
N SER A 191 -1.06 -8.89 3.62
CA SER A 191 0.04 -9.63 4.23
C SER A 191 1.04 -10.08 3.17
N ALA A 192 2.14 -9.35 3.03
CA ALA A 192 3.11 -9.59 1.96
C ALA A 192 3.69 -11.01 2.05
N LYS A 193 3.99 -11.45 3.28
CA LYS A 193 4.61 -12.75 3.47
C LYS A 193 3.72 -13.86 2.88
N SER A 194 2.41 -13.68 2.99
CA SER A 194 1.47 -14.66 2.44
C SER A 194 0.98 -14.23 1.07
N ASN A 195 1.38 -13.04 0.62
CA ASN A 195 0.85 -12.48 -0.62
C ASN A 195 -0.65 -12.26 -0.48
N TYR A 196 -1.11 -11.96 0.72
CA TYR A 196 -2.53 -11.72 0.97
C TYR A 196 -2.94 -10.33 0.52
N ASN A 197 -3.97 -10.28 -0.32
CA ASN A 197 -4.54 -9.00 -0.76
C ASN A 197 -3.52 -8.16 -1.52
N PHE A 198 -2.67 -8.82 -2.30
CA PHE A 198 -1.62 -8.11 -3.03
C PHE A 198 -2.20 -7.04 -3.94
N GLU A 199 -3.24 -7.43 -4.68
CA GLU A 199 -3.83 -6.57 -5.70
C GLU A 199 -4.67 -5.45 -5.10
N LYS A 200 -5.20 -5.66 -3.90
CA LYS A 200 -6.18 -4.74 -3.34
C LYS A 200 -5.73 -3.30 -3.31
N PRO A 201 -4.59 -2.98 -2.67
CA PRO A 201 -4.12 -1.60 -2.60
C PRO A 201 -3.92 -1.00 -3.99
N PHE A 202 -3.38 -1.79 -4.90
CA PHE A 202 -3.10 -1.31 -6.25
C PHE A 202 -4.39 -1.00 -6.98
N LEU A 203 -5.36 -1.90 -6.90
CA LEU A 203 -6.61 -1.74 -7.63
C LEU A 203 -7.35 -0.50 -7.15
N TRP A 204 -7.46 -0.35 -5.84
CA TRP A 204 -8.10 0.83 -5.27
C TRP A 204 -7.35 2.10 -5.63
N LEU A 205 -6.02 2.05 -5.57
CA LEU A 205 -5.21 3.20 -5.96
C LEU A 205 -5.51 3.59 -7.40
N ALA A 206 -5.56 2.60 -8.28
CA ALA A 206 -5.85 2.85 -9.69
C ALA A 206 -7.25 3.43 -9.84
N ARG A 207 -8.20 2.88 -9.09
CA ARG A 207 -9.57 3.37 -9.12
C ARG A 207 -9.62 4.84 -8.71
N LYS A 208 -8.84 5.19 -7.70
CA LYS A 208 -8.77 6.58 -7.25
C LYS A 208 -8.21 7.45 -8.37
N LEU A 209 -7.11 7.01 -8.96
CA LEU A 209 -6.39 7.80 -9.95
C LEU A 209 -7.28 8.05 -11.16
N ILE A 210 -7.89 7.00 -11.68
CA ILE A 210 -8.74 7.10 -12.86
C ILE A 210 -10.05 7.80 -12.48
N GLY A 211 -10.52 7.57 -11.25
CA GLY A 211 -11.84 8.04 -10.86
C GLY A 211 -12.91 7.03 -11.20
N ASP A 212 -12.49 5.81 -11.53
CA ASP A 212 -13.40 4.77 -12.00
C ASP A 212 -13.67 3.74 -10.90
N PRO A 213 -14.81 3.84 -10.21
CA PRO A 213 -15.16 2.91 -9.15
C PRO A 213 -15.33 1.48 -9.65
N ASN A 214 -15.68 1.35 -10.93
CA ASN A 214 -16.01 0.06 -11.50
C ASN A 214 -14.79 -0.60 -12.13
N LEU A 215 -13.62 -0.02 -11.92
CA LEU A 215 -12.39 -0.57 -12.51
C LEU A 215 -12.09 -1.95 -11.92
N GLU A 216 -11.70 -2.88 -12.78
CA GLU A 216 -11.33 -4.23 -12.34
C GLU A 216 -10.02 -4.68 -12.98
N PHE A 217 -9.23 -5.43 -12.24
CA PHE A 217 -8.03 -6.04 -12.80
C PHE A 217 -8.41 -7.25 -13.65
N VAL A 218 -8.44 -7.05 -14.96
CA VAL A 218 -8.87 -8.10 -15.88
C VAL A 218 -7.85 -9.24 -15.86
N ALA A 219 -6.57 -8.90 -15.83
CA ALA A 219 -5.53 -9.92 -15.85
C ALA A 219 -4.49 -9.67 -14.75
N MET A 220 -3.95 -10.74 -14.20
CA MET A 220 -3.03 -10.63 -13.08
C MET A 220 -1.59 -10.85 -13.52
N PRO A 221 -0.69 -9.91 -13.22
CA PRO A 221 0.72 -10.05 -13.58
C PRO A 221 1.38 -11.22 -12.84
N ALA A 222 2.42 -11.79 -13.41
CA ALA A 222 3.07 -12.94 -12.81
C ALA A 222 3.63 -12.59 -11.43
N LEU A 223 3.32 -13.41 -10.44
CA LEU A 223 3.73 -13.13 -9.06
C LEU A 223 4.58 -14.26 -8.51
N ALA A 224 5.65 -13.92 -7.78
CA ALA A 224 6.48 -14.91 -7.12
C ALA A 224 5.68 -15.64 -6.05
N PRO A 225 5.99 -16.92 -5.79
CA PRO A 225 5.27 -17.69 -4.80
C PRO A 225 5.35 -17.09 -3.39
N PRO A 226 4.25 -17.16 -2.64
CA PRO A 226 4.21 -16.62 -1.28
C PRO A 226 5.12 -17.39 -0.32
N GLU A 227 5.67 -16.71 0.67
CA GLU A 227 6.48 -17.38 1.68
C GLU A 227 5.62 -18.32 2.53
N VAL A 228 4.43 -17.85 2.89
CA VAL A 228 3.47 -18.69 3.60
C VAL A 228 2.10 -18.57 2.95
N VAL A 229 1.21 -19.52 3.25
CA VAL A 229 -0.16 -19.43 2.75
C VAL A 229 -1.07 -18.98 3.89
N MET A 230 -1.82 -17.91 3.65
CA MET A 230 -2.77 -17.42 4.64
C MET A 230 -3.87 -18.45 4.89
N ASP A 231 -4.18 -18.69 6.16
CA ASP A 231 -5.28 -19.57 6.51
C ASP A 231 -6.60 -18.91 6.11
N PRO A 232 -7.39 -19.56 5.24
CA PRO A 232 -8.66 -19.00 4.79
C PRO A 232 -9.57 -18.65 5.96
N ALA A 233 -9.62 -19.51 6.97
CA ALA A 233 -10.50 -19.26 8.11
C ALA A 233 -10.07 -17.99 8.83
N LEU A 234 -8.77 -17.84 9.06
CA LEU A 234 -8.27 -16.63 9.73
C LEU A 234 -8.59 -15.40 8.89
N ALA A 235 -8.34 -15.48 7.59
CA ALA A 235 -8.58 -14.36 6.71
C ALA A 235 -10.06 -13.97 6.75
N ALA A 236 -10.93 -14.98 6.70
CA ALA A 236 -12.36 -14.73 6.75
C ALA A 236 -12.74 -14.06 8.06
N GLN A 237 -12.15 -14.53 9.16
CA GLN A 237 -12.45 -13.95 10.47
C GLN A 237 -12.04 -12.49 10.48
N TYR A 238 -10.85 -12.21 9.96
CA TYR A 238 -10.32 -10.85 9.95
C TYR A 238 -11.26 -9.95 9.18
N GLU A 239 -11.66 -10.41 8.00
CA GLU A 239 -12.52 -9.62 7.12
C GLU A 239 -13.87 -9.38 7.77
N HIS A 240 -14.43 -10.42 8.39
CA HIS A 240 -15.72 -10.30 9.05
C HIS A 240 -15.64 -9.29 10.19
N ASP A 241 -14.55 -9.36 10.96
CA ASP A 241 -14.39 -8.46 12.10
C ASP A 241 -14.34 -7.02 11.61
N LEU A 242 -13.60 -6.79 10.54
CA LEU A 242 -13.50 -5.45 9.96
C LEU A 242 -14.87 -4.98 9.51
N GLU A 243 -15.63 -5.87 8.87
CA GLU A 243 -16.96 -5.52 8.38
C GLU A 243 -17.86 -5.13 9.55
N VAL A 244 -17.79 -5.90 10.63
CA VAL A 244 -18.62 -5.62 11.79
C VAL A 244 -18.24 -4.27 12.37
N ALA A 245 -16.93 -3.99 12.44
CA ALA A 245 -16.48 -2.71 12.98
C ALA A 245 -17.00 -1.57 12.13
N GLN A 246 -16.96 -1.75 10.81
CA GLN A 246 -17.46 -0.73 9.89
C GLN A 246 -18.97 -0.56 10.09
N THR A 247 -19.65 -1.67 10.35
CA THR A 247 -21.10 -1.65 10.51
C THR A 247 -21.49 -0.95 11.81
N THR A 248 -20.61 -1.00 12.81
CA THR A 248 -20.92 -0.48 14.13
C THR A 248 -21.32 0.99 14.06
N ALA A 249 -22.39 1.35 14.77
CA ALA A 249 -22.96 2.69 14.66
C ALA A 249 -22.24 3.71 15.54
N LEU A 250 -20.95 3.94 15.26
CA LEU A 250 -20.21 5.00 15.92
C LEU A 250 -19.61 5.94 14.89
N PRO A 251 -19.52 7.24 15.20
CA PRO A 251 -18.96 8.20 14.25
C PRO A 251 -17.57 7.80 13.78
N ASP A 252 -16.83 7.09 14.63
CA ASP A 252 -15.51 6.58 14.26
C ASP A 252 -15.35 5.14 14.76
N GLU A 253 -14.25 4.50 14.39
CA GLU A 253 -13.95 3.17 14.91
C GLU A 253 -13.89 3.20 16.43
N ASP A 254 -13.38 4.29 16.98
CA ASP A 254 -13.37 4.50 18.42
C ASP A 254 -13.75 5.95 18.75
N ASP A 255 -14.43 6.15 19.86
CA ASP A 255 -14.72 7.51 20.30
C ASP A 255 -13.51 8.09 21.03
N ASP A 256 -12.40 8.17 20.31
CA ASP A 256 -11.13 8.60 20.89
C ASP A 256 -11.20 10.07 21.30
N LEU A 257 -12.01 10.85 20.59
CA LEU A 257 -12.10 12.28 20.83
C LEU A 257 -13.51 12.69 21.24
#